data_4X83
#
_entry.id   4X83
#
_cell.length_a   61.734
_cell.length_b   88.248
_cell.length_c   94.310
_cell.angle_alpha   98.18
_cell.angle_beta   98.79
_cell.angle_gamma   90.11
#
_symmetry.space_group_name_H-M   'P 1'
#
loop_
_entity.id
_entity.type
_entity.pdbx_description
1 polymer 'Down syndrome cell adhesion molecule, isoform 7.44'
2 branched 2-acetamido-2-deoxy-beta-D-glucopyranose-(1-4)-2-acetamido-2-deoxy-beta-D-glucopyranose
3 non-polymer 2-acetamido-2-deoxy-beta-D-glucopyranose
4 non-polymer 'CHLORIDE ION'
5 water water
#
_entity_poly.entity_id   1
_entity_poly.type   'polypeptide(L)'
_entity_poly.pdbx_seq_one_letter_code
;GGADQKGPVFLKEPTNRIDFSNSTGAEIECKASGNPMPEIIWIRSDGTAVGDVPGLRQISSDGKLVFPPFRAEDYRQEVH
AQVYACLARNQFGSIISRDVHVRAVVNQFYEAEIMTEYVIRGNAAVLKCSIPSFVADFVRVESWIDDEGNVLSFSDNYDG
KYLVLPSGELHIREVGPEDGYKSYQCRTKHRLTGETRLSATKGRLVITEPVGSKAPTFATASKISSLLGSSSSDIVLLCQ
AQAFPVPYTRWYKFIEGTTRKQAVVLNDRVKQVSGTLIIKDAVVEDSGKYLCVVNNSVGGESVETVLTVTAPLSAKIDPP
TQTVDFGRPAVFTCQYTGNPIKTVSWMKDGKAIGHSEPVLRIESVKKEDKGMYQCFVRNDQESAEASAELKLGG
;
_entity_poly.pdbx_strand_id   A,B,C,D
#
loop_
_chem_comp.id
_chem_comp.type
_chem_comp.name
_chem_comp.formula
CL non-polymer 'CHLORIDE ION' 'Cl -1'
NAG D-saccharide, beta linking 2-acetamido-2-deoxy-beta-D-glucopyranose 'C8 H15 N O6'
#
# COMPACT_ATOMS: atom_id res chain seq x y z
N GLN A 5 57.02 -34.08 -51.82
CA GLN A 5 56.92 -35.13 -50.80
C GLN A 5 56.66 -34.56 -49.42
N LYS A 6 55.81 -35.25 -48.65
CA LYS A 6 55.37 -34.73 -47.35
C LYS A 6 54.67 -35.79 -46.49
N GLY A 7 54.76 -35.61 -45.18
CA GLY A 7 54.09 -36.47 -44.23
C GLY A 7 52.58 -36.32 -44.25
N PRO A 8 51.88 -37.24 -43.59
CA PRO A 8 50.41 -37.26 -43.65
C PRO A 8 49.78 -36.09 -42.92
N VAL A 9 48.62 -35.66 -43.40
CA VAL A 9 47.80 -34.66 -42.70
C VAL A 9 46.34 -35.02 -42.96
N PHE A 10 45.48 -34.88 -41.95
CA PHE A 10 44.08 -35.26 -42.11
C PHE A 10 43.28 -34.20 -42.87
N LEU A 11 42.69 -34.62 -43.98
CA LEU A 11 41.74 -33.80 -44.72
C LEU A 11 40.37 -33.90 -44.07
N LYS A 12 40.13 -35.04 -43.42
CA LYS A 12 38.82 -35.35 -42.86
C LYS A 12 38.92 -36.35 -41.71
N GLU A 13 38.53 -35.88 -40.53
CA GLU A 13 38.35 -36.71 -39.36
C GLU A 13 36.88 -36.86 -39.06
N PRO A 14 36.45 -38.01 -38.55
CA PRO A 14 35.06 -38.14 -38.11
C PRO A 14 34.80 -37.43 -36.77
N THR A 15 33.53 -37.14 -36.50
CA THR A 15 33.16 -36.34 -35.34
C THR A 15 33.40 -37.09 -34.04
N ASN A 16 33.56 -36.34 -32.95
CA ASN A 16 33.83 -36.91 -31.64
C ASN A 16 32.82 -37.97 -31.25
N ARG A 17 31.59 -37.78 -31.67
CA ARG A 17 30.53 -38.72 -31.35
C ARG A 17 29.86 -39.25 -32.61
N ILE A 18 29.68 -40.56 -32.62
CA ILE A 18 29.02 -41.29 -33.69
C ILE A 18 27.94 -42.12 -33.06
N ASP A 19 26.75 -41.55 -32.98
CA ASP A 19 25.60 -42.22 -32.40
C ASP A 19 24.75 -42.78 -33.53
N PHE A 20 24.30 -44.03 -33.43
CA PHE A 20 23.42 -44.55 -34.47
C PHE A 20 22.49 -45.66 -34.03
N SER A 21 21.38 -45.77 -34.76
CA SER A 21 20.41 -46.84 -34.56
C SER A 21 20.95 -48.17 -35.07
N ASN A 22 20.59 -49.24 -34.38
CA ASN A 22 20.90 -50.59 -34.80
C ASN A 22 20.25 -50.93 -36.14
N SER A 23 19.17 -50.21 -36.47
CA SER A 23 18.47 -50.41 -37.74
C SER A 23 19.17 -49.69 -38.87
N THR A 24 19.91 -48.64 -38.55
CA THR A 24 20.57 -47.81 -39.55
C THR A 24 22.01 -48.22 -39.79
N GLY A 25 22.67 -48.73 -38.76
CA GLY A 25 24.11 -48.92 -38.81
C GLY A 25 24.79 -47.58 -38.98
N ALA A 26 26.07 -47.60 -39.33
CA ALA A 26 26.81 -46.38 -39.59
C ALA A 26 28.13 -46.70 -40.28
N GLU A 27 28.74 -45.68 -40.87
CA GLU A 27 30.07 -45.82 -41.44
C GLU A 27 30.86 -44.52 -41.25
N ILE A 28 32.12 -44.65 -40.85
CA ILE A 28 32.99 -43.52 -40.57
C ILE A 28 34.25 -43.60 -41.41
N GLU A 29 34.71 -42.45 -41.89
CA GLU A 29 35.86 -42.38 -42.78
C GLU A 29 36.92 -41.42 -42.27
N CYS A 30 38.15 -41.72 -42.64
CA CYS A 30 39.28 -40.83 -42.45
C CYS A 30 39.93 -40.60 -43.81
N LYS A 31 40.20 -39.34 -44.14
CA LYS A 31 40.97 -39.00 -45.33
C LYS A 31 42.21 -38.21 -44.92
N ALA A 32 43.33 -38.54 -45.54
CA ALA A 32 44.56 -37.80 -45.29
C ALA A 32 45.32 -37.61 -46.58
N SER A 33 45.97 -36.45 -46.71
CA SER A 33 46.83 -36.18 -47.85
C SER A 33 48.27 -36.48 -47.47
N GLY A 34 49.10 -36.79 -48.47
CA GLY A 34 50.51 -37.10 -48.25
C GLY A 34 51.17 -37.62 -49.51
N ASN A 35 52.50 -37.70 -49.49
CA ASN A 35 53.27 -38.13 -50.66
C ASN A 35 54.59 -38.79 -50.25
N PRO A 36 54.69 -40.13 -50.35
CA PRO A 36 53.68 -41.07 -50.84
C PRO A 36 52.37 -41.05 -50.04
N MET A 37 51.28 -41.45 -50.68
CA MET A 37 49.96 -41.40 -50.05
C MET A 37 49.97 -42.20 -48.76
N PRO A 38 49.30 -41.70 -47.70
CA PRO A 38 49.34 -42.48 -46.45
C PRO A 38 48.37 -43.65 -46.49
N GLU A 39 48.73 -44.76 -45.85
CA GLU A 39 47.76 -45.83 -45.62
C GLU A 39 46.94 -45.38 -44.42
N ILE A 40 45.75 -45.94 -44.25
CA ILE A 40 44.87 -45.55 -43.15
C ILE A 40 44.36 -46.77 -42.38
N ILE A 41 44.86 -46.91 -41.15
CA ILE A 41 44.48 -47.98 -40.24
C ILE A 41 43.43 -47.49 -39.24
N TRP A 42 42.56 -48.39 -38.79
CA TRP A 42 41.67 -48.10 -37.67
C TRP A 42 42.20 -48.76 -36.41
N ILE A 43 42.29 -47.97 -35.34
CA ILE A 43 42.72 -48.46 -34.04
C ILE A 43 41.67 -48.22 -32.95
N ARG A 44 41.85 -48.93 -31.85
CA ARG A 44 40.98 -48.85 -30.70
C ARG A 44 41.55 -47.80 -29.78
N SER A 45 40.78 -47.47 -28.74
CA SER A 45 41.21 -46.48 -27.74
C SER A 45 42.64 -46.74 -27.28
N ASP A 46 42.90 -47.98 -26.88
CA ASP A 46 44.19 -48.36 -26.33
C ASP A 46 45.27 -48.54 -27.41
N GLY A 47 45.07 -47.92 -28.58
CA GLY A 47 46.07 -47.95 -29.64
C GLY A 47 46.16 -49.26 -30.37
N THR A 48 45.42 -50.26 -29.92
CA THR A 48 45.48 -51.58 -30.53
C THR A 48 44.75 -51.66 -31.87
N ALA A 49 45.15 -52.62 -32.69
CA ALA A 49 44.60 -52.78 -34.04
C ALA A 49 43.16 -53.29 -34.01
N VAL A 50 42.35 -52.76 -34.93
CA VAL A 50 40.95 -53.12 -35.06
C VAL A 50 40.75 -54.03 -36.28
N GLY A 51 40.21 -55.22 -36.05
CA GLY A 51 39.96 -56.19 -37.11
C GLY A 51 38.47 -56.46 -37.32
N ASP A 52 38.16 -57.05 -38.48
CA ASP A 52 36.78 -57.30 -38.88
C ASP A 52 36.02 -58.17 -37.89
N VAL A 53 34.73 -57.88 -37.77
CA VAL A 53 33.78 -58.72 -37.04
C VAL A 53 32.63 -59.00 -37.99
N PRO A 54 32.37 -60.28 -38.30
CA PRO A 54 31.40 -60.49 -39.38
C PRO A 54 30.00 -59.99 -39.03
N GLY A 55 29.45 -59.15 -39.91
CA GLY A 55 28.11 -58.63 -39.75
C GLY A 55 27.97 -57.48 -38.76
N LEU A 56 29.08 -57.07 -38.13
CA LEU A 56 29.08 -56.03 -37.09
C LEU A 56 30.08 -54.93 -37.29
N ARG A 57 31.26 -55.28 -37.77
CA ARG A 57 32.31 -54.31 -38.01
C ARG A 57 33.13 -54.78 -39.20
N GLN A 58 33.15 -53.96 -40.24
CA GLN A 58 33.85 -54.28 -41.48
C GLN A 58 34.59 -53.07 -42.00
N ILE A 59 35.72 -53.31 -42.64
CA ILE A 59 36.33 -52.28 -43.48
C ILE A 59 35.79 -52.49 -44.90
N SER A 60 34.92 -51.58 -45.35
CA SER A 60 34.15 -51.80 -46.57
C SER A 60 34.71 -51.11 -47.81
N SER A 61 35.38 -51.90 -48.65
CA SER A 61 35.79 -51.47 -50.00
C SER A 61 36.81 -50.31 -50.01
N ASP A 62 36.34 -49.10 -49.67
CA ASP A 62 37.20 -47.92 -49.74
C ASP A 62 37.81 -47.56 -48.37
N GLY A 63 37.80 -48.50 -47.44
CA GLY A 63 38.62 -48.39 -46.25
C GLY A 63 37.99 -47.72 -45.05
N LYS A 64 36.71 -47.38 -45.13
CA LYS A 64 36.03 -46.78 -43.99
C LYS A 64 35.55 -47.88 -43.06
N LEU A 65 35.31 -47.53 -41.80
CA LEU A 65 34.87 -48.49 -40.79
C LEU A 65 33.36 -48.58 -40.81
N VAL A 66 32.83 -49.79 -41.01
CA VAL A 66 31.41 -49.98 -41.26
C VAL A 66 30.76 -50.85 -40.21
N PHE A 67 29.70 -50.30 -39.63
CA PHE A 67 28.88 -51.00 -38.65
C PHE A 67 27.52 -51.28 -39.28
N PRO A 68 27.35 -52.46 -39.88
CA PRO A 68 26.05 -52.72 -40.53
C PRO A 68 24.90 -52.77 -39.53
N PRO A 69 23.66 -52.59 -40.02
CA PRO A 69 22.54 -52.75 -39.09
C PRO A 69 22.54 -54.14 -38.47
N PHE A 70 21.99 -54.24 -37.27
CA PHE A 70 22.03 -55.48 -36.53
C PHE A 70 20.84 -55.60 -35.60
N ARG A 71 20.56 -56.83 -35.18
CA ARG A 71 19.49 -57.08 -34.23
C ARG A 71 20.05 -57.01 -32.81
N ALA A 72 19.19 -56.73 -31.85
CA ALA A 72 19.61 -56.56 -30.47
C ALA A 72 20.40 -57.76 -29.93
N GLU A 73 20.07 -58.95 -30.42
CA GLU A 73 20.76 -60.17 -30.00
C GLU A 73 22.24 -60.14 -30.39
N ASP A 74 22.55 -59.41 -31.46
CA ASP A 74 23.90 -59.39 -32.00
C ASP A 74 24.78 -58.29 -31.39
N TYR A 75 24.21 -57.47 -30.51
CA TYR A 75 24.96 -56.36 -29.94
C TYR A 75 26.19 -56.85 -29.20
N ARG A 76 27.31 -56.14 -29.37
CA ARG A 76 28.55 -56.45 -28.65
C ARG A 76 29.29 -55.16 -28.27
N GLN A 77 29.58 -55.00 -26.98
CA GLN A 77 30.15 -53.74 -26.50
C GLN A 77 31.50 -53.45 -27.14
N GLU A 78 32.29 -54.50 -27.37
CA GLU A 78 33.62 -54.32 -27.92
C GLU A 78 33.56 -53.64 -29.29
N VAL A 79 32.42 -53.77 -29.96
CA VAL A 79 32.22 -53.16 -31.27
C VAL A 79 31.39 -51.88 -31.17
N HIS A 80 30.29 -51.97 -30.43
CA HIS A 80 29.21 -50.99 -30.50
C HIS A 80 29.29 -49.87 -29.46
N ALA A 81 30.12 -50.05 -28.45
CA ALA A 81 30.34 -49.01 -27.45
C ALA A 81 31.84 -48.88 -27.23
N GLN A 82 32.47 -48.01 -28.01
CA GLN A 82 33.90 -48.07 -28.17
C GLN A 82 34.44 -46.77 -28.69
N VAL A 83 35.60 -46.38 -28.19
CA VAL A 83 36.30 -45.25 -28.76
C VAL A 83 37.31 -45.77 -29.77
N TYR A 84 37.25 -45.23 -30.97
CA TYR A 84 38.17 -45.58 -32.02
C TYR A 84 38.99 -44.38 -32.39
N ALA A 85 39.94 -44.60 -33.28
CA ALA A 85 40.69 -43.52 -33.86
C ALA A 85 41.28 -43.99 -35.19
N CYS A 86 41.68 -42.99 -35.96
CA CYS A 86 42.25 -43.16 -37.29
C CYS A 86 43.76 -43.06 -37.18
N LEU A 87 44.51 -43.98 -37.79
CA LEU A 87 45.96 -43.84 -37.85
C LEU A 87 46.42 -43.79 -39.31
N ALA A 88 46.95 -42.64 -39.71
CA ALA A 88 47.47 -42.45 -41.05
C ALA A 88 48.99 -42.37 -41.02
N ARG A 89 49.65 -43.09 -41.93
CA ARG A 89 51.12 -43.10 -41.93
C ARG A 89 51.71 -43.32 -43.31
N ASN A 90 52.96 -42.88 -43.47
CA ASN A 90 53.77 -43.21 -44.65
C ASN A 90 55.24 -43.32 -44.22
N GLN A 91 56.16 -43.07 -45.14
CA GLN A 91 57.59 -43.21 -44.86
C GLN A 91 58.08 -42.21 -43.81
N PHE A 92 57.51 -41.01 -43.86
CA PHE A 92 57.98 -39.92 -43.02
C PHE A 92 57.46 -39.99 -41.58
N GLY A 93 56.28 -40.57 -41.39
CA GLY A 93 55.74 -40.69 -40.04
C GLY A 93 54.27 -41.04 -39.92
N SER A 94 53.75 -40.91 -38.70
CA SER A 94 52.39 -41.34 -38.35
C SER A 94 51.61 -40.27 -37.59
N ILE A 95 50.32 -40.16 -37.89
CA ILE A 95 49.43 -39.28 -37.11
C ILE A 95 48.17 -40.02 -36.67
N ILE A 96 47.67 -39.67 -35.49
CA ILE A 96 46.44 -40.26 -35.00
C ILE A 96 45.36 -39.19 -34.86
N SER A 97 44.14 -39.57 -35.21
CA SER A 97 43.02 -38.64 -35.24
C SER A 97 42.49 -38.39 -33.84
N ARG A 98 41.46 -37.56 -33.78
CA ARG A 98 40.77 -37.34 -32.53
C ARG A 98 40.02 -38.61 -32.17
N ASP A 99 39.64 -38.73 -30.91
CA ASP A 99 38.85 -39.85 -30.46
C ASP A 99 37.54 -39.86 -31.22
N VAL A 100 37.09 -41.06 -31.58
CA VAL A 100 35.79 -41.23 -32.22
C VAL A 100 34.93 -42.10 -31.31
N HIS A 101 34.00 -41.45 -30.62
CA HIS A 101 33.12 -42.16 -29.69
C HIS A 101 31.97 -42.79 -30.47
N VAL A 102 32.08 -44.09 -30.71
CA VAL A 102 31.05 -44.83 -31.41
C VAL A 102 30.08 -45.40 -30.40
N ARG A 103 28.81 -45.08 -30.57
CA ARG A 103 27.77 -45.63 -29.72
C ARG A 103 26.59 -46.09 -30.56
N ALA A 104 26.37 -47.39 -30.65
CA ALA A 104 25.16 -47.94 -31.26
C ALA A 104 24.06 -47.97 -30.24
N VAL A 105 22.90 -47.47 -30.66
CA VAL A 105 21.74 -47.39 -29.78
C VAL A 105 20.59 -48.23 -30.32
N VAL A 106 20.38 -49.38 -29.70
CA VAL A 106 19.29 -50.26 -30.08
C VAL A 106 17.95 -49.59 -29.75
N ASN A 107 17.09 -49.48 -30.76
CA ASN A 107 15.82 -48.78 -30.62
C ASN A 107 15.02 -49.21 -29.42
N GLN A 108 14.46 -48.22 -28.72
CA GLN A 108 13.53 -48.50 -27.63
C GLN A 108 12.23 -47.71 -27.80
N PHE A 109 11.17 -48.23 -27.19
CA PHE A 109 9.89 -47.55 -27.19
C PHE A 109 9.98 -46.43 -26.19
N TYR A 110 9.34 -45.30 -26.48
CA TYR A 110 9.25 -44.18 -25.55
C TYR A 110 7.96 -43.43 -25.82
N GLU A 111 7.55 -42.64 -24.83
CA GLU A 111 6.47 -41.70 -25.01
C GLU A 111 6.87 -40.43 -24.24
N ALA A 112 6.45 -39.28 -24.74
CA ALA A 112 6.54 -38.04 -23.99
C ALA A 112 5.20 -37.73 -23.32
N GLU A 113 5.21 -36.91 -22.28
CA GLU A 113 3.99 -36.54 -21.61
C GLU A 113 4.05 -35.05 -21.25
N ILE A 114 2.89 -34.44 -21.08
CA ILE A 114 2.78 -33.02 -20.74
C ILE A 114 1.97 -32.90 -19.48
N MET A 115 2.60 -32.41 -18.41
CA MET A 115 1.85 -32.08 -17.18
C MET A 115 0.87 -30.95 -17.41
N THR A 116 -0.26 -31.02 -16.73
CA THR A 116 -1.21 -29.94 -16.74
C THR A 116 -0.70 -28.83 -15.82
N GLU A 117 -0.83 -27.61 -16.29
CA GLU A 117 -0.24 -26.45 -15.65
C GLU A 117 -1.33 -25.55 -15.08
N TYR A 118 -1.13 -25.12 -13.84
CA TYR A 118 -2.02 -24.18 -13.18
C TYR A 118 -1.38 -22.79 -13.21
N VAL A 119 -2.12 -21.82 -13.75
CA VAL A 119 -1.60 -20.48 -13.98
C VAL A 119 -2.59 -19.41 -13.53
N ILE A 120 -2.10 -18.46 -12.75
CA ILE A 120 -2.90 -17.30 -12.34
C ILE A 120 -3.18 -16.42 -13.57
N ARG A 121 -4.45 -16.04 -13.71
CA ARG A 121 -4.87 -15.19 -14.82
C ARG A 121 -3.93 -14.00 -15.00
N GLY A 122 -3.56 -13.74 -16.25
CA GLY A 122 -2.65 -12.67 -16.59
C GLY A 122 -1.18 -13.01 -16.59
N ASN A 123 -0.80 -14.12 -15.95
CA ASN A 123 0.59 -14.55 -15.95
C ASN A 123 0.96 -15.34 -17.19
N ALA A 124 2.26 -15.51 -17.38
CA ALA A 124 2.79 -16.35 -18.46
C ALA A 124 2.68 -17.81 -18.07
N ALA A 125 2.44 -18.67 -19.05
CA ALA A 125 2.40 -20.11 -18.85
C ALA A 125 3.50 -20.77 -19.67
N VAL A 126 4.05 -21.84 -19.13
CA VAL A 126 5.06 -22.63 -19.81
C VAL A 126 4.66 -24.09 -19.74
N LEU A 127 4.36 -24.66 -20.91
CA LEU A 127 4.05 -26.08 -21.05
C LEU A 127 5.30 -26.86 -21.42
N LYS A 128 5.54 -27.97 -20.73
CA LYS A 128 6.73 -28.79 -20.95
C LYS A 128 6.40 -30.15 -21.57
N CYS A 129 7.09 -30.44 -22.66
CA CYS A 129 7.12 -31.78 -23.26
C CYS A 129 8.15 -32.62 -22.54
N SER A 130 7.68 -33.48 -21.63
CA SER A 130 8.56 -34.26 -20.80
C SER A 130 8.96 -35.54 -21.51
N ILE A 131 10.24 -35.61 -21.80
CA ILE A 131 10.83 -36.70 -22.55
C ILE A 131 11.61 -37.58 -21.58
N PRO A 132 11.42 -38.90 -21.63
CA PRO A 132 12.12 -39.71 -20.63
C PRO A 132 13.64 -39.58 -20.75
N SER A 133 14.29 -39.56 -19.61
CA SER A 133 15.73 -39.32 -19.57
C SER A 133 16.53 -40.34 -20.37
N PHE A 134 16.03 -41.59 -20.46
CA PHE A 134 16.78 -42.62 -21.16
C PHE A 134 16.84 -42.41 -22.68
N VAL A 135 16.00 -41.52 -23.21
CA VAL A 135 16.09 -41.15 -24.64
C VAL A 135 16.34 -39.67 -24.91
N ALA A 136 16.54 -38.91 -23.84
CA ALA A 136 16.66 -37.46 -23.92
C ALA A 136 17.76 -36.99 -24.84
N ASP A 137 18.86 -37.75 -24.93
CA ASP A 137 19.95 -37.38 -25.84
C ASP A 137 19.55 -37.41 -27.32
N PHE A 138 18.51 -38.18 -27.66
CA PHE A 138 18.17 -38.43 -29.06
C PHE A 138 16.77 -37.95 -29.46
N VAL A 139 15.99 -37.52 -28.47
CA VAL A 139 14.59 -37.18 -28.71
C VAL A 139 14.36 -35.77 -28.22
N ARG A 140 13.93 -34.90 -29.13
CA ARG A 140 13.61 -33.52 -28.77
C ARG A 140 12.35 -33.01 -29.46
N VAL A 141 11.89 -31.85 -29.03
CA VAL A 141 10.66 -31.27 -29.54
C VAL A 141 10.83 -30.82 -30.99
N GLU A 142 9.85 -31.18 -31.83
CA GLU A 142 9.84 -30.70 -33.20
C GLU A 142 8.83 -29.57 -33.35
N SER A 143 7.67 -29.74 -32.74
CA SER A 143 6.62 -28.74 -32.78
C SER A 143 5.53 -29.07 -31.77
N TRP A 144 4.61 -28.13 -31.61
CA TRP A 144 3.44 -28.28 -30.78
C TRP A 144 2.21 -28.15 -31.66
N ILE A 145 1.11 -28.73 -31.21
CA ILE A 145 -0.14 -28.68 -31.96
C ILE A 145 -1.31 -28.66 -30.99
N ASP A 146 -2.30 -27.79 -31.23
CA ASP A 146 -3.43 -27.71 -30.31
C ASP A 146 -4.60 -28.57 -30.80
N ASP A 147 -5.70 -28.53 -30.04
CA ASP A 147 -6.86 -29.41 -30.28
C ASP A 147 -7.57 -29.11 -31.60
N GLU A 148 -7.28 -27.96 -32.19
CA GLU A 148 -7.90 -27.54 -33.44
C GLU A 148 -7.01 -27.75 -34.64
N GLY A 149 -5.79 -28.24 -34.41
CA GLY A 149 -4.86 -28.51 -35.48
C GLY A 149 -3.92 -27.37 -35.80
N ASN A 150 -4.03 -26.27 -35.05
CA ASN A 150 -3.06 -25.21 -35.19
C ASN A 150 -1.69 -25.70 -34.74
N VAL A 151 -0.68 -25.44 -35.55
CA VAL A 151 0.67 -25.91 -35.29
C VAL A 151 1.56 -24.75 -34.89
N LEU A 152 2.39 -24.97 -33.87
CA LEU A 152 3.31 -23.96 -33.39
C LEU A 152 4.73 -24.49 -33.50
N SER A 153 5.55 -23.70 -34.19
CA SER A 153 6.90 -24.08 -34.56
C SER A 153 7.90 -23.11 -33.98
N PHE A 154 9.16 -23.52 -33.91
CA PHE A 154 10.25 -22.62 -33.56
C PHE A 154 10.23 -21.41 -34.48
N SER A 155 10.51 -20.25 -33.91
CA SER A 155 10.46 -19.00 -34.64
C SER A 155 11.38 -17.98 -34.01
N ASP A 156 11.97 -17.13 -34.85
CA ASP A 156 12.81 -16.07 -34.37
C ASP A 156 11.98 -14.85 -33.97
N ASN A 157 10.67 -14.92 -34.20
CA ASN A 157 9.76 -13.87 -33.76
C ASN A 157 9.26 -14.17 -32.35
N TYR A 158 9.80 -13.45 -31.37
CA TYR A 158 9.54 -13.72 -29.97
C TYR A 158 8.34 -12.90 -29.43
N ASP A 159 7.59 -12.27 -30.32
CA ASP A 159 6.65 -11.21 -29.89
C ASP A 159 5.17 -11.57 -29.86
N GLY A 160 4.82 -12.77 -30.30
CA GLY A 160 3.42 -13.18 -30.30
C GLY A 160 2.94 -13.76 -28.98
N LYS A 161 1.64 -14.06 -28.93
CA LYS A 161 1.02 -14.75 -27.81
C LYS A 161 1.75 -16.04 -27.47
N TYR A 162 2.08 -16.81 -28.50
CA TYR A 162 2.75 -18.08 -28.37
C TYR A 162 4.18 -17.98 -28.80
N LEU A 163 5.04 -18.73 -28.10
CA LEU A 163 6.40 -18.91 -28.55
C LEU A 163 6.87 -20.28 -28.14
N VAL A 164 7.37 -21.05 -29.10
CA VAL A 164 8.08 -22.26 -28.76
C VAL A 164 9.48 -21.83 -28.43
N LEU A 165 9.85 -21.99 -27.17
CA LEU A 165 11.17 -21.60 -26.74
C LEU A 165 12.21 -22.51 -27.39
N PRO A 166 13.43 -21.98 -27.63
CA PRO A 166 14.46 -22.81 -28.29
C PRO A 166 14.74 -24.14 -27.58
N SER A 167 14.47 -24.20 -26.29
CA SER A 167 14.66 -25.41 -25.50
C SER A 167 13.42 -26.33 -25.52
N GLY A 168 12.42 -25.95 -26.30
CA GLY A 168 11.32 -26.84 -26.62
C GLY A 168 10.00 -26.62 -25.90
N GLU A 169 10.00 -25.83 -24.84
CA GLU A 169 8.76 -25.54 -24.10
C GLU A 169 7.83 -24.64 -24.88
N LEU A 170 6.53 -24.79 -24.69
CA LEU A 170 5.57 -23.86 -25.26
C LEU A 170 5.28 -22.74 -24.28
N HIS A 171 5.68 -21.53 -24.64
CA HIS A 171 5.42 -20.33 -23.84
C HIS A 171 4.14 -19.64 -24.28
N ILE A 172 3.28 -19.28 -23.34
CA ILE A 172 2.04 -18.58 -23.63
C ILE A 172 1.96 -17.32 -22.77
N ARG A 173 1.93 -16.15 -23.41
CA ARG A 173 1.83 -14.87 -22.71
C ARG A 173 0.44 -14.62 -22.15
N GLU A 174 0.39 -13.96 -21.01
CA GLU A 174 -0.82 -13.29 -20.53
C GLU A 174 -2.07 -14.14 -20.64
N VAL A 175 -2.08 -15.27 -19.93
CA VAL A 175 -3.16 -16.22 -20.10
C VAL A 175 -4.46 -15.64 -19.54
N GLY A 176 -5.56 -15.93 -20.23
CA GLY A 176 -6.90 -15.64 -19.76
C GLY A 176 -7.74 -16.90 -19.82
N PRO A 177 -8.99 -16.86 -19.31
CA PRO A 177 -9.89 -18.02 -19.26
C PRO A 177 -10.02 -18.78 -20.57
N GLU A 178 -9.94 -18.06 -21.68
N GLU A 178 -9.97 -18.07 -21.69
CA GLU A 178 -10.02 -18.64 -23.02
CA GLU A 178 -10.05 -18.71 -23.02
C GLU A 178 -8.92 -19.67 -23.25
C GLU A 178 -8.91 -19.69 -23.27
N ASP A 179 -7.73 -19.39 -22.73
CA ASP A 179 -6.58 -20.26 -22.94
C ASP A 179 -6.76 -21.61 -22.25
N GLY A 180 -7.71 -21.67 -21.34
CA GLY A 180 -7.99 -22.91 -20.62
C GLY A 180 -8.89 -23.87 -21.38
N TYR A 181 -9.41 -23.44 -22.54
CA TYR A 181 -10.30 -24.30 -23.31
C TYR A 181 -9.50 -25.15 -24.31
N LYS A 182 -8.28 -24.72 -24.60
CA LYS A 182 -7.41 -25.42 -25.54
C LYS A 182 -6.65 -26.54 -24.87
N SER A 183 -6.21 -27.52 -25.64
CA SER A 183 -5.32 -28.53 -25.14
C SER A 183 -4.19 -28.70 -26.16
N TYR A 184 -3.06 -29.23 -25.72
CA TYR A 184 -1.85 -29.26 -26.52
C TYR A 184 -1.18 -30.61 -26.50
N GLN A 185 -0.51 -30.90 -27.60
CA GLN A 185 0.36 -32.05 -27.70
C GLN A 185 1.69 -31.60 -28.29
N CYS A 186 2.77 -32.26 -27.90
CA CYS A 186 4.05 -32.02 -28.53
C CYS A 186 4.40 -33.15 -29.48
N ARG A 187 5.00 -32.78 -30.59
CA ARG A 187 5.53 -33.73 -31.55
C ARG A 187 7.03 -33.74 -31.40
N THR A 188 7.58 -34.92 -31.14
CA THR A 188 9.03 -35.06 -30.93
C THR A 188 9.67 -35.79 -32.09
N LYS A 189 10.98 -35.58 -32.24
CA LYS A 189 11.77 -36.27 -33.27
C LYS A 189 12.94 -37.04 -32.67
N HIS A 190 13.08 -38.29 -33.09
CA HIS A 190 14.20 -39.13 -32.72
C HIS A 190 15.27 -38.97 -33.78
N ARG A 191 16.42 -38.42 -33.43
CA ARG A 191 17.40 -38.07 -34.46
C ARG A 191 18.17 -39.28 -35.00
N LEU A 192 18.04 -40.44 -34.36
CA LEU A 192 18.73 -41.64 -34.83
C LEU A 192 17.85 -42.47 -35.75
N THR A 193 16.55 -42.48 -35.49
CA THR A 193 15.63 -43.27 -36.30
C THR A 193 14.90 -42.37 -37.29
N GLY A 194 14.84 -41.08 -36.94
CA GLY A 194 14.12 -40.10 -37.73
C GLY A 194 12.63 -40.08 -37.42
N GLU A 195 12.19 -40.97 -36.53
CA GLU A 195 10.78 -41.08 -36.19
C GLU A 195 10.23 -39.82 -35.51
N THR A 196 8.98 -39.45 -35.82
CA THR A 196 8.29 -38.46 -34.99
C THR A 196 7.01 -39.05 -34.40
N ARG A 197 6.72 -38.69 -33.15
CA ARG A 197 5.54 -39.20 -32.43
C ARG A 197 4.85 -38.07 -31.71
N LEU A 198 3.55 -38.20 -31.48
CA LEU A 198 2.81 -37.24 -30.67
C LEU A 198 2.86 -37.68 -29.22
N SER A 199 2.79 -36.72 -28.32
CA SER A 199 2.83 -37.03 -26.89
C SER A 199 1.67 -37.93 -26.50
N ALA A 200 1.91 -38.75 -25.47
CA ALA A 200 0.95 -39.72 -24.99
C ALA A 200 -0.15 -39.08 -24.12
N THR A 201 0.11 -37.88 -23.61
CA THR A 201 -0.92 -37.13 -22.90
C THR A 201 -1.03 -35.76 -23.55
N LYS A 202 -2.20 -35.14 -23.37
CA LYS A 202 -2.41 -33.78 -23.81
C LYS A 202 -2.15 -32.83 -22.64
N GLY A 203 -1.61 -31.66 -22.93
CA GLY A 203 -1.36 -30.67 -21.91
C GLY A 203 -2.50 -29.68 -21.90
N ARG A 204 -2.90 -29.21 -20.73
CA ARG A 204 -3.82 -28.09 -20.71
C ARG A 204 -3.42 -27.14 -19.60
N LEU A 205 -3.99 -25.96 -19.64
CA LEU A 205 -3.81 -24.97 -18.61
C LEU A 205 -5.08 -24.84 -17.83
N VAL A 206 -4.96 -24.82 -16.50
CA VAL A 206 -6.05 -24.41 -15.63
C VAL A 206 -5.74 -22.98 -15.17
N ILE A 207 -6.65 -22.07 -15.52
CA ILE A 207 -6.49 -20.65 -15.26
C ILE A 207 -7.15 -20.33 -13.94
N THR A 208 -6.38 -19.87 -12.97
CA THR A 208 -6.89 -19.66 -11.65
C THR A 208 -7.16 -18.17 -11.43
N GLU A 209 -8.15 -17.85 -10.61
CA GLU A 209 -8.48 -16.47 -10.30
C GLU A 209 -8.44 -16.30 -8.79
N PRO A 210 -7.30 -15.82 -8.27
CA PRO A 210 -7.13 -15.79 -6.81
C PRO A 210 -8.10 -14.84 -6.14
N VAL A 211 -8.49 -15.20 -4.93
CA VAL A 211 -9.49 -14.48 -4.17
C VAL A 211 -8.90 -13.22 -3.55
N GLY A 212 -7.61 -13.27 -3.27
CA GLY A 212 -6.90 -12.10 -2.77
C GLY A 212 -5.55 -11.97 -3.47
N SER A 213 -4.73 -11.03 -3.01
CA SER A 213 -3.41 -10.81 -3.62
C SER A 213 -2.43 -11.89 -3.22
N LYS A 214 -1.47 -12.19 -4.10
CA LYS A 214 -0.54 -13.29 -3.90
C LYS A 214 0.87 -12.84 -4.27
N ALA A 215 1.81 -12.94 -3.33
CA ALA A 215 3.20 -12.62 -3.60
C ALA A 215 3.75 -13.62 -4.60
N PRO A 216 4.86 -13.28 -5.25
CA PRO A 216 5.42 -14.18 -6.26
C PRO A 216 5.82 -15.53 -5.71
N THR A 217 5.43 -16.59 -6.42
CA THR A 217 5.84 -17.94 -6.06
C THR A 217 6.37 -18.65 -7.30
N PHE A 218 7.39 -19.48 -7.10
CA PHE A 218 8.00 -20.23 -8.19
C PHE A 218 7.40 -21.64 -8.33
N ALA A 219 7.64 -22.28 -9.47
CA ALA A 219 7.05 -23.59 -9.75
C ALA A 219 7.48 -24.64 -8.73
N THR A 220 8.73 -24.55 -8.29
CA THR A 220 9.27 -25.41 -7.23
C THR A 220 9.95 -24.52 -6.19
N ALA A 221 10.22 -25.06 -5.01
CA ALA A 221 10.86 -24.30 -3.93
C ALA A 221 12.39 -24.22 -4.04
N SER A 222 12.98 -24.91 -5.01
CA SER A 222 14.45 -24.85 -5.11
C SER A 222 14.95 -23.46 -5.52
N LYS A 223 16.03 -23.01 -4.88
CA LYS A 223 16.51 -21.62 -5.03
C LYS A 223 17.67 -21.50 -6.00
N ILE A 224 18.11 -22.62 -6.52
CA ILE A 224 19.29 -22.65 -7.39
C ILE A 224 19.19 -23.85 -8.32
N SER A 225 19.78 -23.71 -9.50
CA SER A 225 19.89 -24.78 -10.47
C SER A 225 21.08 -24.53 -11.37
N SER A 226 21.46 -25.52 -12.17
CA SER A 226 22.54 -25.35 -13.13
C SER A 226 22.03 -25.59 -14.54
N LEU A 227 22.71 -25.03 -15.51
CA LEU A 227 22.30 -25.15 -16.89
C LEU A 227 23.54 -25.20 -17.74
N LEU A 228 23.53 -26.13 -18.68
CA LEU A 228 24.60 -26.33 -19.65
C LEU A 228 24.14 -25.94 -21.04
N GLY A 229 24.96 -25.21 -21.78
CA GLY A 229 24.61 -24.78 -23.12
C GLY A 229 25.84 -24.75 -24.00
N SER A 230 25.64 -24.69 -25.31
CA SER A 230 26.76 -24.70 -26.24
C SER A 230 26.86 -23.36 -26.95
N SER A 231 28.08 -22.92 -27.22
CA SER A 231 28.28 -21.67 -27.94
C SER A 231 27.55 -21.75 -29.26
N SER A 232 27.01 -20.60 -29.67
CA SER A 232 26.25 -20.42 -30.91
C SER A 232 24.79 -20.91 -30.86
N SER A 233 24.39 -21.57 -29.76
CA SER A 233 22.98 -21.93 -29.60
C SER A 233 22.25 -20.81 -28.89
N ASP A 234 20.92 -20.84 -28.96
CA ASP A 234 20.08 -19.92 -28.24
C ASP A 234 19.72 -20.52 -26.87
N ILE A 235 20.28 -19.96 -25.81
CA ILE A 235 20.16 -20.54 -24.48
C ILE A 235 18.98 -19.91 -23.71
N VAL A 236 18.16 -20.77 -23.12
CA VAL A 236 16.94 -20.36 -22.45
C VAL A 236 17.09 -20.52 -20.94
N LEU A 237 16.93 -19.38 -20.25
CA LEU A 237 16.88 -19.35 -18.80
C LEU A 237 15.45 -19.09 -18.34
N LEU A 238 14.81 -20.12 -17.81
CA LEU A 238 13.44 -19.99 -17.34
C LEU A 238 13.38 -19.29 -15.99
N CYS A 239 12.23 -18.71 -15.69
CA CYS A 239 12.00 -18.09 -14.40
C CYS A 239 10.52 -18.20 -14.14
N GLN A 240 10.08 -19.42 -13.82
CA GLN A 240 8.68 -19.76 -13.79
C GLN A 240 8.00 -19.35 -12.50
N ALA A 241 7.73 -18.06 -12.43
CA ALA A 241 7.05 -17.47 -11.29
C ALA A 241 5.66 -16.98 -11.69
N GLN A 242 4.76 -16.96 -10.71
CA GLN A 242 3.44 -16.36 -10.87
C GLN A 242 3.17 -15.46 -9.69
N ALA A 243 2.26 -14.52 -9.90
CA ALA A 243 1.78 -13.67 -8.83
C ALA A 243 0.49 -12.98 -9.19
N PHE A 244 -0.15 -12.41 -8.16
CA PHE A 244 -1.36 -11.65 -8.35
C PHE A 244 -1.32 -10.42 -7.41
N PRO A 245 -1.25 -9.23 -8.00
CA PRO A 245 -1.25 -8.96 -9.44
C PRO A 245 0.00 -9.49 -10.16
N VAL A 246 -0.10 -9.52 -11.50
CA VAL A 246 0.94 -10.05 -12.36
C VAL A 246 2.26 -9.37 -12.03
N PRO A 247 3.33 -10.14 -11.82
CA PRO A 247 4.56 -9.54 -11.34
C PRO A 247 5.41 -8.99 -12.47
N TYR A 248 6.46 -8.26 -12.15
CA TYR A 248 7.49 -7.94 -13.12
C TYR A 248 8.77 -8.68 -12.75
N THR A 249 9.57 -8.96 -13.77
CA THR A 249 10.75 -9.79 -13.66
C THR A 249 11.98 -9.05 -14.13
N ARG A 250 13.05 -9.12 -13.34
CA ARG A 250 14.34 -8.53 -13.70
C ARG A 250 15.46 -9.55 -13.56
N TRP A 251 16.35 -9.55 -14.54
CA TRP A 251 17.46 -10.46 -14.58
C TRP A 251 18.78 -9.75 -14.30
N TYR A 252 19.61 -10.39 -13.48
CA TYR A 252 20.96 -9.94 -13.18
C TYR A 252 21.98 -11.06 -13.40
N LYS A 253 23.23 -10.65 -13.59
CA LYS A 253 24.39 -11.57 -13.59
C LYS A 253 25.40 -11.15 -12.52
N PHE A 254 25.72 -12.09 -11.64
CA PHE A 254 26.71 -11.87 -10.60
C PHE A 254 28.10 -11.68 -11.19
N ILE A 255 28.83 -10.75 -10.60
CA ILE A 255 30.23 -10.55 -10.96
C ILE A 255 31.02 -11.70 -10.36
N GLU A 256 31.78 -12.40 -11.20
CA GLU A 256 32.42 -13.65 -10.80
C GLU A 256 33.22 -13.50 -9.51
N GLY A 257 32.86 -14.30 -8.51
CA GLY A 257 33.62 -14.35 -7.28
C GLY A 257 33.30 -13.20 -6.38
N THR A 258 32.05 -12.76 -6.42
CA THR A 258 31.60 -11.65 -5.59
C THR A 258 30.14 -11.82 -5.22
N THR A 259 29.68 -11.01 -4.29
CA THR A 259 28.28 -10.97 -3.87
C THR A 259 27.52 -9.97 -4.74
N ARG A 260 28.25 -9.28 -5.61
CA ARG A 260 27.71 -8.14 -6.35
C ARG A 260 27.24 -8.53 -7.75
N LYS A 261 26.30 -7.75 -8.28
CA LYS A 261 25.63 -8.11 -9.52
C LYS A 261 25.40 -6.91 -10.41
N GLN A 262 25.11 -7.20 -11.68
CA GLN A 262 24.80 -6.18 -12.67
C GLN A 262 23.58 -6.61 -13.46
N ALA A 263 22.70 -5.67 -13.77
CA ALA A 263 21.49 -5.96 -14.54
C ALA A 263 21.88 -6.49 -15.90
N VAL A 264 21.14 -7.46 -16.41
CA VAL A 264 21.38 -7.98 -17.73
C VAL A 264 21.00 -6.91 -18.74
N VAL A 265 21.84 -6.70 -19.74
CA VAL A 265 21.52 -5.71 -20.76
C VAL A 265 20.80 -6.38 -21.91
N LEU A 266 19.56 -5.99 -22.12
CA LEU A 266 18.74 -6.57 -23.19
C LEU A 266 19.02 -5.85 -24.49
N ASN A 267 19.23 -6.62 -25.55
CA ASN A 267 19.48 -6.02 -26.86
C ASN A 267 18.99 -6.94 -27.97
N ASP A 268 19.61 -6.87 -29.15
CA ASP A 268 19.17 -7.69 -30.29
C ASP A 268 19.52 -9.15 -30.09
N ARG A 269 20.48 -9.42 -29.22
CA ARG A 269 20.97 -10.78 -28.97
C ARG A 269 20.39 -11.38 -27.69
N VAL A 270 20.38 -10.60 -26.61
CA VAL A 270 19.84 -11.05 -25.33
C VAL A 270 18.43 -10.51 -25.16
N LYS A 271 17.44 -11.40 -25.11
CA LYS A 271 16.04 -11.01 -25.09
C LYS A 271 15.32 -11.49 -23.83
N GLN A 272 14.26 -10.79 -23.46
CA GLN A 272 13.40 -11.23 -22.37
C GLN A 272 11.97 -11.37 -22.84
N VAL A 273 11.42 -12.56 -22.66
CA VAL A 273 10.05 -12.87 -23.03
C VAL A 273 9.26 -13.15 -21.76
N SER A 274 8.46 -12.15 -21.34
CA SER A 274 7.82 -12.14 -20.04
C SER A 274 8.87 -12.29 -18.95
N GLY A 275 8.92 -13.45 -18.28
CA GLY A 275 9.95 -13.69 -17.28
C GLY A 275 11.19 -14.41 -17.78
N THR A 276 11.17 -14.84 -19.05
CA THR A 276 12.16 -15.78 -19.58
C THR A 276 13.28 -15.06 -20.30
N LEU A 277 14.51 -15.42 -19.98
CA LEU A 277 15.68 -14.79 -20.59
C LEU A 277 16.20 -15.71 -21.69
N ILE A 278 16.45 -15.16 -22.87
CA ILE A 278 17.01 -15.94 -23.96
C ILE A 278 18.28 -15.26 -24.45
N ILE A 279 19.40 -15.97 -24.29
CA ILE A 279 20.73 -15.52 -24.74
C ILE A 279 21.02 -16.17 -26.07
N LYS A 280 20.78 -15.44 -27.15
CA LYS A 280 20.95 -15.98 -28.48
C LYS A 280 22.42 -16.01 -28.85
N ASP A 281 22.76 -16.94 -29.74
CA ASP A 281 24.09 -17.06 -30.31
C ASP A 281 25.10 -16.99 -29.18
N ALA A 282 24.96 -17.91 -28.24
CA ALA A 282 25.69 -17.86 -26.98
C ALA A 282 27.20 -17.93 -27.19
N VAL A 283 27.95 -17.29 -26.28
CA VAL A 283 29.41 -17.38 -26.25
C VAL A 283 29.87 -17.78 -24.86
N VAL A 284 31.10 -18.27 -24.75
CA VAL A 284 31.61 -18.74 -23.47
C VAL A 284 31.48 -17.68 -22.37
N GLU A 285 31.62 -16.42 -22.76
CA GLU A 285 31.60 -15.32 -21.77
C GLU A 285 30.23 -15.18 -21.10
N ASP A 286 29.20 -15.73 -21.73
CA ASP A 286 27.86 -15.69 -21.15
C ASP A 286 27.75 -16.55 -19.90
N SER A 287 28.73 -17.44 -19.71
CA SER A 287 28.81 -18.25 -18.50
C SER A 287 28.82 -17.38 -17.25
N GLY A 288 28.29 -17.91 -16.16
CA GLY A 288 28.20 -17.18 -14.91
C GLY A 288 26.93 -17.52 -14.14
N LYS A 289 26.75 -16.83 -13.02
CA LYS A 289 25.63 -17.06 -12.13
C LYS A 289 24.62 -15.95 -12.33
N TYR A 290 23.40 -16.34 -12.72
CA TYR A 290 22.35 -15.40 -13.03
C TYR A 290 21.32 -15.37 -11.90
N LEU A 291 20.66 -14.23 -11.76
CA LEU A 291 19.67 -14.05 -10.70
C LEU A 291 18.40 -13.54 -11.33
N CYS A 292 17.30 -14.23 -11.05
CA CYS A 292 16.01 -13.82 -11.52
C CYS A 292 15.25 -13.26 -10.34
N VAL A 293 14.85 -11.99 -10.45
CA VAL A 293 14.12 -11.31 -9.37
C VAL A 293 12.72 -10.99 -9.83
N VAL A 294 11.75 -11.45 -9.06
CA VAL A 294 10.35 -11.33 -9.41
C VAL A 294 9.61 -10.55 -8.30
N ASN A 295 8.92 -9.48 -8.66
CA ASN A 295 8.21 -8.63 -7.68
C ASN A 295 6.77 -8.32 -8.10
N ASN A 296 5.92 -8.13 -7.11
CA ASN A 296 4.70 -7.38 -7.31
C ASN A 296 4.44 -6.56 -6.06
N SER A 297 3.26 -5.98 -5.99
CA SER A 297 2.97 -5.04 -4.92
C SER A 297 3.00 -5.69 -3.54
N VAL A 298 2.88 -7.00 -3.49
CA VAL A 298 2.77 -7.69 -2.21
C VAL A 298 4.07 -8.34 -1.77
N GLY A 299 5.02 -8.52 -2.69
CA GLY A 299 6.27 -9.13 -2.30
C GLY A 299 7.22 -9.42 -3.45
N GLY A 300 8.32 -10.08 -3.12
CA GLY A 300 9.39 -10.35 -4.07
C GLY A 300 10.04 -11.69 -3.81
N GLU A 301 10.59 -12.29 -4.85
CA GLU A 301 11.21 -13.60 -4.72
C GLU A 301 12.31 -13.69 -5.76
N SER A 302 13.33 -14.48 -5.49
CA SER A 302 14.44 -14.60 -6.43
C SER A 302 15.05 -15.99 -6.44
N VAL A 303 15.62 -16.34 -7.58
CA VAL A 303 16.17 -17.67 -7.83
C VAL A 303 17.42 -17.51 -8.66
N GLU A 304 18.38 -18.41 -8.46
CA GLU A 304 19.67 -18.35 -9.12
C GLU A 304 19.82 -19.50 -10.11
N THR A 305 20.55 -19.25 -11.19
CA THR A 305 20.84 -20.26 -12.20
C THR A 305 22.32 -20.15 -12.59
N VAL A 306 23.06 -21.24 -12.41
CA VAL A 306 24.47 -21.26 -12.81
C VAL A 306 24.59 -21.78 -14.21
N LEU A 307 24.98 -20.91 -15.14
CA LEU A 307 25.14 -21.26 -16.53
C LEU A 307 26.60 -21.56 -16.91
N THR A 308 26.81 -22.66 -17.61
CA THR A 308 28.11 -22.96 -18.24
C THR A 308 27.88 -23.04 -19.73
N VAL A 309 28.62 -22.24 -20.49
CA VAL A 309 28.58 -22.32 -21.94
C VAL A 309 29.87 -22.94 -22.46
N THR A 310 29.74 -24.09 -23.11
CA THR A 310 30.87 -24.79 -23.70
C THR A 310 31.23 -24.23 -25.06
N ALA A 311 32.45 -24.51 -25.51
CA ALA A 311 32.87 -24.18 -26.87
C ALA A 311 33.62 -25.38 -27.47
N PRO A 312 33.44 -25.64 -28.77
CA PRO A 312 34.05 -26.83 -29.37
C PRO A 312 35.57 -26.75 -29.38
N LEU A 313 36.22 -27.89 -29.17
CA LEU A 313 37.68 -27.95 -29.16
C LEU A 313 38.23 -28.01 -30.57
N SER A 314 39.24 -27.18 -30.83
CA SER A 314 40.00 -27.30 -32.05
C SER A 314 41.46 -26.95 -31.77
N ALA A 315 42.33 -27.35 -32.68
CA ALA A 315 43.76 -27.10 -32.54
C ALA A 315 44.44 -27.01 -33.88
N LYS A 316 45.49 -26.21 -33.93
CA LYS A 316 46.35 -26.12 -35.10
C LYS A 316 47.76 -25.91 -34.60
N ILE A 317 48.75 -26.40 -35.36
CA ILE A 317 50.15 -26.20 -34.98
C ILE A 317 50.80 -25.19 -35.92
N ASP A 318 51.65 -24.36 -35.33
CA ASP A 318 52.48 -23.42 -36.05
C ASP A 318 53.94 -23.83 -35.88
N PRO A 319 54.65 -24.15 -36.99
CA PRO A 319 54.23 -24.22 -38.40
C PRO A 319 53.81 -25.62 -38.84
N PRO A 320 53.03 -25.72 -39.93
CA PRO A 320 52.59 -27.02 -40.47
C PRO A 320 53.76 -27.89 -40.90
N THR A 321 54.84 -27.23 -41.34
CA THR A 321 56.04 -27.92 -41.77
C THR A 321 57.23 -26.98 -41.61
N GLN A 322 58.33 -27.52 -41.12
CA GLN A 322 59.58 -26.76 -40.99
C GLN A 322 60.78 -27.67 -41.16
N THR A 323 61.75 -27.20 -41.95
CA THR A 323 62.97 -27.96 -42.20
C THR A 323 64.11 -27.35 -41.38
N VAL A 324 64.71 -28.16 -40.51
CA VAL A 324 65.67 -27.67 -39.53
C VAL A 324 67.04 -28.31 -39.76
N ASP A 325 68.09 -27.48 -39.72
CA ASP A 325 69.46 -27.98 -39.81
C ASP A 325 69.87 -28.66 -38.50
N PHE A 326 70.82 -29.58 -38.59
CA PHE A 326 71.28 -30.31 -37.42
C PHE A 326 71.78 -29.33 -36.35
N GLY A 327 71.53 -29.67 -35.09
CA GLY A 327 72.03 -28.88 -33.97
C GLY A 327 71.34 -27.54 -33.76
N ARG A 328 70.30 -27.25 -34.56
CA ARG A 328 69.55 -26.00 -34.40
C ARG A 328 68.15 -26.28 -33.86
N PRO A 329 67.51 -25.24 -33.30
CA PRO A 329 66.28 -25.51 -32.55
C PRO A 329 65.02 -25.59 -33.42
N ALA A 330 64.11 -26.48 -33.05
CA ALA A 330 62.81 -26.62 -33.70
C ALA A 330 61.70 -26.34 -32.69
N VAL A 331 60.77 -25.48 -33.07
CA VAL A 331 59.71 -25.04 -32.17
C VAL A 331 58.34 -25.26 -32.80
N PHE A 332 57.43 -25.83 -32.01
CA PHE A 332 56.04 -26.01 -32.41
C PHE A 332 55.13 -25.27 -31.43
N THR A 333 54.18 -24.52 -31.99
CA THR A 333 53.21 -23.79 -31.19
C THR A 333 51.82 -24.40 -31.37
N CYS A 334 51.29 -24.97 -30.29
CA CYS A 334 49.92 -25.52 -30.32
C CYS A 334 48.91 -24.43 -29.98
N GLN A 335 48.22 -23.95 -31.00
CA GLN A 335 47.11 -23.00 -30.82
C GLN A 335 45.81 -23.78 -30.74
N TYR A 336 44.97 -23.45 -29.78
CA TYR A 336 43.71 -24.15 -29.60
C TYR A 336 42.61 -23.24 -29.07
N THR A 337 41.37 -23.62 -29.36
CA THR A 337 40.19 -22.92 -28.87
C THR A 337 39.25 -23.95 -28.26
N GLY A 338 38.43 -23.53 -27.30
CA GLY A 338 37.45 -24.41 -26.69
C GLY A 338 37.27 -24.22 -25.20
N ASN A 339 36.21 -24.81 -24.66
CA ASN A 339 35.90 -24.70 -23.25
C ASN A 339 34.97 -25.82 -22.79
N PRO A 340 35.34 -26.56 -21.74
CA PRO A 340 36.57 -26.48 -20.96
C PRO A 340 37.76 -27.19 -21.62
N ILE A 341 38.96 -26.93 -21.11
CA ILE A 341 40.18 -27.58 -21.55
C ILE A 341 40.83 -28.25 -20.36
N LYS A 342 40.74 -29.57 -20.28
CA LYS A 342 41.27 -30.28 -19.12
C LYS A 342 42.71 -30.73 -19.32
N THR A 343 43.05 -31.14 -20.54
CA THR A 343 44.39 -31.65 -20.78
C THR A 343 44.96 -31.19 -22.12
N VAL A 344 46.27 -31.00 -22.11
CA VAL A 344 47.05 -30.78 -23.32
C VAL A 344 48.18 -31.81 -23.30
N SER A 345 48.33 -32.55 -24.40
CA SER A 345 49.37 -33.56 -24.49
C SER A 345 49.97 -33.54 -25.88
N TRP A 346 51.12 -34.20 -26.03
CA TRP A 346 51.84 -34.24 -27.29
C TRP A 346 52.07 -35.67 -27.76
N MET A 347 52.19 -35.83 -29.08
CA MET A 347 52.43 -37.13 -29.69
C MET A 347 53.46 -37.01 -30.79
N LYS A 348 54.21 -38.09 -31.01
CA LYS A 348 55.24 -38.15 -32.03
C LYS A 348 55.16 -39.47 -32.77
N ASP A 349 54.81 -39.42 -34.05
CA ASP A 349 54.68 -40.62 -34.86
C ASP A 349 53.80 -41.66 -34.18
N GLY A 350 52.74 -41.18 -33.53
CA GLY A 350 51.74 -42.07 -32.96
C GLY A 350 52.07 -42.58 -31.57
N LYS A 351 53.06 -41.94 -30.94
CA LYS A 351 53.49 -42.33 -29.60
C LYS A 351 53.57 -41.09 -28.72
N ALA A 352 53.05 -41.23 -27.50
CA ALA A 352 52.93 -40.10 -26.59
C ALA A 352 54.29 -39.59 -26.12
N ILE A 353 54.36 -38.26 -25.95
CA ILE A 353 55.50 -37.61 -25.29
C ILE A 353 55.09 -37.23 -23.87
N GLY A 354 56.06 -37.08 -22.98
CA GLY A 354 55.81 -36.59 -21.64
C GLY A 354 55.83 -35.06 -21.60
N HIS A 355 55.02 -34.44 -22.46
CA HIS A 355 54.95 -32.98 -22.53
C HIS A 355 53.51 -32.49 -22.38
N SER A 356 53.29 -31.65 -21.37
CA SER A 356 51.97 -31.12 -21.07
C SER A 356 51.81 -29.66 -21.52
N GLU A 357 52.90 -29.08 -22.01
CA GLU A 357 52.94 -27.66 -22.34
C GLU A 357 52.49 -27.41 -23.78
N PRO A 358 51.86 -26.25 -24.05
CA PRO A 358 51.40 -25.94 -25.41
C PRO A 358 52.51 -25.66 -26.43
N VAL A 359 53.72 -25.33 -25.97
CA VAL A 359 54.85 -25.07 -26.86
C VAL A 359 55.89 -26.16 -26.68
N LEU A 360 56.18 -26.88 -27.76
CA LEU A 360 57.20 -27.92 -27.75
C LEU A 360 58.48 -27.39 -28.38
N ARG A 361 59.54 -27.32 -27.56
CA ARG A 361 60.84 -26.88 -28.03
C ARG A 361 61.80 -28.04 -28.18
N ILE A 362 62.42 -28.13 -29.35
CA ILE A 362 63.56 -29.01 -29.59
C ILE A 362 64.73 -28.10 -29.91
N GLU A 363 65.77 -28.12 -29.08
CA GLU A 363 66.82 -27.09 -29.15
C GLU A 363 68.10 -27.61 -29.78
N SER A 364 68.16 -28.90 -30.06
CA SER A 364 69.25 -29.47 -30.84
C SER A 364 68.76 -30.74 -31.54
N VAL A 365 68.33 -30.57 -32.79
CA VAL A 365 67.69 -31.62 -33.55
C VAL A 365 68.68 -32.72 -33.96
N LYS A 366 68.22 -33.97 -33.86
CA LYS A 366 69.00 -35.12 -34.30
C LYS A 366 68.40 -35.67 -35.60
N LYS A 367 68.86 -36.86 -35.98
CA LYS A 367 68.28 -37.58 -37.10
C LYS A 367 66.93 -38.17 -36.69
N GLU A 368 66.79 -38.50 -35.40
CA GLU A 368 65.68 -39.29 -34.92
C GLU A 368 64.43 -38.46 -34.65
N ASP A 369 64.62 -37.16 -34.47
CA ASP A 369 63.53 -36.26 -34.17
C ASP A 369 62.67 -35.97 -35.40
N LYS A 370 63.17 -36.32 -36.58
CA LYS A 370 62.39 -36.15 -37.81
C LYS A 370 61.10 -36.95 -37.70
N GLY A 371 60.04 -36.45 -38.31
CA GLY A 371 58.77 -37.15 -38.34
C GLY A 371 57.59 -36.23 -38.07
N MET A 372 56.49 -36.84 -37.64
CA MET A 372 55.24 -36.13 -37.43
C MET A 372 55.02 -35.87 -35.94
N TYR A 373 54.60 -34.65 -35.63
CA TYR A 373 54.31 -34.24 -34.27
C TYR A 373 52.86 -33.78 -34.13
N GLN A 374 52.23 -34.19 -33.03
CA GLN A 374 50.84 -33.86 -32.75
C GLN A 374 50.64 -33.30 -31.35
N CYS A 375 49.74 -32.33 -31.23
CA CYS A 375 49.23 -31.91 -29.94
C CYS A 375 47.74 -32.25 -29.88
N PHE A 376 47.32 -32.70 -28.71
CA PHE A 376 45.95 -33.10 -28.42
C PHE A 376 45.38 -32.25 -27.29
N VAL A 377 44.18 -31.70 -27.49
CA VAL A 377 43.45 -31.03 -26.42
C VAL A 377 42.18 -31.82 -26.16
N ARG A 378 41.91 -32.06 -24.88
CA ARG A 378 40.78 -32.89 -24.45
C ARG A 378 40.04 -32.27 -23.27
N ASN A 379 38.75 -32.58 -23.18
CA ASN A 379 38.00 -32.45 -21.94
C ASN A 379 37.27 -33.77 -21.74
N ASP A 380 36.32 -33.82 -20.81
CA ASP A 380 35.69 -35.10 -20.49
C ASP A 380 34.85 -35.64 -21.65
N GLN A 381 34.46 -34.76 -22.58
CA GLN A 381 33.50 -35.11 -23.63
C GLN A 381 34.06 -35.06 -25.06
N GLU A 382 35.22 -34.44 -25.24
CA GLU A 382 35.64 -33.96 -26.55
C GLU A 382 37.15 -33.99 -26.75
N SER A 383 37.61 -34.13 -27.99
CA SER A 383 39.04 -34.04 -28.28
C SER A 383 39.30 -33.47 -29.67
N ALA A 384 40.48 -32.89 -29.84
CA ALA A 384 40.87 -32.31 -31.11
C ALA A 384 42.37 -32.50 -31.26
N GLU A 385 42.83 -32.67 -32.49
CA GLU A 385 44.26 -32.83 -32.76
C GLU A 385 44.73 -31.95 -33.91
N ALA A 386 46.02 -31.65 -33.90
CA ALA A 386 46.65 -30.93 -35.00
C ALA A 386 48.01 -31.56 -35.23
N SER A 387 48.48 -31.54 -36.47
CA SER A 387 49.74 -32.17 -36.81
C SER A 387 50.69 -31.20 -37.51
N ALA A 388 51.99 -31.42 -37.28
CA ALA A 388 53.03 -30.71 -37.99
C ALA A 388 54.12 -31.70 -38.38
N GLU A 389 54.99 -31.31 -39.32
CA GLU A 389 56.07 -32.18 -39.77
C GLU A 389 57.44 -31.57 -39.56
N LEU A 390 58.38 -32.41 -39.13
CA LEU A 390 59.78 -32.01 -39.00
C LEU A 390 60.63 -32.75 -40.04
N LYS A 391 61.24 -31.98 -40.93
CA LYS A 391 62.20 -32.51 -41.91
C LYS A 391 63.59 -31.97 -41.57
N LEU A 392 64.61 -32.71 -41.99
CA LEU A 392 65.99 -32.37 -41.65
C LEU A 392 66.69 -31.66 -42.80
N GLY A 393 67.67 -30.82 -42.45
CA GLY A 393 68.45 -30.08 -43.42
C GLY A 393 69.91 -30.48 -43.42
N GLN B 5 4.01 -2.43 39.96
CA GLN B 5 5.01 -3.44 40.42
C GLN B 5 5.84 -3.98 39.24
N LYS B 6 5.19 -4.45 38.18
CA LYS B 6 5.91 -4.94 36.99
C LYS B 6 5.16 -4.76 35.67
N GLY B 7 5.89 -4.36 34.63
CA GLY B 7 5.33 -4.24 33.29
C GLY B 7 4.79 -5.56 32.79
N PRO B 8 4.13 -5.53 31.63
CA PRO B 8 3.47 -6.75 31.14
C PRO B 8 4.46 -7.77 30.56
N VAL B 9 4.09 -9.05 30.65
CA VAL B 9 4.79 -10.11 29.93
C VAL B 9 3.76 -11.09 29.39
N PHE B 10 4.00 -11.61 28.19
CA PHE B 10 3.09 -12.59 27.60
C PHE B 10 3.22 -13.96 28.25
N LEU B 11 2.08 -14.54 28.61
CA LEU B 11 2.00 -15.95 28.95
C LEU B 11 1.76 -16.75 27.68
N LYS B 12 0.62 -16.47 27.05
CA LYS B 12 0.20 -17.14 25.83
C LYS B 12 0.19 -16.15 24.68
N GLU B 13 0.96 -16.47 23.65
CA GLU B 13 0.92 -15.74 22.40
C GLU B 13 0.28 -16.64 21.36
N PRO B 14 -0.58 -16.09 20.51
CA PRO B 14 -1.11 -16.89 19.41
C PRO B 14 0.01 -17.35 18.49
N THR B 15 -0.15 -18.47 17.80
CA THR B 15 0.94 -19.04 17.01
C THR B 15 1.15 -18.20 15.76
N ASN B 16 2.23 -18.46 15.03
CA ASN B 16 2.53 -17.66 13.84
C ASN B 16 1.51 -17.88 12.75
N ARG B 17 1.01 -19.11 12.64
CA ARG B 17 0.12 -19.47 11.55
C ARG B 17 -1.23 -19.91 12.09
N ILE B 18 -2.27 -19.23 11.62
CA ILE B 18 -3.65 -19.60 11.90
C ILE B 18 -4.34 -19.90 10.58
N ASP B 19 -4.28 -21.15 10.14
CA ASP B 19 -4.88 -21.58 8.87
C ASP B 19 -6.19 -22.28 9.15
N PHE B 20 -7.23 -21.94 8.39
CA PHE B 20 -8.53 -22.56 8.62
C PHE B 20 -9.45 -22.46 7.43
N SER B 21 -10.31 -23.46 7.31
CA SER B 21 -11.37 -23.43 6.31
C SER B 21 -12.43 -22.39 6.66
N ASN B 22 -13.01 -21.79 5.64
CA ASN B 22 -14.18 -20.92 5.82
C ASN B 22 -15.33 -21.68 6.46
N SER B 23 -15.32 -23.01 6.33
CA SER B 23 -16.40 -23.81 6.88
C SER B 23 -16.23 -24.11 8.37
N THR B 24 -15.03 -23.86 8.89
CA THR B 24 -14.69 -24.16 10.30
C THR B 24 -14.54 -22.90 11.16
N GLY B 25 -13.99 -21.84 10.60
CA GLY B 25 -13.67 -20.66 11.39
C GLY B 25 -12.48 -20.96 12.27
N ALA B 26 -12.15 -20.01 13.15
CA ALA B 26 -11.00 -20.11 14.04
C ALA B 26 -11.16 -19.15 15.21
N GLU B 27 -10.39 -19.39 16.27
CA GLU B 27 -10.33 -18.47 17.39
C GLU B 27 -8.89 -18.38 17.81
N ILE B 28 -8.43 -17.19 18.17
CA ILE B 28 -7.08 -17.04 18.73
C ILE B 28 -7.17 -16.28 20.05
N GLU B 29 -6.28 -16.60 20.98
CA GLU B 29 -6.28 -15.89 22.24
C GLU B 29 -4.90 -15.46 22.65
N CYS B 30 -4.90 -14.50 23.53
CA CYS B 30 -3.70 -13.84 23.97
C CYS B 30 -3.86 -13.65 25.47
N LYS B 31 -2.85 -14.05 26.23
CA LYS B 31 -2.85 -13.85 27.66
C LYS B 31 -1.57 -13.15 28.07
N ALA B 32 -1.69 -12.20 28.99
CA ALA B 32 -0.53 -11.49 29.50
C ALA B 32 -0.73 -11.18 30.96
N SER B 33 0.37 -11.25 31.71
CA SER B 33 0.36 -10.89 33.12
C SER B 33 1.25 -9.70 33.39
N GLY B 34 1.04 -9.10 34.55
CA GLY B 34 1.72 -7.90 34.96
C GLY B 34 0.91 -7.32 36.10
N ASN B 35 1.39 -6.21 36.66
CA ASN B 35 0.74 -5.61 37.80
C ASN B 35 0.83 -4.09 37.72
N PRO B 36 -0.31 -3.41 37.50
CA PRO B 36 -1.67 -3.94 37.33
C PRO B 36 -1.82 -4.91 36.15
N MET B 37 -2.91 -5.67 36.15
CA MET B 37 -3.23 -6.56 35.04
C MET B 37 -3.20 -5.80 33.73
N PRO B 38 -2.48 -6.34 32.73
CA PRO B 38 -2.48 -5.60 31.47
C PRO B 38 -3.81 -5.72 30.73
N GLU B 39 -4.12 -4.67 29.99
CA GLU B 39 -5.19 -4.68 29.01
C GLU B 39 -4.72 -5.42 27.75
N ILE B 40 -5.64 -6.11 27.08
CA ILE B 40 -5.32 -6.86 25.86
C ILE B 40 -6.07 -6.26 24.67
N ILE B 41 -5.31 -5.83 23.67
CA ILE B 41 -5.83 -5.13 22.50
C ILE B 41 -5.36 -5.85 21.24
N TRP B 42 -6.27 -6.12 20.32
CA TRP B 42 -5.88 -6.72 19.04
C TRP B 42 -5.54 -5.62 18.03
N ILE B 43 -4.43 -5.79 17.35
CA ILE B 43 -3.99 -4.84 16.36
C ILE B 43 -3.62 -5.56 15.06
N ARG B 44 -3.35 -4.76 14.03
CA ARG B 44 -2.78 -5.23 12.78
C ARG B 44 -1.28 -5.06 12.88
N SER B 45 -0.52 -5.64 11.97
CA SER B 45 0.94 -5.49 12.03
C SER B 45 1.37 -4.03 12.02
N ASP B 46 0.47 -3.20 11.48
N ASP B 46 0.55 -3.12 11.50
CA ASP B 46 0.58 -1.74 11.39
CA ASP B 46 0.98 -1.72 11.46
C ASP B 46 0.69 -1.04 12.74
C ASP B 46 0.63 -0.97 12.75
N GLY B 47 0.08 -1.66 13.74
CA GLY B 47 -0.20 -1.04 15.01
C GLY B 47 -1.65 -0.57 15.14
N THR B 48 -2.39 -0.52 14.03
CA THR B 48 -3.75 0.00 14.10
C THR B 48 -4.69 -0.98 14.81
N ALA B 49 -5.64 -0.42 15.56
CA ALA B 49 -6.59 -1.23 16.30
C ALA B 49 -7.54 -2.02 15.38
N VAL B 50 -7.83 -3.25 15.76
CA VAL B 50 -8.77 -4.11 15.07
C VAL B 50 -10.10 -4.14 15.80
N GLY B 51 -11.20 -3.98 15.07
CA GLY B 51 -12.52 -4.09 15.66
C GLY B 51 -13.31 -5.24 15.09
N ASP B 52 -14.58 -5.32 15.45
CA ASP B 52 -15.47 -6.32 14.84
C ASP B 52 -15.73 -6.02 13.38
N VAL B 53 -15.95 -7.08 12.62
CA VAL B 53 -16.57 -7.02 11.30
C VAL B 53 -17.78 -7.95 11.35
N PRO B 54 -18.98 -7.40 11.20
CA PRO B 54 -20.18 -8.25 11.39
C PRO B 54 -20.16 -9.52 10.56
N GLY B 55 -20.28 -10.65 11.24
CA GLY B 55 -20.27 -11.95 10.58
C GLY B 55 -18.89 -12.54 10.29
N LEU B 56 -17.81 -11.75 10.41
CA LEU B 56 -16.49 -12.19 9.97
C LEU B 56 -15.38 -12.10 11.01
N ARG B 57 -15.47 -11.13 11.92
CA ARG B 57 -14.44 -10.95 12.93
C ARG B 57 -15.07 -10.38 14.20
N GLN B 58 -14.72 -10.98 15.35
CA GLN B 58 -15.33 -10.62 16.62
C GLN B 58 -14.29 -10.67 17.73
N ILE B 59 -14.25 -9.59 18.53
CA ILE B 59 -13.45 -9.59 19.75
C ILE B 59 -14.40 -9.94 20.88
N SER B 60 -14.09 -11.01 21.61
CA SER B 60 -15.03 -11.51 22.62
C SER B 60 -14.82 -10.83 23.97
N SER B 61 -15.74 -11.08 24.90
CA SER B 61 -15.71 -10.48 26.23
C SER B 61 -14.45 -10.85 26.99
N ASP B 62 -13.97 -12.07 26.77
CA ASP B 62 -12.75 -12.55 27.41
C ASP B 62 -11.51 -12.28 26.55
N GLY B 63 -11.69 -11.52 25.47
CA GLY B 63 -10.57 -11.01 24.69
C GLY B 63 -10.01 -11.92 23.61
N LYS B 64 -10.78 -12.94 23.22
CA LYS B 64 -10.40 -13.77 22.09
C LYS B 64 -10.70 -13.02 20.80
N LEU B 65 -9.95 -13.33 19.75
CA LEU B 65 -10.24 -12.83 18.43
C LEU B 65 -10.80 -13.99 17.62
N VAL B 66 -12.05 -13.85 17.19
CA VAL B 66 -12.80 -14.95 16.60
C VAL B 66 -13.13 -14.67 15.16
N PHE B 67 -12.92 -15.68 14.31
CA PHE B 67 -13.31 -15.64 12.92
C PHE B 67 -14.39 -16.70 12.66
N PRO B 68 -15.68 -16.29 12.63
CA PRO B 68 -16.74 -17.26 12.40
C PRO B 68 -16.65 -17.95 11.04
N PRO B 69 -17.30 -19.12 10.89
CA PRO B 69 -17.41 -19.69 9.55
C PRO B 69 -18.14 -18.73 8.64
N PHE B 70 -17.82 -18.76 7.35
CA PHE B 70 -18.38 -17.79 6.41
C PHE B 70 -18.51 -18.34 5.00
N ARG B 71 -19.45 -17.76 4.26
CA ARG B 71 -19.64 -18.06 2.86
C ARG B 71 -18.46 -17.55 2.03
N ALA B 72 -18.06 -18.30 1.01
CA ALA B 72 -16.90 -17.91 0.21
C ALA B 72 -17.08 -16.51 -0.37
N GLU B 73 -18.32 -16.19 -0.72
CA GLU B 73 -18.70 -14.88 -1.23
C GLU B 73 -18.35 -13.72 -0.29
N ASP B 74 -18.22 -14.04 1.00
CA ASP B 74 -18.01 -13.03 2.01
C ASP B 74 -16.53 -12.90 2.39
N TYR B 75 -15.67 -13.64 1.68
CA TYR B 75 -14.23 -13.55 1.91
C TYR B 75 -13.74 -12.12 1.75
N ARG B 76 -12.91 -11.65 2.68
CA ARG B 76 -12.30 -10.32 2.57
C ARG B 76 -10.82 -10.42 2.92
N GLN B 77 -9.97 -10.01 1.99
CA GLN B 77 -8.53 -10.10 2.17
C GLN B 77 -8.07 -9.44 3.48
N GLU B 78 -8.59 -8.25 3.77
CA GLU B 78 -8.11 -7.49 4.92
C GLU B 78 -8.53 -8.13 6.25
N VAL B 79 -9.48 -9.08 6.19
CA VAL B 79 -9.88 -9.84 7.37
C VAL B 79 -9.22 -11.21 7.40
N HIS B 80 -9.25 -11.89 6.26
CA HIS B 80 -8.99 -13.32 6.21
C HIS B 80 -7.58 -13.70 5.75
N ALA B 81 -6.85 -12.73 5.22
CA ALA B 81 -5.46 -12.94 4.80
C ALA B 81 -4.64 -11.78 5.33
N GLN B 82 -4.39 -11.80 6.64
CA GLN B 82 -3.98 -10.60 7.34
C GLN B 82 -3.09 -10.96 8.51
N VAL B 83 -2.05 -10.16 8.70
CA VAL B 83 -1.20 -10.33 9.87
C VAL B 83 -1.77 -9.52 11.01
N TYR B 84 -1.99 -10.21 12.13
CA TYR B 84 -2.49 -9.57 13.35
C TYR B 84 -1.40 -9.71 14.41
N ALA B 85 -1.61 -8.99 15.52
CA ALA B 85 -0.77 -9.12 16.69
C ALA B 85 -1.61 -8.75 17.90
N CYS B 86 -1.15 -9.18 19.07
CA CYS B 86 -1.79 -8.86 20.32
C CYS B 86 -0.95 -7.83 21.04
N LEU B 87 -1.58 -6.77 21.54
CA LEU B 87 -0.87 -5.75 22.29
C LEU B 87 -1.32 -5.82 23.73
N ALA B 88 -0.35 -5.89 24.64
CA ALA B 88 -0.62 -5.93 26.07
C ALA B 88 -0.02 -4.71 26.74
N ARG B 89 -0.80 -4.00 27.54
CA ARG B 89 -0.26 -2.83 28.18
C ARG B 89 -0.86 -2.54 29.55
N ASN B 90 -0.04 -1.92 30.38
CA ASN B 90 -0.47 -1.29 31.61
C ASN B 90 0.29 0.02 31.73
N GLN B 91 0.24 0.65 32.89
CA GLN B 91 0.80 1.99 33.07
C GLN B 91 2.30 2.02 32.79
N PHE B 92 2.99 0.91 33.01
CA PHE B 92 4.43 0.91 32.83
C PHE B 92 4.85 0.88 31.36
N GLY B 93 4.06 0.23 30.51
CA GLY B 93 4.35 0.26 29.08
C GLY B 93 3.60 -0.79 28.29
N SER B 94 4.01 -1.01 27.05
CA SER B 94 3.30 -1.86 26.11
C SER B 94 4.23 -2.86 25.43
N ILE B 95 3.73 -4.08 25.22
CA ILE B 95 4.43 -5.06 24.38
C ILE B 95 3.49 -5.64 23.31
N ILE B 96 4.07 -6.03 22.19
CA ILE B 96 3.34 -6.60 21.07
C ILE B 96 3.81 -8.03 20.85
N SER B 97 2.88 -8.90 20.47
CA SER B 97 3.18 -10.31 20.30
C SER B 97 3.93 -10.58 19.00
N ARG B 98 4.36 -11.81 18.80
CA ARG B 98 4.87 -12.22 17.51
C ARG B 98 3.73 -12.05 16.49
N ASP B 99 4.09 -12.00 15.21
CA ASP B 99 3.11 -11.92 14.13
C ASP B 99 2.16 -13.12 14.14
N VAL B 100 0.87 -12.84 13.93
CA VAL B 100 -0.14 -13.88 13.78
C VAL B 100 -0.73 -13.84 12.37
N HIS B 101 -0.33 -14.81 11.54
CA HIS B 101 -0.79 -14.83 10.17
C HIS B 101 -2.08 -15.62 10.10
N VAL B 102 -3.16 -14.87 9.94
CA VAL B 102 -4.48 -15.45 9.77
C VAL B 102 -4.72 -15.74 8.29
N ARG B 103 -5.02 -16.99 7.98
CA ARG B 103 -5.26 -17.39 6.60
C ARG B 103 -6.50 -18.29 6.51
N ALA B 104 -7.60 -17.72 6.05
CA ALA B 104 -8.79 -18.51 5.78
C ALA B 104 -8.68 -19.04 4.36
N VAL B 105 -9.16 -20.26 4.19
CA VAL B 105 -9.04 -20.98 2.91
C VAL B 105 -10.40 -21.50 2.49
N VAL B 106 -10.76 -21.18 1.25
CA VAL B 106 -12.01 -21.62 0.64
C VAL B 106 -11.67 -22.83 -0.25
N ASN B 107 -12.68 -23.58 -0.70
CA ASN B 107 -12.46 -24.69 -1.63
C ASN B 107 -11.86 -24.25 -2.94
N GLN B 108 -11.01 -25.09 -3.53
CA GLN B 108 -10.51 -24.82 -4.86
C GLN B 108 -10.43 -26.09 -5.72
N PHE B 109 -10.53 -25.87 -7.03
CA PHE B 109 -10.38 -26.91 -8.02
C PHE B 109 -8.95 -27.40 -8.00
N TYR B 110 -8.75 -28.69 -7.76
N TYR B 110 -8.75 -28.69 -7.79
CA TYR B 110 -7.43 -29.29 -7.95
CA TYR B 110 -7.43 -29.28 -7.99
C TYR B 110 -7.58 -30.73 -8.40
C TYR B 110 -7.56 -30.73 -8.39
N GLU B 111 -6.65 -31.16 -9.26
CA GLU B 111 -6.55 -32.55 -9.68
C GLU B 111 -5.09 -32.98 -9.59
N ALA B 112 -4.81 -34.04 -8.82
CA ALA B 112 -3.47 -34.56 -8.73
C ALA B 112 -3.18 -35.35 -10.00
N GLU B 113 -1.90 -35.38 -10.39
CA GLU B 113 -1.46 -36.03 -11.61
C GLU B 113 -0.19 -36.82 -11.33
N ILE B 114 -0.05 -37.98 -11.98
CA ILE B 114 1.11 -38.83 -11.81
C ILE B 114 1.78 -39.04 -13.15
N MET B 115 2.95 -38.44 -13.34
CA MET B 115 3.69 -38.65 -14.56
C MET B 115 4.11 -40.11 -14.69
N THR B 116 3.99 -40.64 -15.90
CA THR B 116 4.54 -41.97 -16.20
C THR B 116 6.05 -42.01 -16.07
N GLU B 117 6.56 -43.02 -15.36
CA GLU B 117 7.99 -43.21 -15.17
C GLU B 117 8.52 -44.38 -16.01
N TYR B 118 9.58 -44.13 -16.76
CA TYR B 118 10.33 -45.20 -17.42
C TYR B 118 11.52 -45.56 -16.53
N VAL B 119 11.68 -46.85 -16.22
CA VAL B 119 12.68 -47.28 -15.27
C VAL B 119 13.36 -48.55 -15.76
N ILE B 120 14.69 -48.51 -15.81
CA ILE B 120 15.50 -49.67 -16.19
C ILE B 120 15.38 -50.78 -15.17
N ARG B 121 15.15 -52.00 -15.67
N ARG B 121 15.15 -52.00 -15.67
CA ARG B 121 15.03 -53.18 -14.80
CA ARG B 121 15.02 -53.17 -14.79
C ARG B 121 16.16 -53.22 -13.78
C ARG B 121 16.16 -53.22 -13.78
N GLY B 122 15.80 -53.51 -12.53
CA GLY B 122 16.77 -53.60 -11.46
C GLY B 122 16.99 -52.30 -10.71
N ASN B 123 16.61 -51.19 -11.33
CA ASN B 123 16.73 -49.86 -10.71
C ASN B 123 15.52 -49.51 -9.87
N ALA B 124 15.66 -48.49 -9.02
CA ALA B 124 14.57 -48.02 -8.18
C ALA B 124 13.63 -47.12 -8.98
N ALA B 125 12.32 -47.18 -8.68
CA ALA B 125 11.34 -46.30 -9.30
C ALA B 125 10.84 -45.30 -8.26
N VAL B 126 10.63 -44.06 -8.69
CA VAL B 126 10.04 -43.03 -7.83
C VAL B 126 8.85 -42.41 -8.53
N LEU B 127 7.62 -42.68 -8.06
CA LEU B 127 6.41 -42.07 -8.60
C LEU B 127 6.04 -40.86 -7.77
N LYS B 128 5.69 -39.77 -8.43
CA LYS B 128 5.36 -38.54 -7.73
C LYS B 128 3.89 -38.17 -7.92
N CYS B 129 3.26 -37.80 -6.81
CA CYS B 129 1.89 -37.33 -6.82
C CYS B 129 1.95 -35.82 -6.97
N SER B 130 1.79 -35.33 -8.18
CA SER B 130 1.92 -33.90 -8.47
C SER B 130 0.66 -33.14 -8.10
N ILE B 131 0.79 -32.32 -7.06
CA ILE B 131 -0.31 -31.56 -6.50
C ILE B 131 -0.11 -30.09 -6.89
N PRO B 132 -1.14 -29.46 -7.48
CA PRO B 132 -0.97 -28.08 -7.94
C PRO B 132 -0.46 -27.16 -6.83
N SER B 133 0.45 -26.26 -7.16
CA SER B 133 1.15 -25.55 -6.11
C SER B 133 0.22 -24.69 -5.29
N PHE B 134 -0.91 -24.30 -5.88
N PHE B 134 -0.90 -24.24 -5.86
CA PHE B 134 -1.82 -23.33 -5.29
CA PHE B 134 -1.73 -23.27 -5.16
C PHE B 134 -2.82 -23.92 -4.29
C PHE B 134 -2.64 -23.88 -4.10
N VAL B 135 -2.65 -25.20 -3.92
CA VAL B 135 -3.32 -25.99 -2.87
C VAL B 135 -2.33 -26.85 -2.09
N ALA B 136 -1.05 -26.80 -2.45
CA ALA B 136 -0.07 -27.74 -1.91
C ALA B 136 0.28 -27.47 -0.45
N ASP B 137 0.07 -26.24 0.04
CA ASP B 137 0.23 -25.98 1.48
C ASP B 137 -0.78 -26.74 2.34
N PHE B 138 -1.90 -27.15 1.74
CA PHE B 138 -3.00 -27.78 2.48
C PHE B 138 -3.29 -29.22 2.06
N VAL B 139 -3.08 -29.50 0.79
CA VAL B 139 -3.34 -30.83 0.24
C VAL B 139 -2.03 -31.58 0.14
N ARG B 140 -1.94 -32.73 0.84
CA ARG B 140 -0.72 -33.54 0.87
C ARG B 140 -1.07 -35.02 0.67
N VAL B 141 -0.08 -35.82 0.32
CA VAL B 141 -0.26 -37.26 0.17
C VAL B 141 -0.66 -37.89 1.49
N GLU B 142 -1.67 -38.73 1.43
CA GLU B 142 -2.10 -39.50 2.59
C GLU B 142 -1.62 -40.95 2.46
N SER B 143 -1.76 -41.49 1.25
CA SER B 143 -1.39 -42.87 1.00
C SER B 143 -1.39 -43.08 -0.50
N TRP B 144 -0.90 -44.25 -0.92
CA TRP B 144 -0.99 -44.71 -2.28
C TRP B 144 -1.80 -46.01 -2.30
N ILE B 145 -2.42 -46.29 -3.44
CA ILE B 145 -3.26 -47.49 -3.61
C ILE B 145 -2.96 -48.12 -4.97
N ASP B 146 -2.69 -49.42 -5.01
CA ASP B 146 -2.43 -50.06 -6.29
C ASP B 146 -3.74 -50.53 -6.91
N ASP B 147 -3.66 -51.08 -8.11
CA ASP B 147 -4.87 -51.37 -8.87
C ASP B 147 -5.70 -52.50 -8.24
N GLU B 148 -5.09 -53.28 -7.35
CA GLU B 148 -5.78 -54.35 -6.66
C GLU B 148 -6.44 -53.88 -5.37
N GLY B 149 -6.19 -52.62 -4.98
CA GLY B 149 -6.69 -52.13 -3.72
C GLY B 149 -5.74 -52.29 -2.55
N ASN B 150 -4.50 -52.71 -2.80
CA ASN B 150 -3.50 -52.70 -1.73
C ASN B 150 -3.12 -51.26 -1.37
N VAL B 151 -3.18 -50.96 -0.07
CA VAL B 151 -2.88 -49.63 0.44
C VAL B 151 -1.45 -49.56 0.90
N LEU B 152 -0.73 -48.55 0.40
CA LEU B 152 0.64 -48.30 0.77
C LEU B 152 0.69 -47.02 1.60
N SER B 153 1.18 -47.15 2.83
CA SER B 153 1.10 -46.08 3.83
C SER B 153 2.46 -45.64 4.29
N PHE B 154 2.53 -44.43 4.83
CA PHE B 154 3.75 -43.98 5.49
C PHE B 154 4.15 -45.03 6.53
N SER B 155 5.44 -45.29 6.70
CA SER B 155 5.92 -46.33 7.60
C SER B 155 7.34 -46.08 8.03
N ASP B 156 7.72 -46.54 9.22
CA ASP B 156 9.11 -46.41 9.67
C ASP B 156 9.95 -47.61 9.23
N ASN B 157 9.30 -48.65 8.70
CA ASN B 157 10.00 -49.77 8.10
C ASN B 157 10.39 -49.42 6.66
N TYR B 158 11.67 -49.15 6.46
CA TYR B 158 12.21 -48.79 5.14
C TYR B 158 12.75 -49.97 4.34
N ASP B 159 12.58 -51.19 4.84
CA ASP B 159 13.26 -52.35 4.24
C ASP B 159 12.44 -53.19 3.26
N GLY B 160 11.26 -52.69 2.89
CA GLY B 160 10.37 -53.43 2.03
C GLY B 160 10.50 -53.05 0.56
N LYS B 161 9.79 -53.79 -0.28
CA LYS B 161 9.72 -53.52 -1.70
C LYS B 161 9.22 -52.10 -1.94
N TYR B 162 8.22 -51.73 -1.13
CA TYR B 162 7.56 -50.45 -1.25
C TYR B 162 7.90 -49.57 -0.07
N LEU B 163 8.06 -48.28 -0.35
CA LEU B 163 8.14 -47.29 0.71
C LEU B 163 7.52 -45.98 0.28
N VAL B 164 6.50 -45.53 1.01
CA VAL B 164 6.03 -44.17 0.81
C VAL B 164 7.01 -43.26 1.54
N LEU B 165 7.75 -42.48 0.77
CA LEU B 165 8.76 -41.63 1.37
C LEU B 165 8.05 -40.56 2.20
N PRO B 166 8.72 -40.08 3.26
CA PRO B 166 8.12 -39.02 4.08
C PRO B 166 7.65 -37.81 3.27
N SER B 167 8.28 -37.53 2.13
CA SER B 167 7.91 -36.40 1.28
C SER B 167 6.77 -36.74 0.32
N GLY B 168 6.28 -37.99 0.38
CA GLY B 168 5.05 -38.37 -0.30
C GLY B 168 5.21 -39.20 -1.56
N GLU B 169 6.42 -39.34 -2.07
CA GLU B 169 6.65 -40.15 -3.27
C GLU B 169 6.48 -41.62 -2.95
N LEU B 170 6.11 -42.42 -3.96
CA LEU B 170 6.11 -43.87 -3.83
C LEU B 170 7.41 -44.41 -4.39
N HIS B 171 8.22 -45.00 -3.50
CA HIS B 171 9.50 -45.62 -3.85
C HIS B 171 9.28 -47.12 -4.04
N ILE B 172 9.78 -47.66 -5.15
CA ILE B 172 9.66 -49.06 -5.46
C ILE B 172 11.05 -49.60 -5.79
N ARG B 173 11.56 -50.47 -4.94
CA ARG B 173 12.89 -51.06 -5.14
C ARG B 173 12.94 -52.00 -6.34
N GLU B 174 14.10 -52.03 -6.99
CA GLU B 174 14.53 -53.13 -7.84
C GLU B 174 13.41 -53.62 -8.74
N VAL B 175 13.02 -52.75 -9.65
CA VAL B 175 11.85 -52.99 -10.45
C VAL B 175 12.07 -54.19 -11.39
N GLY B 176 11.02 -54.98 -11.58
CA GLY B 176 11.05 -56.09 -12.53
C GLY B 176 9.85 -56.02 -13.46
N PRO B 177 9.88 -56.77 -14.59
CA PRO B 177 8.85 -56.71 -15.62
C PRO B 177 7.42 -56.76 -15.06
N GLU B 178 7.27 -57.39 -13.91
CA GLU B 178 5.97 -57.58 -13.27
C GLU B 178 5.46 -56.26 -12.68
N ASP B 179 6.36 -55.29 -12.51
CA ASP B 179 6.00 -54.03 -11.87
C ASP B 179 5.34 -53.07 -12.86
N GLY B 180 5.48 -53.36 -14.14
CA GLY B 180 4.88 -52.56 -15.18
C GLY B 180 3.43 -52.92 -15.46
N TYR B 181 2.98 -54.03 -14.89
CA TYR B 181 1.58 -54.46 -15.05
C TYR B 181 0.71 -53.84 -13.97
N LYS B 182 1.34 -53.40 -12.88
CA LYS B 182 0.63 -52.73 -11.79
C LYS B 182 0.55 -51.23 -12.04
N SER B 183 -0.49 -50.60 -11.50
CA SER B 183 -0.65 -49.16 -11.62
C SER B 183 -1.05 -48.64 -10.26
N TYR B 184 -0.86 -47.33 -10.04
CA TYR B 184 -0.95 -46.75 -8.72
C TYR B 184 -1.68 -45.42 -8.75
N GLN B 185 -2.49 -45.20 -7.75
CA GLN B 185 -3.12 -43.89 -7.57
C GLN B 185 -2.70 -43.33 -6.22
N CYS B 186 -2.66 -42.00 -6.12
CA CYS B 186 -2.31 -41.37 -4.85
C CYS B 186 -3.55 -40.74 -4.23
N ARG B 187 -3.74 -41.02 -2.95
CA ARG B 187 -4.79 -40.42 -2.14
C ARG B 187 -4.21 -39.20 -1.44
N THR B 188 -4.85 -38.07 -1.65
CA THR B 188 -4.45 -36.82 -1.03
C THR B 188 -5.47 -36.42 0.02
N LYS B 189 -5.02 -35.62 0.98
CA LYS B 189 -5.89 -35.14 2.05
C LYS B 189 -5.71 -33.64 2.27
N HIS B 190 -6.83 -32.93 2.36
CA HIS B 190 -6.86 -31.51 2.64
C HIS B 190 -6.86 -31.35 4.14
N ARG B 191 -5.79 -30.77 4.69
CA ARG B 191 -5.60 -30.77 6.13
C ARG B 191 -6.56 -29.82 6.85
N LEU B 192 -7.17 -28.88 6.15
CA LEU B 192 -8.10 -27.96 6.80
C LEU B 192 -9.55 -28.43 6.79
N THR B 193 -9.91 -29.27 5.83
CA THR B 193 -11.30 -29.75 5.71
C THR B 193 -11.38 -31.24 6.03
N GLY B 194 -10.27 -31.94 5.91
CA GLY B 194 -10.25 -33.39 6.13
C GLY B 194 -10.63 -34.18 4.90
N GLU B 195 -11.02 -33.49 3.83
CA GLU B 195 -11.45 -34.16 2.59
C GLU B 195 -10.32 -34.95 1.90
N THR B 196 -10.60 -36.20 1.56
CA THR B 196 -9.65 -37.01 0.81
C THR B 196 -10.12 -37.20 -0.60
N ARG B 197 -9.15 -37.42 -1.49
CA ARG B 197 -9.39 -37.63 -2.91
C ARG B 197 -8.38 -38.61 -3.45
N LEU B 198 -8.83 -39.47 -4.36
CA LEU B 198 -7.94 -40.39 -5.05
C LEU B 198 -7.75 -39.93 -6.47
N SER B 199 -6.47 -39.79 -6.87
CA SER B 199 -6.13 -39.30 -8.20
C SER B 199 -6.83 -40.09 -9.28
N ALA B 200 -7.39 -39.38 -10.25
CA ALA B 200 -8.22 -39.98 -11.28
C ALA B 200 -7.38 -40.80 -12.25
N THR B 201 -6.18 -40.32 -12.52
CA THR B 201 -5.23 -40.99 -13.40
C THR B 201 -4.50 -42.09 -12.65
N LYS B 202 -4.29 -43.19 -13.34
CA LYS B 202 -3.55 -44.32 -12.80
C LYS B 202 -2.07 -44.18 -13.15
N GLY B 203 -1.24 -44.12 -12.11
CA GLY B 203 0.18 -43.92 -12.26
C GLY B 203 0.81 -45.18 -12.82
N ARG B 204 1.59 -45.02 -13.87
CA ARG B 204 2.19 -46.15 -14.56
C ARG B 204 3.70 -46.11 -14.56
N LEU B 205 4.28 -47.30 -14.44
CA LEU B 205 5.69 -47.55 -14.68
C LEU B 205 5.85 -48.30 -15.99
N VAL B 206 6.85 -47.92 -16.77
CA VAL B 206 7.28 -48.70 -17.92
C VAL B 206 8.69 -49.20 -17.65
N ILE B 207 8.87 -50.51 -17.75
CA ILE B 207 10.13 -51.12 -17.34
C ILE B 207 10.92 -51.50 -18.56
N THR B 208 12.07 -50.87 -18.71
CA THR B 208 12.86 -50.96 -19.91
C THR B 208 13.92 -52.03 -19.73
N GLU B 209 14.33 -52.62 -20.85
CA GLU B 209 15.30 -53.70 -20.83
C GLU B 209 16.39 -53.36 -21.80
N PRO B 210 17.33 -52.49 -21.40
CA PRO B 210 18.32 -52.00 -22.35
C PRO B 210 19.30 -53.09 -22.71
N VAL B 211 19.88 -52.99 -23.88
CA VAL B 211 20.81 -54.01 -24.36
C VAL B 211 22.24 -53.52 -24.22
N GLY B 212 22.47 -52.27 -24.54
CA GLY B 212 23.79 -51.69 -24.32
C GLY B 212 23.95 -51.31 -22.87
N SER B 213 25.19 -51.19 -22.41
CA SER B 213 25.46 -50.62 -21.10
C SER B 213 25.10 -49.14 -21.15
N LYS B 214 24.56 -48.61 -20.06
CA LYS B 214 24.14 -47.21 -19.99
C LYS B 214 24.77 -46.58 -18.76
N ALA B 215 25.63 -45.57 -18.97
CA ALA B 215 26.23 -44.86 -17.84
C ALA B 215 25.12 -44.18 -17.05
N PRO B 216 25.36 -43.90 -15.75
CA PRO B 216 24.24 -43.35 -14.98
C PRO B 216 23.71 -42.05 -15.56
N THR B 217 22.40 -41.88 -15.54
CA THR B 217 21.80 -40.63 -15.96
C THR B 217 20.74 -40.22 -14.93
N PHE B 218 20.68 -38.94 -14.61
CA PHE B 218 19.64 -38.44 -13.70
C PHE B 218 18.37 -38.07 -14.46
N ALA B 219 17.27 -37.94 -13.72
CA ALA B 219 15.98 -37.64 -14.32
C ALA B 219 16.00 -36.26 -14.98
N THR B 220 16.78 -35.34 -14.41
CA THR B 220 16.95 -33.99 -14.94
C THR B 220 18.45 -33.65 -15.06
N ALA B 221 18.79 -32.65 -15.87
CA ALA B 221 20.19 -32.34 -16.13
C ALA B 221 20.82 -31.37 -15.13
N SER B 222 20.00 -30.65 -14.36
CA SER B 222 20.57 -29.73 -13.39
C SER B 222 21.42 -30.47 -12.34
N LYS B 223 22.59 -29.89 -12.05
CA LYS B 223 23.56 -30.53 -11.14
C LYS B 223 23.53 -29.97 -9.71
N ILE B 224 22.64 -29.02 -9.44
CA ILE B 224 22.50 -28.44 -8.10
C ILE B 224 21.04 -28.11 -7.83
N SER B 225 20.60 -28.30 -6.58
CA SER B 225 19.30 -27.83 -6.12
C SER B 225 19.43 -27.43 -4.65
N SER B 226 18.40 -26.76 -4.12
CA SER B 226 18.35 -26.45 -2.70
C SER B 226 17.09 -27.07 -2.16
N LEU B 227 17.16 -27.46 -0.89
CA LEU B 227 16.04 -28.10 -0.22
C LEU B 227 15.91 -27.53 1.17
N LEU B 228 14.67 -27.34 1.58
CA LEU B 228 14.34 -26.85 2.91
C LEU B 228 13.61 -27.94 3.66
N GLY B 229 14.00 -28.17 4.91
CA GLY B 229 13.31 -29.11 5.76
C GLY B 229 13.29 -28.53 7.16
N SER B 230 12.42 -29.04 8.02
CA SER B 230 12.31 -28.52 9.38
C SER B 230 12.88 -29.51 10.39
N SER B 231 13.48 -28.98 11.45
CA SER B 231 14.01 -29.81 12.53
C SER B 231 12.94 -30.76 13.05
N SER B 232 13.37 -31.98 13.35
CA SER B 232 12.53 -33.04 13.92
C SER B 232 11.61 -33.69 12.87
N SER B 233 11.75 -33.30 11.61
CA SER B 233 11.06 -33.99 10.53
C SER B 233 12.01 -35.01 9.89
N ASP B 234 11.45 -35.91 9.08
CA ASP B 234 12.26 -36.85 8.33
C ASP B 234 12.49 -36.28 6.94
N ILE B 235 13.71 -35.81 6.70
CA ILE B 235 14.04 -35.11 5.46
C ILE B 235 14.55 -36.07 4.38
N VAL B 236 13.93 -35.99 3.20
CA VAL B 236 14.23 -36.86 2.07
C VAL B 236 15.07 -36.13 1.04
N LEU B 237 16.26 -36.67 0.75
CA LEU B 237 17.10 -36.16 -0.33
C LEU B 237 17.10 -37.17 -1.46
N LEU B 238 16.42 -36.85 -2.55
CA LEU B 238 16.31 -37.77 -3.67
C LEU B 238 17.59 -37.76 -4.47
N CYS B 239 17.75 -38.81 -5.27
CA CYS B 239 18.91 -38.94 -6.13
C CYS B 239 18.47 -39.84 -7.29
N GLN B 240 17.63 -39.28 -8.15
CA GLN B 240 16.88 -40.06 -9.14
C GLN B 240 17.69 -40.36 -10.38
N ALA B 241 18.56 -41.35 -10.23
CA ALA B 241 19.43 -41.76 -11.32
C ALA B 241 19.16 -43.22 -11.66
N GLN B 242 19.48 -43.58 -12.88
CA GLN B 242 19.34 -44.96 -13.34
C GLN B 242 20.54 -45.33 -14.19
N ALA B 243 20.80 -46.62 -14.30
CA ALA B 243 21.88 -47.11 -15.13
C ALA B 243 21.73 -48.60 -15.39
N PHE B 244 22.42 -49.04 -16.43
CA PHE B 244 22.57 -50.46 -16.73
C PHE B 244 24.03 -50.70 -17.05
N PRO B 245 24.71 -51.54 -16.25
CA PRO B 245 24.29 -52.27 -15.05
C PRO B 245 23.81 -51.37 -13.91
N VAL B 246 22.97 -51.91 -13.04
CA VAL B 246 22.39 -51.15 -11.96
C VAL B 246 23.51 -50.47 -11.17
N PRO B 247 23.36 -49.16 -10.90
CA PRO B 247 24.47 -48.40 -10.29
C PRO B 247 24.57 -48.54 -8.80
N TYR B 248 25.70 -48.14 -8.22
CA TYR B 248 25.77 -48.00 -6.76
C TYR B 248 25.79 -46.49 -6.48
N THR B 249 25.23 -46.13 -5.33
CA THR B 249 25.03 -44.73 -4.94
C THR B 249 25.68 -44.48 -3.59
N ARG B 250 26.49 -43.44 -3.50
CA ARG B 250 27.03 -43.04 -2.22
C ARG B 250 26.85 -41.56 -1.98
N TRP B 251 26.55 -41.25 -0.73
CA TRP B 251 26.31 -39.87 -0.30
C TRP B 251 27.48 -39.32 0.51
N TYR B 252 27.78 -38.06 0.26
CA TYR B 252 28.78 -37.29 1.01
C TYR B 252 28.19 -35.97 1.44
N LYS B 253 28.82 -35.37 2.46
CA LYS B 253 28.47 -34.04 2.90
C LYS B 253 29.71 -33.19 2.98
N PHE B 254 29.71 -32.09 2.23
CA PHE B 254 30.81 -31.14 2.25
C PHE B 254 30.94 -30.45 3.60
N ILE B 255 32.18 -30.31 4.05
CA ILE B 255 32.47 -29.42 5.17
C ILE B 255 32.22 -27.99 4.71
N GLU B 256 31.41 -27.27 5.48
CA GLU B 256 30.92 -25.93 5.11
C GLU B 256 31.98 -25.00 4.52
N GLY B 257 31.75 -24.55 3.30
CA GLY B 257 32.63 -23.60 2.64
C GLY B 257 33.96 -24.21 2.23
N THR B 258 33.94 -25.47 1.81
CA THR B 258 35.16 -26.12 1.33
C THR B 258 34.84 -27.09 0.20
N THR B 259 35.90 -27.54 -0.47
CA THR B 259 35.82 -28.49 -1.57
C THR B 259 36.02 -29.91 -1.05
N ARG B 260 36.13 -30.09 0.26
CA ARG B 260 36.31 -31.43 0.80
C ARG B 260 35.07 -31.93 1.54
N LYS B 261 35.00 -33.26 1.67
CA LYS B 261 33.77 -33.91 2.08
C LYS B 261 34.03 -35.21 2.83
N GLN B 262 33.02 -35.64 3.56
CA GLN B 262 33.05 -36.88 4.30
C GLN B 262 31.87 -37.73 3.87
N ALA B 263 32.09 -39.04 3.76
CA ALA B 263 31.00 -39.97 3.51
C ALA B 263 29.95 -39.86 4.60
N VAL B 264 28.68 -39.88 4.21
CA VAL B 264 27.63 -39.81 5.19
C VAL B 264 27.66 -41.10 5.99
N VAL B 265 27.44 -41.00 7.30
CA VAL B 265 27.41 -42.17 8.16
C VAL B 265 25.98 -42.69 8.33
N LEU B 266 25.70 -43.85 7.75
CA LEU B 266 24.38 -44.46 7.87
C LEU B 266 24.25 -45.16 9.22
N ASN B 267 23.10 -44.99 9.87
CA ASN B 267 22.84 -45.61 11.15
C ASN B 267 21.33 -45.72 11.40
N ASP B 268 20.90 -45.69 12.67
CA ASP B 268 19.48 -45.80 13.02
C ASP B 268 18.68 -44.57 12.63
N ARG B 269 19.38 -43.46 12.45
CA ARG B 269 18.75 -42.17 12.18
C ARG B 269 18.89 -41.78 10.72
N VAL B 270 20.09 -41.93 10.18
CA VAL B 270 20.38 -41.53 8.80
C VAL B 270 20.41 -42.78 7.94
N LYS B 271 19.49 -42.83 7.00
CA LYS B 271 19.21 -44.05 6.25
C LYS B 271 19.33 -43.80 4.75
N GLN B 272 19.69 -44.86 4.02
CA GLN B 272 19.72 -44.83 2.58
C GLN B 272 18.81 -45.92 2.03
N VAL B 273 17.93 -45.54 1.11
CA VAL B 273 16.93 -46.43 0.52
C VAL B 273 17.18 -46.42 -0.97
N SER B 274 17.88 -47.44 -1.44
CA SER B 274 18.41 -47.49 -2.79
C SER B 274 19.30 -46.27 -3.01
N GLY B 275 18.88 -45.31 -3.84
CA GLY B 275 19.66 -44.11 -4.08
C GLY B 275 19.29 -42.94 -3.18
N THR B 276 18.26 -43.11 -2.36
CA THR B 276 17.63 -42.01 -1.63
C THR B 276 18.14 -41.93 -0.19
N LEU B 277 18.50 -40.73 0.25
CA LEU B 277 18.96 -40.49 1.62
C LEU B 277 17.83 -39.89 2.42
N ILE B 278 17.58 -40.47 3.59
CA ILE B 278 16.57 -39.96 4.51
C ILE B 278 17.21 -39.65 5.86
N ILE B 279 17.22 -38.37 6.22
CA ILE B 279 17.75 -37.88 7.48
C ILE B 279 16.61 -37.78 8.48
N LYS B 280 16.48 -38.78 9.35
CA LYS B 280 15.35 -38.80 10.27
C LYS B 280 15.61 -37.87 11.46
N ASP B 281 14.53 -37.45 12.11
CA ASP B 281 14.58 -36.55 13.26
C ASP B 281 15.63 -35.47 13.03
N ALA B 282 15.44 -34.65 12.00
CA ALA B 282 16.49 -33.75 11.56
C ALA B 282 16.83 -32.71 12.62
N VAL B 283 18.09 -32.31 12.66
CA VAL B 283 18.55 -31.21 13.49
C VAL B 283 19.26 -30.19 12.62
N VAL B 284 19.44 -28.99 13.14
CA VAL B 284 20.02 -27.91 12.37
C VAL B 284 21.41 -28.24 11.81
N GLU B 285 22.17 -29.03 12.55
CA GLU B 285 23.51 -29.47 12.15
C GLU B 285 23.51 -30.33 10.87
N ASP B 286 22.37 -30.92 10.52
CA ASP B 286 22.27 -31.71 9.30
C ASP B 286 22.32 -30.82 8.07
N SER B 287 22.18 -29.51 8.28
CA SER B 287 22.28 -28.54 7.19
C SER B 287 23.65 -28.63 6.54
N GLY B 288 23.71 -28.35 5.24
CA GLY B 288 24.95 -28.43 4.49
C GLY B 288 24.72 -28.80 3.03
N LYS B 289 25.81 -28.87 2.27
CA LYS B 289 25.73 -29.26 0.87
C LYS B 289 26.06 -30.73 0.78
N TYR B 290 25.14 -31.47 0.18
CA TYR B 290 25.31 -32.90 0.02
C TYR B 290 25.65 -33.21 -1.40
N LEU B 291 26.32 -34.34 -1.58
CA LEU B 291 26.74 -34.82 -2.88
C LEU B 291 26.29 -36.26 -3.05
N CYS B 292 25.49 -36.50 -4.08
CA CYS B 292 25.09 -37.85 -4.43
C CYS B 292 25.94 -38.30 -5.59
N VAL B 293 26.65 -39.41 -5.40
CA VAL B 293 27.55 -39.93 -6.43
C VAL B 293 27.08 -41.29 -6.89
N VAL B 294 26.80 -41.41 -8.19
CA VAL B 294 26.25 -42.63 -8.77
C VAL B 294 27.23 -43.20 -9.81
N ASN B 295 27.66 -44.44 -9.61
CA ASN B 295 28.60 -45.08 -10.54
C ASN B 295 28.15 -46.48 -10.98
N ASN B 296 28.49 -46.84 -12.20
CA ASN B 296 28.56 -48.24 -12.59
C ASN B 296 29.82 -48.49 -13.42
N SER B 297 29.85 -49.60 -14.18
CA SER B 297 30.97 -49.95 -15.05
C SER B 297 31.28 -48.89 -16.10
N VAL B 298 30.24 -48.24 -16.61
CA VAL B 298 30.36 -47.38 -17.79
C VAL B 298 30.74 -45.95 -17.43
N GLY B 299 30.60 -45.59 -16.16
CA GLY B 299 30.89 -44.23 -15.73
C GLY B 299 30.19 -43.81 -14.45
N GLY B 300 30.15 -42.50 -14.24
CA GLY B 300 29.66 -41.94 -12.99
C GLY B 300 29.11 -40.55 -13.19
N GLU B 301 28.18 -40.17 -12.32
CA GLU B 301 27.61 -38.83 -12.33
C GLU B 301 27.37 -38.40 -10.89
N SER B 302 27.47 -37.09 -10.65
CA SER B 302 27.26 -36.57 -9.31
C SER B 302 26.38 -35.31 -9.33
N VAL B 303 25.57 -35.18 -8.29
CA VAL B 303 24.67 -34.07 -8.15
C VAL B 303 24.70 -33.54 -6.71
N GLU B 304 24.62 -32.21 -6.60
CA GLU B 304 24.64 -31.55 -5.31
C GLU B 304 23.26 -31.11 -4.83
N THR B 305 23.06 -31.17 -3.51
CA THR B 305 21.84 -30.66 -2.89
C THR B 305 22.20 -29.82 -1.66
N VAL B 306 21.79 -28.55 -1.67
CA VAL B 306 21.99 -27.67 -0.52
C VAL B 306 20.80 -27.71 0.41
N LEU B 307 20.98 -28.38 1.54
CA LEU B 307 19.94 -28.51 2.54
C LEU B 307 20.02 -27.46 3.63
N THR B 308 18.88 -26.84 3.92
CA THR B 308 18.76 -25.97 5.09
C THR B 308 17.73 -26.57 5.99
N VAL B 309 18.15 -26.89 7.21
CA VAL B 309 17.23 -27.40 8.21
C VAL B 309 16.86 -26.24 9.14
N THR B 310 15.58 -25.90 9.16
CA THR B 310 15.09 -24.79 9.97
C THR B 310 14.79 -25.25 11.38
N ALA B 311 14.80 -24.30 12.32
CA ALA B 311 14.41 -24.57 13.69
C ALA B 311 13.56 -23.42 14.22
N PRO B 312 12.62 -23.71 15.14
CA PRO B 312 11.68 -22.69 15.65
C PRO B 312 12.39 -21.56 16.34
N LEU B 313 11.92 -20.34 16.08
CA LEU B 313 12.54 -19.14 16.62
C LEU B 313 12.09 -18.88 18.04
N SER B 314 12.99 -18.32 18.83
CA SER B 314 12.66 -17.87 20.16
C SER B 314 13.71 -16.87 20.57
N ALA B 315 13.37 -16.05 21.56
CA ALA B 315 14.27 -15.00 21.95
C ALA B 315 14.09 -14.69 23.42
N LYS B 316 15.13 -14.11 24.00
CA LYS B 316 15.03 -13.61 25.36
C LYS B 316 15.97 -12.41 25.47
N ILE B 317 15.68 -11.53 26.42
CA ILE B 317 16.52 -10.35 26.58
C ILE B 317 17.28 -10.47 27.90
N ASP B 318 18.58 -10.20 27.82
CA ASP B 318 19.43 -10.06 28.99
C ASP B 318 19.67 -8.58 29.26
N PRO B 319 19.21 -8.07 30.41
CA PRO B 319 18.44 -8.65 31.51
C PRO B 319 16.95 -8.43 31.32
N PRO B 320 16.09 -9.24 31.96
CA PRO B 320 14.64 -9.05 31.93
C PRO B 320 14.23 -7.71 32.51
N THR B 321 14.98 -7.22 33.49
CA THR B 321 14.69 -5.91 34.01
C THR B 321 15.97 -5.27 34.50
N GLN B 322 16.04 -3.95 34.40
CA GLN B 322 17.18 -3.20 34.91
C GLN B 322 16.74 -1.81 35.35
N THR B 323 17.37 -1.35 36.44
CA THR B 323 17.10 -0.02 36.96
C THR B 323 18.37 0.80 36.80
N VAL B 324 18.26 1.86 36.01
CA VAL B 324 19.42 2.60 35.57
C VAL B 324 19.24 4.06 36.00
N ASP B 325 20.32 4.66 36.51
CA ASP B 325 20.33 6.04 36.96
C ASP B 325 20.35 7.00 35.78
N PHE B 326 19.86 8.22 35.96
CA PHE B 326 19.87 9.19 34.88
C PHE B 326 21.30 9.45 34.45
N GLY B 327 21.51 9.60 33.15
CA GLY B 327 22.82 9.89 32.63
C GLY B 327 23.67 8.67 32.34
N ARG B 328 23.25 7.52 32.88
CA ARG B 328 23.95 6.25 32.72
C ARG B 328 23.29 5.37 31.64
N PRO B 329 24.05 4.44 31.03
CA PRO B 329 23.47 3.68 29.91
C PRO B 329 22.58 2.52 30.32
N ALA B 330 21.63 2.18 29.45
CA ALA B 330 20.87 0.93 29.59
C ALA B 330 21.20 0.07 28.39
N VAL B 331 21.42 -1.21 28.62
CA VAL B 331 21.86 -2.11 27.55
C VAL B 331 21.00 -3.34 27.57
N PHE B 332 20.54 -3.73 26.39
CA PHE B 332 19.68 -4.90 26.24
C PHE B 332 20.30 -5.80 25.21
N THR B 333 20.42 -7.08 25.54
CA THR B 333 21.01 -8.04 24.62
C THR B 333 19.97 -9.09 24.23
N CYS B 334 19.68 -9.14 22.94
CA CYS B 334 18.75 -10.12 22.41
C CYS B 334 19.45 -11.45 22.18
N GLN B 335 19.06 -12.44 22.98
CA GLN B 335 19.57 -13.79 22.87
C GLN B 335 18.55 -14.63 22.14
N TYR B 336 18.91 -15.21 21.01
CA TYR B 336 17.90 -15.94 20.24
C TYR B 336 18.39 -17.30 19.79
N THR B 337 17.41 -18.15 19.48
CA THR B 337 17.67 -19.47 18.94
C THR B 337 16.72 -19.68 17.76
N GLY B 338 17.00 -20.71 16.97
CA GLY B 338 16.24 -20.97 15.77
C GLY B 338 17.10 -20.74 14.55
N ASN B 339 16.54 -21.05 13.39
CA ASN B 339 17.28 -21.01 12.15
C ASN B 339 16.33 -21.05 10.98
N PRO B 340 16.53 -20.19 9.97
CA PRO B 340 17.50 -19.09 9.93
C PRO B 340 17.02 -17.92 10.77
N ILE B 341 17.90 -16.95 10.99
CA ILE B 341 17.51 -15.65 11.50
C ILE B 341 17.74 -14.62 10.40
N LYS B 342 16.67 -14.08 9.83
CA LYS B 342 16.84 -13.12 8.75
C LYS B 342 17.08 -11.74 9.31
N THR B 343 16.20 -11.33 10.22
CA THR B 343 16.28 -10.00 10.81
C THR B 343 16.13 -10.02 12.31
N VAL B 344 16.81 -9.07 12.93
CA VAL B 344 16.57 -8.69 14.31
C VAL B 344 16.11 -7.24 14.29
N SER B 345 15.09 -6.94 15.07
CA SER B 345 14.59 -5.57 15.19
C SER B 345 14.20 -5.27 16.63
N TRP B 346 14.07 -3.98 16.96
CA TRP B 346 13.73 -3.56 18.32
C TRP B 346 12.51 -2.65 18.36
N MET B 347 11.78 -2.77 19.47
CA MET B 347 10.66 -1.89 19.78
C MET B 347 10.79 -1.33 21.18
N LYS B 348 10.22 -0.15 21.37
CA LYS B 348 10.07 0.43 22.68
C LYS B 348 8.61 0.85 22.81
N ASP B 349 7.89 0.23 23.74
CA ASP B 349 6.49 0.53 23.97
C ASP B 349 5.69 0.51 22.67
N GLY B 350 5.81 -0.57 21.92
CA GLY B 350 4.95 -0.78 20.77
C GLY B 350 5.33 0.02 19.53
N LYS B 351 6.47 0.73 19.60
CA LYS B 351 6.93 1.48 18.44
C LYS B 351 8.38 1.16 18.10
N ALA B 352 8.64 1.08 16.80
CA ALA B 352 9.92 0.62 16.30
C ALA B 352 11.07 1.55 16.66
N ILE B 353 12.21 0.93 16.95
CA ILE B 353 13.49 1.61 17.01
C ILE B 353 14.28 1.24 15.76
N GLY B 354 14.96 2.22 15.18
CA GLY B 354 15.74 1.98 13.97
C GLY B 354 17.06 1.28 14.24
N HIS B 355 16.97 0.12 14.89
CA HIS B 355 18.15 -0.67 15.24
C HIS B 355 17.95 -2.13 14.83
N SER B 356 18.93 -2.70 14.14
CA SER B 356 18.85 -4.07 13.64
C SER B 356 20.02 -4.93 14.11
N GLU B 357 20.60 -4.54 15.25
CA GLU B 357 21.68 -5.31 15.85
C GLU B 357 21.20 -5.97 17.13
N PRO B 358 21.84 -7.08 17.53
CA PRO B 358 21.33 -7.81 18.70
C PRO B 358 21.52 -7.12 20.05
N VAL B 359 22.37 -6.10 20.12
CA VAL B 359 22.54 -5.33 21.36
C VAL B 359 21.99 -3.93 21.19
N LEU B 360 20.95 -3.62 21.97
CA LEU B 360 20.39 -2.28 22.03
C LEU B 360 21.01 -1.50 23.19
N ARG B 361 21.58 -0.34 22.86
CA ARG B 361 22.21 0.53 23.83
C ARG B 361 21.46 1.88 23.88
N ILE B 362 21.07 2.30 25.09
CA ILE B 362 20.58 3.67 25.31
C ILE B 362 21.65 4.43 26.09
N GLU B 363 22.36 5.33 25.41
CA GLU B 363 23.59 5.91 25.96
C GLU B 363 23.39 6.61 27.29
N SER B 364 22.43 7.53 27.33
CA SER B 364 22.18 8.32 28.53
C SER B 364 20.71 8.36 28.87
N VAL B 365 20.33 7.62 29.91
CA VAL B 365 18.93 7.45 30.26
C VAL B 365 18.31 8.77 30.72
N LYS B 366 17.05 8.96 30.35
CA LYS B 366 16.25 10.10 30.76
C LYS B 366 14.90 9.58 31.26
N LYS B 367 14.00 10.47 31.65
CA LYS B 367 12.71 10.07 32.19
C LYS B 367 11.90 9.25 31.18
N GLU B 368 11.92 9.68 29.93
CA GLU B 368 11.07 9.10 28.90
C GLU B 368 11.66 7.84 28.26
N ASP B 369 12.81 7.41 28.76
CA ASP B 369 13.45 6.17 28.31
C ASP B 369 12.86 4.97 29.01
N LYS B 370 12.19 5.20 30.14
CA LYS B 370 11.61 4.10 30.91
C LYS B 370 10.46 3.48 30.12
N GLY B 371 10.17 2.22 30.42
CA GLY B 371 9.11 1.50 29.75
C GLY B 371 9.57 0.16 29.25
N MET B 372 8.82 -0.39 28.31
CA MET B 372 9.04 -1.76 27.86
C MET B 372 9.86 -1.77 26.60
N TYR B 373 10.77 -2.72 26.54
CA TYR B 373 11.63 -2.87 25.39
C TYR B 373 11.45 -4.27 24.82
N GLN B 374 11.55 -4.39 23.51
CA GLN B 374 11.41 -5.68 22.83
C GLN B 374 12.40 -5.86 21.70
N CYS B 375 12.82 -7.11 21.52
CA CYS B 375 13.50 -7.50 20.31
C CYS B 375 12.65 -8.56 19.61
N PHE B 376 12.68 -8.51 18.28
CA PHE B 376 11.92 -9.42 17.44
C PHE B 376 12.89 -10.10 16.52
N VAL B 377 12.80 -11.41 16.41
CA VAL B 377 13.62 -12.13 15.46
C VAL B 377 12.67 -12.72 14.43
N ARG B 378 13.05 -12.64 13.15
CA ARG B 378 12.17 -13.07 12.06
C ARG B 378 12.94 -13.83 10.96
N ASN B 379 12.21 -14.72 10.31
CA ASN B 379 12.65 -15.27 9.04
C ASN B 379 11.41 -15.40 8.13
N ASP B 380 11.55 -16.11 7.01
CA ASP B 380 10.46 -16.15 6.03
C ASP B 380 9.20 -16.81 6.58
N GLN B 381 9.38 -17.77 7.48
CA GLN B 381 8.27 -18.56 7.99
C GLN B 381 7.78 -18.13 9.38
N GLU B 382 8.59 -17.41 10.13
CA GLU B 382 8.39 -17.28 11.58
C GLU B 382 8.84 -15.95 12.19
N SER B 383 8.24 -15.60 13.32
CA SER B 383 8.74 -14.51 14.15
C SER B 383 8.63 -14.89 15.62
N ALA B 384 9.49 -14.29 16.44
CA ALA B 384 9.43 -14.48 17.88
C ALA B 384 9.81 -13.16 18.56
N GLU B 385 9.26 -12.91 19.75
CA GLU B 385 9.59 -11.71 20.51
C GLU B 385 10.06 -12.03 21.91
N ALA B 386 10.83 -11.10 22.46
CA ALA B 386 11.20 -11.08 23.86
C ALA B 386 10.98 -9.67 24.36
N SER B 387 10.65 -9.56 25.64
CA SER B 387 10.38 -8.26 26.25
C SER B 387 11.27 -8.03 27.48
N ALA B 388 11.51 -6.76 27.77
CA ALA B 388 12.29 -6.39 28.95
C ALA B 388 11.77 -5.06 29.44
N GLU B 389 12.10 -4.73 30.69
CA GLU B 389 11.64 -3.48 31.28
C GLU B 389 12.81 -2.65 31.76
N LEU B 390 12.73 -1.34 31.54
CA LEU B 390 13.70 -0.41 32.09
C LEU B 390 13.02 0.47 33.15
N LYS B 391 13.51 0.40 34.39
CA LYS B 391 13.04 1.28 35.48
C LYS B 391 14.07 2.38 35.75
N LEU B 392 13.65 3.45 36.42
CA LEU B 392 14.52 4.59 36.68
C LEU B 392 15.10 4.54 38.09
N GLY B 393 16.38 4.89 38.21
CA GLY B 393 17.05 4.89 39.50
C GLY B 393 17.03 6.27 40.15
N GLN C 5 7.84 22.31 -41.57
CA GLN C 5 6.65 23.04 -42.08
C GLN C 5 5.67 23.45 -40.98
N LYS C 6 5.93 23.03 -39.74
CA LYS C 6 4.99 23.25 -38.65
C LYS C 6 5.63 23.16 -37.26
N GLY C 7 5.36 24.15 -36.41
CA GLY C 7 5.79 24.11 -35.02
C GLY C 7 5.11 23.00 -34.24
N PRO C 8 5.58 22.73 -33.01
CA PRO C 8 5.05 21.58 -32.26
C PRO C 8 3.71 21.88 -31.57
N VAL C 9 2.88 20.85 -31.48
CA VAL C 9 1.61 20.92 -30.75
C VAL C 9 1.46 19.63 -29.97
N PHE C 10 0.88 19.72 -28.78
CA PHE C 10 0.72 18.53 -27.96
C PHE C 10 -0.46 17.68 -28.43
N LEU C 11 -0.17 16.41 -28.72
CA LEU C 11 -1.20 15.42 -28.97
C LEU C 11 -1.79 15.01 -27.63
N LYS C 12 -0.93 14.50 -26.76
CA LYS C 12 -1.33 14.09 -25.41
C LYS C 12 -0.42 14.77 -24.38
N GLU C 13 -1.04 15.38 -23.37
CA GLU C 13 -0.34 15.94 -22.23
C GLU C 13 -0.66 15.12 -20.99
N PRO C 14 0.34 14.84 -20.16
CA PRO C 14 0.01 14.19 -18.88
C PRO C 14 -0.89 15.08 -18.04
N THR C 15 -1.70 14.49 -17.15
CA THR C 15 -2.66 15.22 -16.34
C THR C 15 -1.97 15.98 -15.22
N ASN C 16 -2.71 16.85 -14.54
CA ASN C 16 -2.13 17.68 -13.51
C ASN C 16 -1.67 16.88 -12.34
N ARG C 17 -2.38 15.78 -12.05
CA ARG C 17 -2.14 15.04 -10.82
C ARG C 17 -1.82 13.60 -11.15
N ILE C 18 -0.64 13.17 -10.73
CA ILE C 18 -0.20 11.80 -10.85
C ILE C 18 0.05 11.26 -9.45
N ASP C 19 -0.98 10.68 -8.85
CA ASP C 19 -0.89 10.13 -7.50
C ASP C 19 -0.79 8.61 -7.54
N PHE C 20 0.17 8.04 -6.80
CA PHE C 20 0.35 6.59 -6.86
C PHE C 20 1.03 6.05 -5.62
N SER C 21 0.71 4.80 -5.31
CA SER C 21 1.36 4.09 -4.23
C SER C 21 2.79 3.70 -4.62
N ASN C 22 3.70 3.70 -3.65
CA ASN C 22 5.03 3.20 -3.88
C ASN C 22 5.01 1.76 -4.33
N SER C 23 3.92 1.04 -4.04
CA SER C 23 3.84 -0.38 -4.40
C SER C 23 3.43 -0.59 -5.86
N THR C 24 2.92 0.46 -6.49
CA THR C 24 2.37 0.39 -7.84
C THR C 24 3.28 1.05 -8.86
N GLY C 25 3.89 2.17 -8.47
CA GLY C 25 4.66 3.00 -9.38
C GLY C 25 3.73 3.70 -10.36
N ALA C 26 4.32 4.41 -11.32
CA ALA C 26 3.52 5.14 -12.30
C ALA C 26 4.31 5.39 -13.57
N GLU C 27 3.58 5.77 -14.59
CA GLU C 27 4.11 6.03 -15.91
C GLU C 27 3.41 7.26 -16.44
N ILE C 28 4.15 8.23 -16.96
CA ILE C 28 3.50 9.39 -17.58
C ILE C 28 4.06 9.59 -18.97
N GLU C 29 3.17 10.00 -19.87
CA GLU C 29 3.43 9.97 -21.28
C GLU C 29 3.27 11.34 -21.85
N CYS C 30 4.04 11.63 -22.88
CA CYS C 30 3.98 12.91 -23.57
C CYS C 30 4.16 12.68 -25.07
N LYS C 31 3.14 13.05 -25.84
CA LYS C 31 3.18 12.96 -27.30
C LYS C 31 2.90 14.33 -27.90
N ALA C 32 3.67 14.68 -28.92
CA ALA C 32 3.49 15.93 -29.65
C ALA C 32 3.86 15.75 -31.10
N SER C 33 3.10 16.38 -31.99
CA SER C 33 3.37 16.33 -33.43
C SER C 33 3.98 17.62 -33.93
N GLY C 34 4.48 17.59 -35.15
CA GLY C 34 5.07 18.74 -35.81
C GLY C 34 5.88 18.26 -37.00
N ASN C 35 6.43 19.20 -37.76
CA ASN C 35 7.25 18.87 -38.93
C ASN C 35 8.48 19.78 -39.02
N PRO C 36 9.68 19.23 -38.77
CA PRO C 36 9.96 17.84 -38.42
C PRO C 36 9.38 17.46 -37.05
N MET C 37 9.37 16.16 -36.75
CA MET C 37 8.83 15.69 -35.50
C MET C 37 9.64 16.27 -34.34
N PRO C 38 8.94 16.85 -33.34
CA PRO C 38 9.68 17.44 -32.22
C PRO C 38 10.25 16.36 -31.28
N GLU C 39 11.35 16.71 -30.61
CA GLU C 39 11.87 15.86 -29.55
C GLU C 39 11.14 16.16 -28.24
N ILE C 40 11.01 15.14 -27.40
CA ILE C 40 10.34 15.25 -26.11
C ILE C 40 11.37 15.24 -24.97
N ILE C 41 11.38 16.30 -24.18
CA ILE C 41 12.31 16.47 -23.06
C ILE C 41 11.54 16.67 -21.76
N TRP C 42 11.90 15.93 -20.74
CA TRP C 42 11.32 16.09 -19.42
C TRP C 42 12.13 17.09 -18.59
N ILE C 43 11.40 18.04 -18.01
CA ILE C 43 12.00 19.07 -17.16
C ILE C 43 11.28 19.19 -15.85
N ARG C 44 11.88 19.95 -14.94
CA ARG C 44 11.25 20.36 -13.70
C ARG C 44 10.56 21.70 -13.94
N SER C 45 9.71 22.12 -13.00
CA SER C 45 9.02 23.38 -13.16
C SER C 45 10.01 24.55 -13.29
N ASP C 46 11.19 24.32 -12.74
N ASP C 46 11.24 24.42 -12.81
CA ASP C 46 12.39 25.14 -12.85
CA ASP C 46 12.18 25.53 -12.99
C ASP C 46 12.81 25.44 -14.29
C ASP C 46 12.90 25.46 -14.33
N GLY C 47 12.57 24.46 -15.15
CA GLY C 47 13.12 24.40 -16.49
C GLY C 47 14.31 23.46 -16.63
N THR C 48 14.85 22.99 -15.49
CA THR C 48 16.03 22.15 -15.51
C THR C 48 15.71 20.75 -16.03
N ALA C 49 16.68 20.15 -16.72
CA ALA C 49 16.53 18.85 -17.31
C ALA C 49 16.40 17.75 -16.25
N VAL C 50 15.51 16.80 -16.53
CA VAL C 50 15.33 15.64 -15.66
C VAL C 50 16.01 14.44 -16.27
N GLY C 51 16.75 13.72 -15.45
CA GLY C 51 17.41 12.50 -15.87
C GLY C 51 16.96 11.32 -15.06
N ASP C 52 17.60 10.19 -15.28
CA ASP C 52 17.32 8.98 -14.53
C ASP C 52 17.82 9.07 -13.10
N VAL C 53 17.09 8.39 -12.23
CA VAL C 53 17.54 8.09 -10.88
C VAL C 53 17.39 6.56 -10.70
N PRO C 54 18.53 5.85 -10.55
CA PRO C 54 18.49 4.38 -10.53
C PRO C 54 17.45 3.85 -9.57
N GLY C 55 16.52 3.07 -10.11
CA GLY C 55 15.48 2.43 -9.33
C GLY C 55 14.26 3.28 -9.03
N LEU C 56 14.32 4.59 -9.29
CA LEU C 56 13.26 5.51 -8.88
C LEU C 56 12.66 6.31 -10.02
N ARG C 57 13.45 6.62 -11.05
CA ARG C 57 12.95 7.42 -12.15
C ARG C 57 13.70 7.08 -13.44
N GLN C 58 12.97 6.82 -14.52
CA GLN C 58 13.54 6.39 -15.78
C GLN C 58 12.85 7.06 -16.94
N ILE C 59 13.62 7.63 -17.84
CA ILE C 59 13.08 8.16 -19.08
C ILE C 59 13.22 7.06 -20.10
N SER C 60 12.12 6.62 -20.68
CA SER C 60 12.16 5.45 -21.56
C SER C 60 12.50 5.83 -23.00
N SER C 61 12.53 4.83 -23.88
CA SER C 61 12.88 5.08 -25.28
C SER C 61 11.83 5.97 -25.94
N ASP C 62 10.56 5.58 -25.77
CA ASP C 62 9.45 6.33 -26.37
C ASP C 62 9.15 7.60 -25.58
N GLY C 63 10.02 7.95 -24.63
CA GLY C 63 9.96 9.23 -23.97
C GLY C 63 8.90 9.33 -22.88
N LYS C 64 8.51 8.18 -22.33
CA LYS C 64 7.70 8.15 -21.12
C LYS C 64 8.60 8.47 -19.93
N LEU C 65 8.02 9.04 -18.88
CA LEU C 65 8.70 9.22 -17.60
C LEU C 65 8.13 8.19 -16.64
N VAL C 66 8.99 7.34 -16.12
CA VAL C 66 8.58 6.18 -15.36
C VAL C 66 9.08 6.23 -13.93
N PHE C 67 8.17 5.97 -13.00
CA PHE C 67 8.48 5.85 -11.58
C PHE C 67 8.20 4.41 -11.17
N PRO C 68 9.25 3.60 -11.06
CA PRO C 68 9.04 2.20 -10.68
C PRO C 68 8.54 2.07 -9.25
N PRO C 69 7.94 0.92 -8.93
CA PRO C 69 7.58 0.69 -7.53
C PRO C 69 8.84 0.76 -6.68
N PHE C 70 8.73 1.18 -5.42
CA PHE C 70 9.93 1.34 -4.60
C PHE C 70 9.69 1.08 -3.13
N ARG C 71 10.76 0.75 -2.42
CA ARG C 71 10.67 0.56 -0.97
C ARG C 71 10.47 1.92 -0.32
N ALA C 72 9.68 1.95 0.75
CA ALA C 72 9.42 3.18 1.49
C ALA C 72 10.72 3.87 1.91
N GLU C 73 11.70 3.06 2.30
CA GLU C 73 13.02 3.55 2.66
C GLU C 73 13.65 4.41 1.56
N ASP C 74 13.25 4.17 0.31
CA ASP C 74 13.88 4.82 -0.84
C ASP C 74 13.14 6.07 -1.33
N TYR C 75 12.11 6.48 -0.61
CA TYR C 75 11.42 7.71 -0.95
C TYR C 75 12.40 8.88 -1.05
N ARG C 76 12.24 9.71 -2.08
CA ARG C 76 13.02 10.93 -2.21
C ARG C 76 12.10 12.06 -2.62
N GLN C 77 12.00 13.08 -1.78
CA GLN C 77 11.11 14.20 -2.06
C GLN C 77 11.34 14.80 -3.46
N GLU C 78 12.58 14.97 -3.88
CA GLU C 78 12.85 15.62 -5.17
C GLU C 78 12.45 14.75 -6.36
N VAL C 79 12.22 13.46 -6.12
CA VAL C 79 11.74 12.55 -7.16
C VAL C 79 10.22 12.38 -7.08
N HIS C 80 9.75 12.13 -5.86
CA HIS C 80 8.41 11.59 -5.62
C HIS C 80 7.36 12.61 -5.21
N ALA C 81 7.80 13.83 -4.97
CA ALA C 81 6.90 14.91 -4.59
C ALA C 81 7.38 16.16 -5.33
N GLN C 82 7.20 16.14 -6.63
CA GLN C 82 7.89 17.05 -7.52
C GLN C 82 6.97 17.46 -8.65
N VAL C 83 7.07 18.70 -9.11
CA VAL C 83 6.35 19.13 -10.30
C VAL C 83 7.28 18.97 -11.50
N TYR C 84 6.77 18.30 -12.52
CA TYR C 84 7.47 18.03 -13.77
C TYR C 84 6.69 18.66 -14.93
N ALA C 85 7.33 18.69 -16.09
CA ALA C 85 6.69 19.13 -17.33
C ALA C 85 7.38 18.49 -18.50
N CYS C 86 6.63 18.34 -19.60
CA CYS C 86 7.17 17.87 -20.85
C CYS C 86 7.44 19.06 -21.76
N LEU C 87 8.59 19.08 -22.40
CA LEU C 87 8.94 20.13 -23.34
C LEU C 87 9.07 19.49 -24.70
N ALA C 88 8.40 20.07 -25.69
CA ALA C 88 8.47 19.55 -27.06
C ALA C 88 9.07 20.63 -27.93
N ARG C 89 10.02 20.25 -28.77
CA ARG C 89 10.61 21.25 -29.65
C ARG C 89 11.17 20.69 -30.95
N ASN C 90 11.07 21.53 -31.97
CA ASN C 90 11.76 21.33 -33.24
C ASN C 90 12.34 22.68 -33.65
N GLN C 91 12.80 22.77 -34.89
CA GLN C 91 13.54 23.96 -35.32
C GLN C 91 12.73 25.24 -35.19
N PHE C 92 11.40 25.14 -35.25
CA PHE C 92 10.55 26.31 -35.24
C PHE C 92 10.35 26.86 -33.84
N GLY C 93 10.33 25.99 -32.83
CA GLY C 93 10.27 26.48 -31.46
C GLY C 93 9.98 25.42 -30.41
N SER C 94 9.72 25.89 -29.20
CA SER C 94 9.49 25.04 -28.03
C SER C 94 8.15 25.34 -27.32
N ILE C 95 7.44 24.29 -26.94
CA ILE C 95 6.31 24.43 -26.02
C ILE C 95 6.47 23.53 -24.80
N ILE C 96 5.90 23.96 -23.67
CA ILE C 96 5.98 23.25 -22.39
C ILE C 96 4.58 22.87 -21.95
N SER C 97 4.40 21.65 -21.44
CA SER C 97 3.10 21.18 -21.00
C SER C 97 2.62 21.88 -19.74
N ARG C 98 1.34 21.67 -19.40
CA ARG C 98 0.84 22.00 -18.09
C ARG C 98 1.70 21.31 -17.02
N ASP C 99 1.62 21.80 -15.79
CA ASP C 99 2.37 21.22 -14.68
C ASP C 99 1.88 19.82 -14.45
N VAL C 100 2.81 18.93 -14.11
CA VAL C 100 2.48 17.55 -13.75
C VAL C 100 2.95 17.32 -12.33
N HIS C 101 1.98 17.22 -11.42
CA HIS C 101 2.29 17.02 -10.01
C HIS C 101 2.38 15.53 -9.69
N VAL C 102 3.61 15.08 -9.45
CA VAL C 102 3.89 13.68 -9.18
C VAL C 102 3.89 13.51 -7.69
N ARG C 103 3.05 12.60 -7.19
CA ARG C 103 2.96 12.35 -5.78
C ARG C 103 2.91 10.87 -5.48
N ALA C 104 4.05 10.32 -5.05
CA ALA C 104 4.07 8.95 -4.56
C ALA C 104 3.65 8.95 -3.10
N VAL C 105 2.95 7.89 -2.71
CA VAL C 105 2.34 7.80 -1.38
C VAL C 105 2.68 6.44 -0.77
N VAL C 106 3.23 6.50 0.42
CA VAL C 106 3.65 5.34 1.19
C VAL C 106 2.54 5.05 2.21
N ASN C 107 2.57 3.85 2.81
CA ASN C 107 1.58 3.50 3.83
C ASN C 107 1.69 4.41 5.03
N GLN C 108 0.54 4.80 5.58
CA GLN C 108 0.58 5.53 6.84
C GLN C 108 -0.43 5.00 7.86
N PHE C 109 -0.09 5.15 9.13
CA PHE C 109 -0.95 4.78 10.25
C PHE C 109 -2.19 5.68 10.28
N TYR C 110 -3.37 5.07 10.18
CA TYR C 110 -4.61 5.84 10.37
C TYR C 110 -5.69 4.97 11.01
N GLU C 111 -6.51 5.59 11.86
CA GLU C 111 -7.70 4.97 12.44
C GLU C 111 -8.87 5.93 12.30
N ALA C 112 -9.93 5.49 11.62
CA ALA C 112 -11.13 6.33 11.52
C ALA C 112 -11.92 6.24 12.83
N GLU C 113 -12.54 7.33 13.25
CA GLU C 113 -13.40 7.22 14.42
C GLU C 113 -14.69 7.96 14.21
N ILE C 114 -15.70 7.58 15.00
CA ILE C 114 -17.04 8.07 14.83
C ILE C 114 -17.53 8.68 16.15
N MET C 115 -17.75 9.98 16.15
CA MET C 115 -18.20 10.63 17.36
C MET C 115 -19.66 10.25 17.64
N THR C 116 -19.95 10.02 18.91
CA THR C 116 -21.33 9.78 19.38
C THR C 116 -22.20 11.01 19.15
N GLU C 117 -23.38 10.78 18.58
CA GLU C 117 -24.34 11.82 18.26
C GLU C 117 -25.58 11.71 19.16
N TYR C 118 -25.87 12.79 19.86
CA TYR C 118 -27.15 12.96 20.55
C TYR C 118 -28.16 13.63 19.63
N VAL C 119 -29.31 13.01 19.51
CA VAL C 119 -30.29 13.41 18.52
C VAL C 119 -31.68 13.41 19.14
N ILE C 120 -32.35 14.56 19.11
CA ILE C 120 -33.75 14.66 19.54
C ILE C 120 -34.65 13.79 18.70
N ARG C 121 -35.50 13.01 19.36
CA ARG C 121 -36.45 12.13 18.67
C ARG C 121 -37.21 12.83 17.56
N GLY C 122 -37.30 12.17 16.40
CA GLY C 122 -37.96 12.73 15.24
C GLY C 122 -37.08 13.58 14.36
N ASN C 123 -35.90 13.96 14.86
CA ASN C 123 -34.94 14.73 14.05
C ASN C 123 -34.06 13.82 13.19
N ALA C 124 -33.41 14.41 12.20
CA ALA C 124 -32.42 13.69 11.39
C ALA C 124 -31.11 13.52 12.14
N ALA C 125 -30.47 12.35 12.01
CA ALA C 125 -29.13 12.16 12.57
C ALA C 125 -28.10 12.12 11.43
N VAL C 126 -26.92 12.65 11.70
CA VAL C 126 -25.80 12.59 10.75
C VAL C 126 -24.57 12.05 11.47
N LEU C 127 -24.15 10.83 11.12
CA LEU C 127 -22.94 10.26 11.70
C LEU C 127 -21.79 10.51 10.74
N LYS C 128 -20.62 10.84 11.30
CA LYS C 128 -19.46 11.16 10.48
C LYS C 128 -18.30 10.23 10.73
N CYS C 129 -17.72 9.78 9.62
CA CYS C 129 -16.54 8.94 9.65
C CYS C 129 -15.33 9.86 9.64
N SER C 130 -14.76 10.13 10.82
CA SER C 130 -13.63 11.05 10.93
C SER C 130 -12.32 10.39 10.52
N ILE C 131 -11.79 10.86 9.39
CA ILE C 131 -10.59 10.29 8.79
C ILE C 131 -9.45 11.28 9.01
N PRO C 132 -8.29 10.82 9.50
CA PRO C 132 -7.24 11.83 9.76
C PRO C 132 -6.88 12.64 8.50
N SER C 133 -6.77 13.95 8.65
CA SER C 133 -6.58 14.83 7.49
C SER C 133 -5.41 14.43 6.59
N PHE C 134 -4.34 13.91 7.16
CA PHE C 134 -3.14 13.62 6.38
C PHE C 134 -3.29 12.40 5.47
N VAL C 135 -4.35 11.59 5.63
CA VAL C 135 -4.61 10.54 4.63
C VAL C 135 -5.93 10.78 3.89
N ALA C 136 -6.64 11.85 4.22
CA ALA C 136 -7.99 12.07 3.71
C ALA C 136 -8.04 12.34 2.21
N ASP C 137 -6.92 12.73 1.62
CA ASP C 137 -6.83 12.86 0.17
C ASP C 137 -6.95 11.50 -0.54
N PHE C 138 -6.66 10.41 0.17
CA PHE C 138 -6.62 9.09 -0.46
C PHE C 138 -7.59 8.08 0.17
N VAL C 139 -7.90 8.29 1.44
CA VAL C 139 -8.80 7.42 2.19
C VAL C 139 -10.14 8.10 2.31
N ARG C 140 -11.14 7.45 1.73
CA ARG C 140 -12.50 7.94 1.66
C ARG C 140 -13.47 6.86 2.14
N VAL C 141 -14.64 7.29 2.58
CA VAL C 141 -15.73 6.38 2.87
C VAL C 141 -16.13 5.56 1.65
N GLU C 142 -16.33 4.26 1.85
CA GLU C 142 -16.78 3.35 0.81
C GLU C 142 -18.19 2.90 1.09
N SER C 143 -18.49 2.69 2.38
CA SER C 143 -19.83 2.26 2.80
C SER C 143 -19.93 2.34 4.31
N TRP C 144 -21.15 2.16 4.82
CA TRP C 144 -21.39 1.98 6.24
C TRP C 144 -22.00 0.60 6.45
N ILE C 145 -21.76 0.02 7.62
CA ILE C 145 -22.30 -1.30 7.97
C ILE C 145 -22.88 -1.23 9.37
N ASP C 146 -24.09 -1.75 9.58
CA ASP C 146 -24.66 -1.71 10.92
C ASP C 146 -24.34 -2.97 11.70
N ASP C 147 -24.76 -2.97 12.96
CA ASP C 147 -24.39 -4.01 13.89
C ASP C 147 -24.90 -5.38 13.41
N GLU C 148 -25.90 -5.37 12.53
CA GLU C 148 -26.49 -6.61 12.00
C GLU C 148 -25.74 -7.14 10.79
N GLY C 149 -24.90 -6.29 10.20
CA GLY C 149 -24.26 -6.64 8.94
C GLY C 149 -24.96 -6.07 7.72
N ASN C 150 -25.99 -5.26 7.92
CA ASN C 150 -26.62 -4.59 6.78
C ASN C 150 -25.64 -3.55 6.24
N VAL C 151 -25.41 -3.58 4.94
CA VAL C 151 -24.49 -2.65 4.27
C VAL C 151 -25.28 -1.50 3.71
N LEU C 152 -24.79 -0.30 4.01
CA LEU C 152 -25.40 0.94 3.55
C LEU C 152 -24.43 1.57 2.55
N SER C 153 -24.92 1.74 1.32
CA SER C 153 -24.08 2.12 0.20
C SER C 153 -24.48 3.43 -0.37
N PHE C 154 -23.56 4.06 -1.09
CA PHE C 154 -23.90 5.22 -1.90
C PHE C 154 -25.06 4.79 -2.81
N SER C 155 -26.01 5.70 -3.00
CA SER C 155 -27.18 5.49 -3.84
C SER C 155 -27.80 6.80 -4.34
N ASP C 156 -28.47 6.74 -5.49
CA ASP C 156 -29.19 7.91 -6.00
C ASP C 156 -30.63 7.93 -5.51
N ASN C 157 -31.04 6.87 -4.82
CA ASN C 157 -32.33 6.88 -4.12
C ASN C 157 -32.19 7.59 -2.78
N TYR C 158 -32.71 8.81 -2.71
CA TYR C 158 -32.60 9.62 -1.51
C TYR C 158 -33.81 9.50 -0.57
N ASP C 159 -34.76 8.65 -0.92
CA ASP C 159 -36.06 8.63 -0.23
C ASP C 159 -36.19 7.65 0.92
N GLY C 160 -35.11 6.95 1.26
CA GLY C 160 -35.17 5.96 2.32
C GLY C 160 -34.85 6.48 3.71
N LYS C 161 -34.97 5.58 4.67
CA LYS C 161 -34.62 5.84 6.06
C LYS C 161 -33.17 6.27 6.14
N TYR C 162 -32.34 5.54 5.40
CA TYR C 162 -30.90 5.75 5.40
C TYR C 162 -30.43 6.35 4.09
N LEU C 163 -29.43 7.21 4.18
CA LEU C 163 -28.76 7.67 2.98
C LEU C 163 -27.31 7.91 3.31
N VAL C 164 -26.43 7.20 2.61
CA VAL C 164 -25.01 7.57 2.66
C VAL C 164 -24.86 8.79 1.76
N LEU C 165 -24.61 9.96 2.35
CA LEU C 165 -24.53 11.17 1.55
C LEU C 165 -23.29 11.09 0.66
N PRO C 166 -23.34 11.72 -0.53
CA PRO C 166 -22.17 11.70 -1.41
C PRO C 166 -20.85 12.05 -0.72
N SER C 167 -20.90 12.88 0.31
CA SER C 167 -19.71 13.34 1.04
C SER C 167 -19.29 12.37 2.15
N GLY C 168 -20.05 11.29 2.30
CA GLY C 168 -19.60 10.17 3.11
C GLY C 168 -20.32 9.96 4.42
N GLU C 169 -21.07 10.95 4.88
CA GLU C 169 -21.76 10.88 6.14
C GLU C 169 -22.95 9.93 6.02
N LEU C 170 -23.29 9.27 7.12
CA LEU C 170 -24.50 8.48 7.15
C LEU C 170 -25.65 9.32 7.66
N HIS C 171 -26.65 9.54 6.82
CA HIS C 171 -27.85 10.28 7.19
C HIS C 171 -28.94 9.31 7.60
N ILE C 172 -29.59 9.58 8.74
CA ILE C 172 -30.69 8.73 9.22
C ILE C 172 -31.92 9.61 9.50
N ARG C 173 -33.00 9.39 8.75
CA ARG C 173 -34.19 10.20 8.93
C ARG C 173 -34.92 9.90 10.23
N GLU C 174 -35.52 10.93 10.80
CA GLU C 174 -36.57 10.80 11.81
C GLU C 174 -36.29 9.70 12.84
N VAL C 175 -35.31 9.92 13.69
CA VAL C 175 -34.92 8.87 14.61
C VAL C 175 -36.02 8.61 15.64
N GLY C 176 -36.14 7.33 16.01
CA GLY C 176 -37.04 6.91 17.06
C GLY C 176 -36.21 6.19 18.11
N PRO C 177 -36.81 5.87 19.25
CA PRO C 177 -36.01 5.26 20.33
C PRO C 177 -35.25 4.00 19.88
N GLU C 178 -35.75 3.30 18.88
CA GLU C 178 -35.11 2.06 18.39
C GLU C 178 -33.72 2.35 17.82
N ASP C 179 -33.57 3.55 17.26
CA ASP C 179 -32.34 3.92 16.56
C ASP C 179 -31.15 3.99 17.52
N GLY C 180 -31.44 4.09 18.80
CA GLY C 180 -30.39 4.14 19.81
C GLY C 180 -29.83 2.76 20.12
N TYR C 181 -30.52 1.72 19.67
CA TYR C 181 -30.10 0.35 19.94
C TYR C 181 -29.12 -0.14 18.87
N LYS C 182 -29.11 0.55 17.73
CA LYS C 182 -28.26 0.18 16.61
C LYS C 182 -26.91 0.90 16.67
N SER C 183 -25.90 0.32 16.04
CA SER C 183 -24.61 0.99 15.93
C SER C 183 -24.09 0.81 14.53
N TYR C 184 -23.12 1.65 14.17
CA TYR C 184 -22.67 1.75 12.81
C TYR C 184 -21.15 1.89 12.74
N GLN C 185 -20.56 1.19 11.78
CA GLN C 185 -19.13 1.36 11.50
C GLN C 185 -18.97 1.84 10.06
N CYS C 186 -17.93 2.63 9.80
CA CYS C 186 -17.69 3.10 8.44
C CYS C 186 -16.53 2.31 7.84
N ARG C 187 -16.75 1.89 6.61
CA ARG C 187 -15.72 1.22 5.82
C ARG C 187 -15.04 2.26 4.92
N THR C 188 -13.72 2.29 4.97
CA THR C 188 -12.96 3.28 4.23
C THR C 188 -12.10 2.54 3.23
N LYS C 189 -11.75 3.22 2.15
CA LYS C 189 -10.94 2.63 1.10
C LYS C 189 -9.87 3.59 0.68
N HIS C 190 -8.64 3.07 0.61
CA HIS C 190 -7.48 3.79 0.11
C HIS C 190 -7.51 3.74 -1.41
N ARG C 191 -7.68 4.88 -2.07
CA ARG C 191 -7.92 4.86 -3.50
C ARG C 191 -6.67 4.51 -4.30
N LEU C 192 -5.51 4.56 -3.68
CA LEU C 192 -4.27 4.21 -4.42
C LEU C 192 -3.87 2.73 -4.27
N THR C 193 -4.20 2.10 -3.15
CA THR C 193 -3.83 0.70 -2.92
C THR C 193 -5.01 -0.24 -3.04
N GLY C 194 -6.22 0.31 -2.91
CA GLY C 194 -7.44 -0.48 -2.94
C GLY C 194 -7.79 -1.08 -1.58
N GLU C 195 -6.96 -0.85 -0.58
CA GLU C 195 -7.17 -1.45 0.73
C GLU C 195 -8.39 -0.88 1.43
N THR C 196 -9.24 -1.77 1.93
CA THR C 196 -10.39 -1.35 2.72
C THR C 196 -10.21 -1.71 4.18
N ARG C 197 -10.90 -0.96 5.04
CA ARG C 197 -10.86 -1.17 6.47
C ARG C 197 -12.16 -0.73 7.10
N LEU C 198 -12.56 -1.46 8.12
CA LEU C 198 -13.78 -1.15 8.84
C LEU C 198 -13.42 -0.54 10.18
N SER C 199 -13.97 0.64 10.46
CA SER C 199 -13.62 1.36 11.68
C SER C 199 -13.75 0.48 12.90
N ALA C 200 -12.74 0.51 13.76
CA ALA C 200 -12.76 -0.36 14.94
C ALA C 200 -13.88 0.09 15.89
N THR C 201 -14.10 1.39 15.95
CA THR C 201 -15.08 1.94 16.85
C THR C 201 -16.47 1.92 16.20
N LYS C 202 -17.46 1.64 17.04
CA LYS C 202 -18.85 1.53 16.65
C LYS C 202 -19.57 2.83 16.93
N GLY C 203 -20.09 3.47 15.88
CA GLY C 203 -20.77 4.73 16.00
C GLY C 203 -22.14 4.56 16.61
N ARG C 204 -22.43 5.40 17.60
CA ARG C 204 -23.65 5.27 18.40
C ARG C 204 -24.46 6.56 18.37
N LEU C 205 -25.77 6.39 18.34
CA LEU C 205 -26.74 7.45 18.54
C LEU C 205 -27.31 7.32 19.94
N VAL C 206 -27.48 8.45 20.62
CA VAL C 206 -28.31 8.51 21.82
C VAL C 206 -29.52 9.36 21.45
N ILE C 207 -30.71 8.83 21.68
CA ILE C 207 -31.90 9.52 21.26
C ILE C 207 -32.60 10.11 22.45
N THR C 208 -32.76 11.42 22.41
CA THR C 208 -33.24 12.18 23.55
C THR C 208 -34.74 12.41 23.41
N GLU C 209 -35.44 12.45 24.54
CA GLU C 209 -36.88 12.59 24.52
C GLU C 209 -37.24 13.88 25.21
N PRO C 210 -37.66 14.88 24.43
CA PRO C 210 -37.83 16.29 24.79
C PRO C 210 -38.58 16.49 26.08
N VAL C 211 -38.01 17.31 26.96
CA VAL C 211 -38.57 17.59 28.27
C VAL C 211 -39.64 18.66 28.14
N GLY C 212 -39.37 19.60 27.24
CA GLY C 212 -40.26 20.68 26.88
C GLY C 212 -39.62 21.29 25.65
N SER C 213 -40.23 22.33 25.09
CA SER C 213 -39.78 22.86 23.81
C SER C 213 -38.32 23.31 23.82
N LYS C 214 -37.67 23.21 22.66
CA LYS C 214 -36.28 23.61 22.47
C LYS C 214 -36.12 24.29 21.12
N ALA C 215 -35.70 25.55 21.11
CA ALA C 215 -35.55 26.28 19.84
C ALA C 215 -34.46 25.61 19.01
N PRO C 216 -34.47 25.84 17.68
CA PRO C 216 -33.46 25.12 16.87
C PRO C 216 -32.04 25.43 17.27
N THR C 217 -31.19 24.41 17.26
CA THR C 217 -29.78 24.59 17.62
C THR C 217 -28.89 23.81 16.68
N PHE C 218 -27.82 24.44 16.23
CA PHE C 218 -26.87 23.79 15.32
C PHE C 218 -25.81 23.03 16.10
N ALA C 219 -25.18 22.07 15.43
CA ALA C 219 -24.17 21.24 16.05
C ALA C 219 -23.02 22.10 16.54
N THR C 220 -22.79 23.22 15.87
CA THR C 220 -21.76 24.16 16.27
C THR C 220 -22.26 25.61 16.21
N ALA C 221 -21.53 26.51 16.84
CA ALA C 221 -21.93 27.90 16.96
C ALA C 221 -21.64 28.76 15.73
N SER C 222 -20.62 28.41 14.96
CA SER C 222 -20.23 29.23 13.81
C SER C 222 -21.38 29.42 12.83
N LYS C 223 -21.57 30.66 12.37
CA LYS C 223 -22.69 31.01 11.51
C LYS C 223 -22.33 31.10 10.02
N ILE C 224 -21.08 30.82 9.68
CA ILE C 224 -20.66 30.80 8.28
C ILE C 224 -19.55 29.79 8.07
N SER C 225 -19.52 29.22 6.86
CA SER C 225 -18.44 28.34 6.43
C SER C 225 -18.26 28.45 4.91
N SER C 226 -17.14 27.95 4.40
CA SER C 226 -16.97 27.82 2.96
C SER C 226 -16.89 26.36 2.58
N LEU C 227 -17.32 26.07 1.35
CA LEU C 227 -17.30 24.73 0.81
C LEU C 227 -16.82 24.78 -0.64
N LEU C 228 -15.94 23.85 -0.96
CA LEU C 228 -15.47 23.65 -2.31
C LEU C 228 -16.07 22.36 -2.86
N GLY C 229 -16.48 22.37 -4.12
CA GLY C 229 -16.94 21.18 -4.80
C GLY C 229 -16.58 21.27 -6.26
N SER C 230 -16.54 20.14 -6.95
CA SER C 230 -16.18 20.13 -8.36
C SER C 230 -17.42 20.00 -9.25
N SER C 231 -17.36 20.65 -10.41
N SER C 231 -17.37 20.65 -10.40
CA SER C 231 -18.40 20.52 -11.41
CA SER C 231 -18.43 20.55 -11.39
C SER C 231 -18.66 19.07 -11.73
C SER C 231 -18.67 19.09 -11.74
N SER C 232 -19.93 18.76 -11.99
CA SER C 232 -20.39 17.40 -12.31
C SER C 232 -20.39 16.43 -11.10
N SER C 233 -20.01 16.90 -9.91
CA SER C 233 -20.14 16.06 -8.73
C SER C 233 -21.45 16.38 -8.03
N ASP C 234 -21.81 15.55 -7.05
CA ASP C 234 -22.99 15.75 -6.23
C ASP C 234 -22.59 16.45 -4.94
N ILE C 235 -22.92 17.73 -4.80
CA ILE C 235 -22.40 18.54 -3.71
C ILE C 235 -23.36 18.61 -2.52
N VAL C 236 -22.82 18.31 -1.35
CA VAL C 236 -23.63 18.22 -0.13
C VAL C 236 -23.45 19.43 0.75
N LEU C 237 -24.56 20.11 1.01
CA LEU C 237 -24.56 21.23 1.95
C LEU C 237 -25.33 20.86 3.21
N LEU C 238 -24.59 20.59 4.27
CA LEU C 238 -25.19 20.17 5.53
C LEU C 238 -25.86 21.34 6.22
N CYS C 239 -26.76 21.01 7.14
CA CYS C 239 -27.44 22.03 7.94
C CYS C 239 -27.86 21.31 9.18
N GLN C 240 -26.88 20.99 10.00
CA GLN C 240 -27.07 20.09 11.13
C GLN C 240 -27.69 20.80 12.32
N ALA C 241 -29.01 20.97 12.25
CA ALA C 241 -29.77 21.60 13.32
C ALA C 241 -30.79 20.58 13.86
N GLN C 242 -31.12 20.71 15.13
CA GLN C 242 -32.20 19.92 15.72
C GLN C 242 -33.11 20.83 16.52
N ALA C 243 -34.33 20.37 16.78
CA ALA C 243 -35.26 21.14 17.59
C ALA C 243 -36.39 20.25 18.05
N PHE C 244 -37.10 20.69 19.07
CA PHE C 244 -38.35 20.06 19.45
C PHE C 244 -39.37 21.15 19.75
N PRO C 245 -40.53 21.13 19.08
CA PRO C 245 -40.93 20.18 18.03
C PRO C 245 -39.97 20.18 16.83
N VAL C 246 -39.98 19.09 16.08
CA VAL C 246 -39.10 18.90 14.94
C VAL C 246 -39.25 20.08 14.00
N PRO C 247 -38.10 20.68 13.59
CA PRO C 247 -38.16 21.95 12.86
C PRO C 247 -38.38 21.76 11.39
N TYR C 248 -38.65 22.85 10.68
N TYR C 248 -38.71 22.83 10.65
CA TYR C 248 -38.73 22.86 9.24
CA TYR C 248 -38.68 22.75 9.19
C TYR C 248 -37.49 23.58 8.71
C TYR C 248 -37.53 23.60 8.67
N THR C 249 -36.99 23.17 7.54
CA THR C 249 -35.76 23.74 6.98
C THR C 249 -36.01 24.24 5.56
N ARG C 250 -35.63 25.48 5.30
CA ARG C 250 -35.70 26.03 3.96
C ARG C 250 -34.35 26.55 3.54
N TRP C 251 -33.97 26.28 2.30
CA TRP C 251 -32.74 26.82 1.73
C TRP C 251 -33.03 27.99 0.79
N TYR C 252 -32.15 28.98 0.86
CA TYR C 252 -32.17 30.11 -0.04
C TYR C 252 -30.77 30.29 -0.61
N LYS C 253 -30.70 30.99 -1.74
CA LYS C 253 -29.43 31.41 -2.30
C LYS C 253 -29.41 32.91 -2.58
N PHE C 254 -28.43 33.60 -2.02
CA PHE C 254 -28.26 35.04 -2.24
C PHE C 254 -27.87 35.34 -3.68
N ILE C 255 -28.38 36.46 -4.19
CA ILE C 255 -27.83 37.07 -5.41
C ILE C 255 -26.47 37.68 -5.05
N GLU C 256 -25.42 37.30 -5.76
CA GLU C 256 -24.03 37.61 -5.35
C GLU C 256 -23.82 39.09 -5.08
N GLY C 257 -23.30 39.39 -3.88
CA GLY C 257 -22.98 40.75 -3.49
C GLY C 257 -24.11 41.45 -2.76
N THR C 258 -25.33 40.97 -2.96
CA THR C 258 -26.51 41.62 -2.38
C THR C 258 -26.90 41.00 -1.04
N THR C 259 -27.90 41.60 -0.42
CA THR C 259 -28.42 41.12 0.87
C THR C 259 -29.74 40.41 0.63
N ARG C 260 -30.12 40.24 -0.64
CA ARG C 260 -31.38 39.58 -0.95
C ARG C 260 -31.17 38.17 -1.51
N LYS C 261 -32.23 37.37 -1.42
CA LYS C 261 -32.12 35.95 -1.69
C LYS C 261 -33.35 35.41 -2.40
N GLN C 262 -33.16 34.29 -3.09
CA GLN C 262 -34.26 33.55 -3.66
C GLN C 262 -34.33 32.20 -2.97
N ALA C 263 -35.53 31.63 -2.95
CA ALA C 263 -35.72 30.28 -2.47
C ALA C 263 -35.12 29.30 -3.47
N VAL C 264 -34.43 28.29 -2.97
CA VAL C 264 -33.87 27.26 -3.83
C VAL C 264 -34.99 26.41 -4.42
N VAL C 265 -34.93 26.16 -5.73
CA VAL C 265 -35.94 25.33 -6.38
C VAL C 265 -35.52 23.86 -6.34
N LEU C 266 -36.30 23.05 -5.64
CA LEU C 266 -36.07 21.62 -5.60
C LEU C 266 -36.63 20.94 -6.85
N ASN C 267 -35.83 20.09 -7.48
CA ASN C 267 -36.25 19.37 -8.67
C ASN C 267 -35.54 18.02 -8.80
N ASP C 268 -35.47 17.47 -10.00
CA ASP C 268 -34.80 16.18 -10.21
C ASP C 268 -33.31 16.25 -9.90
N ARG C 269 -32.74 17.47 -9.94
CA ARG C 269 -31.32 17.69 -9.76
C ARG C 269 -30.95 18.23 -8.38
N VAL C 270 -31.69 19.23 -7.90
CA VAL C 270 -31.41 19.83 -6.60
C VAL C 270 -32.42 19.29 -5.61
N LYS C 271 -31.92 18.65 -4.56
CA LYS C 271 -32.77 17.88 -3.65
C LYS C 271 -32.54 18.24 -2.20
N GLN C 272 -33.58 18.12 -1.38
CA GLN C 272 -33.43 18.32 0.04
C GLN C 272 -33.77 17.01 0.74
N VAL C 273 -32.85 16.56 1.58
CA VAL C 273 -32.99 15.37 2.39
C VAL C 273 -33.03 15.83 3.84
N SER C 274 -34.24 15.82 4.41
CA SER C 274 -34.51 16.44 5.70
C SER C 274 -34.02 17.89 5.67
N GLY C 275 -32.93 18.20 6.37
CA GLY C 275 -32.37 19.54 6.36
C GLY C 275 -31.19 19.73 5.40
N THR C 276 -30.73 18.63 4.80
CA THR C 276 -29.55 18.65 3.96
C THR C 276 -29.87 18.94 2.50
N LEU C 277 -29.11 19.86 1.89
CA LEU C 277 -29.28 20.21 0.48
C LEU C 277 -28.24 19.48 -0.36
N ILE C 278 -28.69 18.82 -1.42
CA ILE C 278 -27.78 18.12 -2.32
C ILE C 278 -27.95 18.66 -3.74
N ILE C 279 -26.88 19.27 -4.25
CA ILE C 279 -26.84 19.82 -5.60
C ILE C 279 -26.16 18.80 -6.50
N LYS C 280 -26.95 18.01 -7.22
CA LYS C 280 -26.38 16.95 -8.05
C LYS C 280 -25.82 17.54 -9.32
N ASP C 281 -24.89 16.81 -9.94
CA ASP C 281 -24.31 17.18 -11.22
C ASP C 281 -23.99 18.67 -11.25
N ALA C 282 -23.22 19.14 -10.27
CA ALA C 282 -23.01 20.56 -10.06
C ALA C 282 -22.42 21.29 -11.27
N VAL C 283 -22.79 22.56 -11.40
CA VAL C 283 -22.18 23.47 -12.38
C VAL C 283 -21.66 24.72 -11.67
N VAL C 284 -20.76 25.43 -12.35
CA VAL C 284 -20.15 26.63 -11.78
C VAL C 284 -21.20 27.64 -11.31
N GLU C 285 -22.30 27.74 -12.04
CA GLU C 285 -23.35 28.69 -11.71
C GLU C 285 -23.99 28.35 -10.35
N ASP C 286 -23.82 27.11 -9.88
CA ASP C 286 -24.32 26.72 -8.57
C ASP C 286 -23.56 27.43 -7.45
N SER C 287 -22.43 28.01 -7.79
CA SER C 287 -21.64 28.76 -6.82
C SER C 287 -22.47 29.93 -6.26
N GLY C 288 -22.14 30.32 -5.02
CA GLY C 288 -22.82 31.39 -4.34
C GLY C 288 -22.89 31.18 -2.83
N LYS C 289 -23.50 32.13 -2.15
CA LYS C 289 -23.71 32.02 -0.72
C LYS C 289 -25.13 31.52 -0.50
N TYR C 290 -25.22 30.44 0.26
CA TYR C 290 -26.48 29.81 0.58
C TYR C 290 -26.82 30.08 2.03
N LEU C 291 -28.12 30.03 2.30
CA LEU C 291 -28.65 30.27 3.62
C LEU C 291 -29.60 29.14 3.95
N CYS C 292 -29.32 28.47 5.07
CA CYS C 292 -30.21 27.48 5.63
C CYS C 292 -30.95 28.08 6.81
N VAL C 293 -32.28 28.11 6.71
CA VAL C 293 -33.11 28.70 7.76
C VAL C 293 -33.95 27.58 8.39
N VAL C 294 -33.79 27.41 9.70
CA VAL C 294 -34.44 26.35 10.46
C VAL C 294 -35.39 26.98 11.48
N ASN C 295 -36.67 26.64 11.42
CA ASN C 295 -37.68 27.18 12.34
C ASN C 295 -38.55 26.10 12.98
N ASN C 296 -39.03 26.38 14.19
CA ASN C 296 -40.17 25.66 14.73
C ASN C 296 -41.06 26.65 15.49
N SER C 297 -41.97 26.14 16.31
CA SER C 297 -42.94 26.99 16.97
C SER C 297 -42.27 27.96 17.97
N VAL C 298 -41.09 27.58 18.45
CA VAL C 298 -40.40 28.32 19.50
C VAL C 298 -39.50 29.43 18.95
N GLY C 299 -38.84 29.16 17.83
CA GLY C 299 -37.91 30.13 17.28
C GLY C 299 -37.20 29.64 16.04
N GLY C 300 -36.14 30.35 15.65
CA GLY C 300 -35.46 30.09 14.40
C GLY C 300 -33.99 30.38 14.46
N GLU C 301 -33.25 29.80 13.53
CA GLU C 301 -31.82 30.02 13.45
C GLU C 301 -31.37 29.86 11.99
N SER C 302 -30.35 30.60 11.57
CA SER C 302 -29.88 30.50 10.20
C SER C 302 -28.36 30.49 10.12
N VAL C 303 -27.86 29.80 9.10
CA VAL C 303 -26.44 29.63 8.93
C VAL C 303 -26.15 29.78 7.46
N GLU C 304 -25.00 30.38 7.15
CA GLU C 304 -24.57 30.63 5.79
C GLU C 304 -23.47 29.68 5.36
N THR C 305 -23.53 29.30 4.09
CA THR C 305 -22.51 28.48 3.47
C THR C 305 -22.06 29.11 2.15
N VAL C 306 -20.76 29.41 2.05
CA VAL C 306 -20.20 29.95 0.81
C VAL C 306 -19.65 28.84 -0.08
N LEU C 307 -20.37 28.52 -1.15
CA LEU C 307 -19.99 27.42 -2.02
C LEU C 307 -19.22 27.93 -3.24
N THR C 308 -18.08 27.32 -3.50
CA THR C 308 -17.39 27.49 -4.78
C THR C 308 -17.43 26.18 -5.56
N VAL C 309 -17.97 26.22 -6.78
CA VAL C 309 -17.95 25.06 -7.66
C VAL C 309 -16.88 25.27 -8.73
N THR C 310 -15.88 24.39 -8.72
CA THR C 310 -14.77 24.48 -9.65
C THR C 310 -15.09 23.80 -10.97
N ALA C 311 -14.35 24.19 -12.00
CA ALA C 311 -14.46 23.56 -13.30
C ALA C 311 -13.04 23.41 -13.86
N PRO C 312 -12.81 22.38 -14.69
CA PRO C 312 -11.47 22.15 -15.24
C PRO C 312 -10.97 23.30 -16.10
N LEU C 313 -9.69 23.61 -15.98
CA LEU C 313 -9.11 24.68 -16.77
C LEU C 313 -8.79 24.22 -18.18
N SER C 314 -8.94 25.15 -19.13
CA SER C 314 -8.54 24.89 -20.50
C SER C 314 -8.25 26.23 -21.15
N ALA C 315 -7.45 26.21 -22.21
CA ALA C 315 -7.03 27.42 -22.88
C ALA C 315 -6.93 27.21 -24.40
N LYS C 316 -7.20 28.27 -25.14
CA LYS C 316 -7.04 28.30 -26.59
C LYS C 316 -6.46 29.65 -26.90
N ILE C 317 -5.60 29.71 -27.92
CA ILE C 317 -5.10 31.00 -28.38
C ILE C 317 -5.70 31.35 -29.74
N ASP C 318 -6.09 32.62 -29.84
CA ASP C 318 -6.58 33.20 -31.08
C ASP C 318 -5.60 34.26 -31.54
N PRO C 319 -5.02 34.09 -32.74
CA PRO C 319 -5.10 32.98 -33.69
C PRO C 319 -4.09 31.88 -33.41
N PRO C 320 -4.39 30.63 -33.80
CA PRO C 320 -3.49 29.48 -33.64
C PRO C 320 -2.16 29.67 -34.38
N THR C 321 -2.23 30.41 -35.48
CA THR C 321 -1.04 30.75 -36.23
C THR C 321 -1.32 32.02 -37.02
N GLN C 322 -0.32 32.89 -37.10
CA GLN C 322 -0.42 34.06 -37.94
C GLN C 322 0.94 34.37 -38.56
N THR C 323 0.91 34.91 -39.77
CA THR C 323 2.10 35.45 -40.42
C THR C 323 1.99 36.97 -40.40
N VAL C 324 3.00 37.63 -39.87
CA VAL C 324 3.00 39.08 -39.74
C VAL C 324 4.21 39.67 -40.44
N ASP C 325 3.99 40.75 -41.19
CA ASP C 325 5.06 41.46 -41.87
C ASP C 325 5.96 42.18 -40.87
N PHE C 326 7.24 42.32 -41.20
CA PHE C 326 8.15 43.08 -40.36
C PHE C 326 7.60 44.48 -40.17
N GLY C 327 7.78 45.03 -38.97
CA GLY C 327 7.31 46.36 -38.66
C GLY C 327 5.85 46.42 -38.23
N ARG C 328 5.11 45.33 -38.43
CA ARG C 328 3.69 45.28 -38.09
C ARG C 328 3.46 44.53 -36.76
N PRO C 329 2.32 44.80 -36.11
CA PRO C 329 2.07 44.19 -34.80
C PRO C 329 1.46 42.79 -34.88
N ALA C 330 1.80 41.97 -33.89
CA ALA C 330 1.23 40.64 -33.72
C ALA C 330 0.44 40.61 -32.42
N VAL C 331 -0.75 40.03 -32.48
CA VAL C 331 -1.62 39.97 -31.31
C VAL C 331 -2.08 38.55 -31.08
N PHE C 332 -1.95 38.12 -29.81
CA PHE C 332 -2.43 36.80 -29.38
C PHE C 332 -3.42 36.96 -28.24
N THR C 333 -4.53 36.25 -28.32
CA THR C 333 -5.55 36.34 -27.26
C THR C 333 -5.75 34.98 -26.63
N CYS C 334 -5.60 34.94 -25.31
CA CYS C 334 -5.79 33.71 -24.54
C CYS C 334 -7.25 33.61 -24.21
N GLN C 335 -7.91 32.60 -24.75
CA GLN C 335 -9.29 32.30 -24.43
C GLN C 335 -9.29 31.07 -23.52
N TYR C 336 -9.89 31.20 -22.34
CA TYR C 336 -9.87 30.11 -21.39
C TYR C 336 -11.23 29.83 -20.78
N THR C 337 -11.37 28.65 -20.20
CA THR C 337 -12.52 28.26 -19.43
C THR C 337 -12.03 27.57 -18.16
N GLY C 338 -12.95 27.32 -17.24
CA GLY C 338 -12.60 26.72 -15.96
C GLY C 338 -12.84 27.69 -14.84
N ASN C 339 -12.74 27.20 -13.61
CA ASN C 339 -13.01 28.00 -12.43
C ASN C 339 -12.39 27.39 -11.17
N PRO C 340 -11.72 28.20 -10.34
CA PRO C 340 -11.43 29.62 -10.52
C PRO C 340 -10.24 29.81 -11.45
N ILE C 341 -10.01 31.05 -11.87
CA ILE C 341 -8.80 31.40 -12.63
C ILE C 341 -8.01 32.36 -11.79
N LYS C 342 -6.91 31.91 -11.21
CA LYS C 342 -6.11 32.80 -10.38
C LYS C 342 -5.19 33.66 -11.25
N THR C 343 -4.49 33.04 -12.19
CA THR C 343 -3.47 33.74 -12.99
C THR C 343 -3.44 33.33 -14.46
N VAL C 344 -3.11 34.30 -15.30
CA VAL C 344 -2.86 34.09 -16.72
C VAL C 344 -1.46 34.60 -17.02
N SER C 345 -0.62 33.74 -17.61
CA SER C 345 0.76 34.11 -17.89
C SER C 345 1.15 33.68 -19.30
N TRP C 346 2.22 34.28 -19.81
CA TRP C 346 2.68 34.00 -21.17
C TRP C 346 4.12 33.50 -21.20
N MET C 347 4.41 32.73 -22.23
CA MET C 347 5.74 32.22 -22.51
C MET C 347 6.02 32.33 -23.98
N LYS C 348 7.31 32.33 -24.32
CA LYS C 348 7.76 32.28 -25.71
C LYS C 348 8.91 31.31 -25.82
N ASP C 349 8.72 30.27 -26.61
CA ASP C 349 9.68 29.17 -26.75
C ASP C 349 10.23 28.74 -25.39
N GLY C 350 9.33 28.41 -24.46
CA GLY C 350 9.73 27.81 -23.20
C GLY C 350 10.32 28.77 -22.18
N LYS C 351 10.21 30.06 -22.45
CA LYS C 351 10.70 31.07 -21.52
C LYS C 351 9.64 32.14 -21.27
N ALA C 352 9.52 32.52 -20.00
CA ALA C 352 8.46 33.41 -19.55
C ALA C 352 8.56 34.78 -20.21
N ILE C 353 7.48 35.54 -20.04
CA ILE C 353 7.39 36.92 -20.48
C ILE C 353 6.77 37.72 -19.36
N GLY C 354 7.35 38.89 -19.09
CA GLY C 354 6.81 39.76 -18.05
C GLY C 354 5.44 40.29 -18.43
N HIS C 355 4.45 39.40 -18.48
CA HIS C 355 3.09 39.79 -18.86
C HIS C 355 2.05 38.84 -18.28
N SER C 356 0.98 39.41 -17.74
CA SER C 356 0.00 38.63 -16.98
C SER C 356 -1.46 38.89 -17.39
N GLU C 357 -1.66 39.29 -18.64
CA GLU C 357 -3.00 39.60 -19.15
C GLU C 357 -3.35 38.68 -20.33
N PRO C 358 -4.65 38.52 -20.62
CA PRO C 358 -5.04 37.52 -21.63
C PRO C 358 -4.67 37.92 -23.05
N VAL C 359 -4.26 39.17 -23.26
CA VAL C 359 -3.86 39.63 -24.58
C VAL C 359 -2.37 39.96 -24.61
N LEU C 360 -1.62 39.26 -25.45
CA LEU C 360 -0.20 39.56 -25.69
C LEU C 360 -0.05 40.31 -27.00
N ARG C 361 0.65 41.44 -26.94
CA ARG C 361 0.88 42.26 -28.11
C ARG C 361 2.37 42.42 -28.35
N ILE C 362 2.82 42.12 -29.57
CA ILE C 362 4.17 42.49 -30.00
C ILE C 362 4.07 43.65 -30.98
N GLU C 363 4.48 44.83 -30.53
CA GLU C 363 4.30 46.06 -31.30
C GLU C 363 4.87 45.95 -32.71
N SER C 364 6.17 45.70 -32.81
CA SER C 364 6.86 45.71 -34.08
C SER C 364 7.65 44.43 -34.31
N VAL C 365 7.07 43.53 -35.09
CA VAL C 365 7.66 42.23 -35.33
C VAL C 365 9.04 42.37 -35.96
N LYS C 366 10.00 41.67 -35.35
CA LYS C 366 11.34 41.54 -35.90
C LYS C 366 11.61 40.05 -36.10
N LYS C 367 12.76 39.73 -36.68
CA LYS C 367 13.07 38.35 -37.04
C LYS C 367 13.02 37.42 -35.84
N GLU C 368 13.44 37.92 -34.68
CA GLU C 368 13.56 37.09 -33.49
C GLU C 368 12.20 36.76 -32.86
N ASP C 369 11.19 37.57 -33.18
CA ASP C 369 9.87 37.39 -32.60
C ASP C 369 9.20 36.11 -33.08
N LYS C 370 9.74 35.52 -34.13
CA LYS C 370 9.19 34.27 -34.65
C LYS C 370 9.38 33.17 -33.60
N GLY C 371 8.51 32.17 -33.65
CA GLY C 371 8.56 31.04 -32.75
C GLY C 371 7.21 30.65 -32.19
N MET C 372 7.24 29.92 -31.08
CA MET C 372 6.03 29.45 -30.42
C MET C 372 5.71 30.31 -29.20
N TYR C 373 4.43 30.60 -29.04
CA TYR C 373 3.91 31.40 -27.94
C TYR C 373 2.90 30.56 -27.19
N GLN C 374 2.87 30.74 -25.88
CA GLN C 374 1.94 30.01 -25.02
C GLN C 374 1.32 30.90 -23.99
N CYS C 375 0.06 30.60 -23.63
CA CYS C 375 -0.52 31.16 -22.43
C CYS C 375 -0.82 30.01 -21.51
N PHE C 376 -0.60 30.28 -20.23
CA PHE C 376 -0.88 29.34 -19.16
C PHE C 376 -1.94 29.94 -18.26
N VAL C 377 -2.92 29.12 -17.90
CA VAL C 377 -3.92 29.52 -16.90
C VAL C 377 -3.72 28.60 -15.73
N ARG C 378 -3.79 29.16 -14.53
CA ARG C 378 -3.48 28.44 -13.31
C ARG C 378 -4.45 28.81 -12.19
N ASN C 379 -4.74 27.84 -11.33
CA ASN C 379 -5.30 28.13 -10.02
C ASN C 379 -4.56 27.29 -8.98
N ASP C 380 -5.10 27.17 -7.77
CA ASP C 380 -4.37 26.53 -6.68
C ASP C 380 -4.44 25.01 -6.71
N GLN C 381 -4.73 24.44 -7.88
CA GLN C 381 -4.86 23.00 -8.00
C GLN C 381 -4.55 22.50 -9.40
N GLU C 382 -4.59 23.40 -10.38
CA GLU C 382 -4.66 23.01 -11.79
C GLU C 382 -3.94 24.00 -12.69
N SER C 383 -3.49 23.55 -13.86
CA SER C 383 -2.97 24.46 -14.86
C SER C 383 -3.31 23.92 -16.24
N ALA C 384 -3.36 24.82 -17.22
CA ALA C 384 -3.64 24.45 -18.58
C ALA C 384 -2.86 25.38 -19.49
N GLU C 385 -2.48 24.88 -20.66
CA GLU C 385 -1.74 25.71 -21.63
C GLU C 385 -2.34 25.63 -23.01
N ALA C 386 -2.09 26.69 -23.77
CA ALA C 386 -2.40 26.74 -25.19
C ALA C 386 -1.16 27.29 -25.89
N SER C 387 -0.95 26.87 -27.13
CA SER C 387 0.19 27.34 -27.90
C SER C 387 -0.25 27.91 -29.25
N ALA C 388 0.54 28.85 -29.75
CA ALA C 388 0.34 29.46 -31.06
C ALA C 388 1.69 29.77 -31.70
N GLU C 389 1.72 29.80 -33.02
CA GLU C 389 2.94 30.11 -33.76
C GLU C 389 2.90 31.49 -34.42
N LEU C 390 4.05 32.14 -34.44
CA LEU C 390 4.24 33.35 -35.20
C LEU C 390 5.26 33.09 -36.31
N LYS C 391 4.84 33.33 -37.55
CA LYS C 391 5.73 33.23 -38.71
C LYS C 391 5.99 34.62 -39.25
N LEU C 392 7.10 34.78 -39.97
CA LEU C 392 7.51 36.07 -40.52
C LEU C 392 7.02 36.29 -41.94
N GLY C 393 6.70 37.54 -42.26
CA GLY C 393 6.34 37.91 -43.62
C GLY C 393 7.51 38.56 -44.33
N ALA D 3 -39.21 64.19 51.04
CA ALA D 3 -40.62 63.86 51.16
C ALA D 3 -41.44 64.21 49.91
N ASP D 4 -40.78 64.71 48.86
CA ASP D 4 -41.52 65.15 47.68
C ASP D 4 -41.86 63.99 46.73
N GLN D 5 -42.94 64.17 45.98
CA GLN D 5 -43.58 63.09 45.26
C GLN D 5 -42.93 62.80 43.91
N LYS D 6 -42.98 61.54 43.51
CA LYS D 6 -42.29 61.08 42.30
C LYS D 6 -42.97 59.86 41.73
N GLY D 7 -42.91 59.76 40.41
CA GLY D 7 -43.34 58.55 39.74
C GLY D 7 -42.39 57.39 39.99
N PRO D 8 -42.77 56.19 39.54
CA PRO D 8 -42.00 55.00 39.84
C PRO D 8 -40.67 54.94 39.12
N VAL D 9 -39.71 54.27 39.78
CA VAL D 9 -38.41 53.98 39.19
C VAL D 9 -37.99 52.60 39.71
N PHE D 10 -37.28 51.84 38.90
CA PHE D 10 -36.81 50.52 39.32
C PHE D 10 -35.47 50.63 40.05
N LEU D 11 -35.44 50.10 41.28
CA LEU D 11 -34.21 50.01 42.03
C LEU D 11 -33.48 48.73 41.62
N LYS D 12 -34.18 47.61 41.77
CA LYS D 12 -33.66 46.31 41.38
C LYS D 12 -34.55 45.71 40.29
N GLU D 13 -34.02 45.62 39.09
CA GLU D 13 -34.67 44.87 38.03
C GLU D 13 -34.21 43.44 38.05
N PRO D 14 -35.14 42.49 37.86
CA PRO D 14 -34.72 41.09 37.70
C PRO D 14 -33.79 40.96 36.51
N THR D 15 -32.95 39.93 36.45
CA THR D 15 -31.96 39.87 35.37
C THR D 15 -32.61 39.52 34.04
N ASN D 16 -31.81 39.60 32.98
CA ASN D 16 -32.26 39.35 31.63
C ASN D 16 -32.59 37.88 31.40
N ARG D 17 -31.83 37.02 32.07
N ARG D 17 -31.78 37.02 32.02
CA ARG D 17 -31.92 35.58 31.85
CA ARG D 17 -31.88 35.57 31.87
C ARG D 17 -31.97 34.83 33.18
C ARG D 17 -32.00 34.87 33.23
N ILE D 18 -32.97 33.96 33.31
CA ILE D 18 -33.16 33.15 34.51
C ILE D 18 -33.24 31.69 34.08
N ASP D 19 -32.09 31.04 33.96
CA ASP D 19 -32.02 29.62 33.61
C ASP D 19 -31.91 28.80 34.88
N PHE D 20 -32.71 27.75 35.01
CA PHE D 20 -32.64 26.91 36.20
C PHE D 20 -33.11 25.47 36.00
N SER D 21 -32.52 24.57 36.79
CA SER D 21 -32.93 23.19 36.85
C SER D 21 -34.30 23.04 37.50
N ASN D 22 -35.05 22.03 37.07
CA ASN D 22 -36.31 21.68 37.70
C ASN D 22 -36.11 21.25 39.13
N SER D 23 -34.93 20.76 39.45
CA SER D 23 -34.64 20.31 40.80
C SER D 23 -34.29 21.46 41.75
N THR D 24 -34.03 22.64 41.19
CA THR D 24 -33.65 23.80 41.99
C THR D 24 -34.79 24.81 42.10
N GLY D 25 -35.56 24.95 41.04
CA GLY D 25 -36.54 26.01 40.96
C GLY D 25 -35.81 27.35 40.89
N ALA D 26 -36.55 28.43 41.07
CA ALA D 26 -35.97 29.77 41.05
C ALA D 26 -36.96 30.78 41.57
N GLU D 27 -36.48 32.00 41.76
CA GLU D 27 -37.31 33.10 42.18
C GLU D 27 -36.74 34.39 41.61
N ILE D 28 -37.63 35.28 41.17
CA ILE D 28 -37.19 36.53 40.60
C ILE D 28 -37.83 37.66 41.37
N GLU D 29 -37.12 38.78 41.42
CA GLU D 29 -37.47 39.85 42.33
C GLU D 29 -37.52 41.17 41.58
N CYS D 30 -38.44 42.01 42.02
CA CYS D 30 -38.62 43.33 41.44
C CYS D 30 -38.78 44.33 42.58
N LYS D 31 -37.88 45.30 42.65
CA LYS D 31 -37.95 46.36 43.64
C LYS D 31 -38.07 47.70 42.94
N ALA D 32 -39.16 48.40 43.22
CA ALA D 32 -39.35 49.75 42.71
C ALA D 32 -39.55 50.69 43.87
N SER D 33 -39.26 51.95 43.65
CA SER D 33 -39.70 52.97 44.60
C SER D 33 -40.29 54.16 43.86
N GLY D 34 -40.75 55.10 44.65
CA GLY D 34 -41.49 56.25 44.16
C GLY D 34 -42.23 56.77 45.35
N ASN D 35 -42.91 57.89 45.19
CA ASN D 35 -43.63 58.49 46.28
C ASN D 35 -44.93 59.09 45.77
N PRO D 36 -46.08 58.51 46.15
CA PRO D 36 -46.26 57.36 47.05
C PRO D 36 -45.63 56.05 46.58
N MET D 37 -45.55 55.07 47.49
CA MET D 37 -44.98 53.76 47.20
C MET D 37 -45.70 53.15 46.01
N PRO D 38 -44.97 52.73 44.97
CA PRO D 38 -45.65 52.07 43.85
C PRO D 38 -46.02 50.65 44.13
N GLU D 39 -47.11 50.19 43.51
CA GLU D 39 -47.48 48.78 43.50
C GLU D 39 -46.69 48.05 42.40
N ILE D 40 -46.39 46.78 42.62
CA ILE D 40 -45.66 45.96 41.65
C ILE D 40 -46.52 44.77 41.24
N ILE D 41 -46.64 44.53 39.94
CA ILE D 41 -47.35 43.33 39.45
C ILE D 41 -46.53 42.66 38.37
N TRP D 42 -46.60 41.35 38.33
CA TRP D 42 -45.93 40.58 37.31
C TRP D 42 -46.85 40.41 36.09
N ILE D 43 -46.27 40.49 34.90
CA ILE D 43 -47.05 40.35 33.68
C ILE D 43 -46.34 39.43 32.69
N ARG D 44 -47.11 38.89 31.75
CA ARG D 44 -46.58 38.02 30.69
C ARG D 44 -46.01 38.83 29.55
N SER D 45 -45.43 38.13 28.59
CA SER D 45 -44.94 38.74 27.36
C SER D 45 -46.06 39.50 26.66
N ASP D 46 -47.26 38.94 26.63
CA ASP D 46 -48.38 39.58 25.91
C ASP D 46 -48.99 40.72 26.72
N GLY D 47 -48.42 41.02 27.88
CA GLY D 47 -48.78 42.20 28.62
C GLY D 47 -49.83 41.97 29.68
N THR D 48 -50.39 40.76 29.72
CA THR D 48 -51.43 40.44 30.67
C THR D 48 -50.84 40.03 32.01
N ALA D 49 -51.69 40.04 33.03
CA ALA D 49 -51.28 39.76 34.40
C ALA D 49 -51.07 38.28 34.65
N VAL D 50 -50.02 37.96 35.39
CA VAL D 50 -49.73 36.57 35.71
C VAL D 50 -50.39 36.17 37.01
N GLY D 51 -50.98 34.98 37.03
CA GLY D 51 -51.60 34.44 38.22
C GLY D 51 -50.84 33.25 38.76
N ASP D 52 -51.22 32.80 39.96
CA ASP D 52 -50.59 31.63 40.56
C ASP D 52 -50.98 30.37 39.79
N VAL D 53 -50.02 29.45 39.69
CA VAL D 53 -50.28 28.11 39.22
C VAL D 53 -49.80 27.17 40.32
N PRO D 54 -50.71 26.36 40.90
CA PRO D 54 -50.35 25.45 41.99
C PRO D 54 -49.07 24.66 41.76
N GLY D 55 -48.09 24.89 42.62
CA GLY D 55 -46.87 24.09 42.66
C GLY D 55 -45.85 24.45 41.60
N LEU D 56 -46.20 25.38 40.71
CA LEU D 56 -45.35 25.74 39.57
C LEU D 56 -44.99 27.21 39.56
N ARG D 57 -45.92 28.07 39.95
CA ARG D 57 -45.69 29.50 39.91
C ARG D 57 -46.49 30.21 41.01
N GLN D 58 -45.79 30.94 41.87
CA GLN D 58 -46.40 31.59 43.02
C GLN D 58 -45.94 33.06 43.17
N ILE D 59 -46.89 33.95 43.38
CA ILE D 59 -46.57 35.32 43.74
C ILE D 59 -46.45 35.42 45.25
N SER D 60 -45.36 36.05 45.71
CA SER D 60 -45.11 36.30 47.13
C SER D 60 -45.22 37.78 47.45
N SER D 61 -45.34 38.10 48.74
CA SER D 61 -45.65 39.46 49.18
C SER D 61 -44.58 40.49 48.81
N ASP D 62 -43.38 40.03 48.47
CA ASP D 62 -42.26 40.91 48.16
C ASP D 62 -42.18 41.23 46.67
N GLY D 63 -43.32 41.16 45.98
CA GLY D 63 -43.34 41.28 44.54
C GLY D 63 -42.37 40.29 43.93
N LYS D 64 -42.35 39.09 44.51
CA LYS D 64 -41.43 38.04 44.09
C LYS D 64 -42.17 36.91 43.40
N LEU D 65 -41.69 36.54 42.23
CA LEU D 65 -42.31 35.49 41.44
C LEU D 65 -41.48 34.24 41.67
N VAL D 66 -42.14 33.16 42.07
CA VAL D 66 -41.46 31.96 42.55
C VAL D 66 -41.82 30.74 41.72
N PHE D 67 -40.78 30.01 41.33
CA PHE D 67 -40.93 28.78 40.58
C PHE D 67 -40.36 27.63 41.41
N PRO D 68 -41.23 26.88 42.10
CA PRO D 68 -40.72 25.81 42.96
C PRO D 68 -40.10 24.67 42.17
N PRO D 69 -39.21 23.89 42.79
CA PRO D 69 -38.74 22.72 42.06
C PRO D 69 -39.92 21.86 41.63
N PHE D 70 -39.79 21.18 40.49
CA PHE D 70 -40.88 20.41 39.92
C PHE D 70 -40.40 19.17 39.19
N ARG D 71 -41.29 18.19 39.05
CA ARG D 71 -41.01 16.96 38.31
C ARG D 71 -41.28 17.18 36.82
N ALA D 72 -40.62 16.38 36.00
CA ALA D 72 -40.68 16.50 34.55
C ALA D 72 -42.11 16.40 34.01
N GLU D 73 -42.93 15.58 34.66
CA GLU D 73 -44.34 15.45 34.25
C GLU D 73 -45.14 16.75 34.40
N ASP D 74 -44.63 17.68 35.21
CA ASP D 74 -45.37 18.91 35.53
C ASP D 74 -44.82 20.15 34.82
N TYR D 75 -43.96 19.93 33.82
CA TYR D 75 -43.50 21.03 33.00
C TYR D 75 -44.67 21.64 32.23
N ARG D 76 -44.76 22.96 32.22
CA ARG D 76 -45.76 23.70 31.46
C ARG D 76 -45.08 24.83 30.70
N GLN D 77 -45.10 24.77 29.38
CA GLN D 77 -44.49 25.79 28.52
C GLN D 77 -44.98 27.18 28.92
N GLU D 78 -46.23 27.25 29.36
CA GLU D 78 -46.88 28.51 29.74
C GLU D 78 -46.15 29.17 30.91
N VAL D 79 -45.71 28.35 31.85
CA VAL D 79 -45.03 28.82 33.04
C VAL D 79 -43.51 28.87 32.87
N HIS D 80 -42.96 27.77 32.33
CA HIS D 80 -41.53 27.47 32.44
C HIS D 80 -40.66 27.96 31.27
N ALA D 81 -41.28 28.45 30.22
CA ALA D 81 -40.55 28.95 29.06
C ALA D 81 -41.26 30.20 28.58
N GLN D 82 -40.99 31.30 29.27
CA GLN D 82 -41.82 32.48 29.13
C GLN D 82 -41.01 33.72 29.41
N VAL D 83 -41.34 34.80 28.72
CA VAL D 83 -40.77 36.10 29.01
C VAL D 83 -41.74 36.86 29.92
N TYR D 84 -41.25 37.22 31.10
CA TYR D 84 -42.05 37.94 32.08
C TYR D 84 -41.56 39.35 32.21
N ALA D 85 -42.37 40.19 32.85
CA ALA D 85 -41.90 41.51 33.16
C ALA D 85 -42.59 41.97 34.43
N CYS D 86 -41.96 42.97 35.04
CA CYS D 86 -42.48 43.61 36.24
C CYS D 86 -43.10 44.95 35.87
N LEU D 87 -44.31 45.24 36.36
CA LEU D 87 -44.94 46.52 36.10
C LEU D 87 -45.14 47.25 37.43
N ALA D 88 -44.62 48.46 37.53
CA ALA D 88 -44.71 49.27 38.75
C ALA D 88 -45.51 50.53 38.51
N ARG D 89 -46.39 50.87 39.44
CA ARG D 89 -47.22 52.02 39.22
C ARG D 89 -47.61 52.72 40.49
N ASN D 90 -47.64 54.05 40.41
CA ASN D 90 -48.35 54.83 41.44
C ASN D 90 -49.25 55.87 40.74
N GLN D 91 -49.77 56.84 41.46
CA GLN D 91 -50.74 57.78 40.89
C GLN D 91 -50.18 58.55 39.71
N PHE D 92 -48.86 58.59 39.56
CA PHE D 92 -48.25 59.39 38.51
C PHE D 92 -48.06 58.65 37.20
N GLY D 93 -48.19 57.33 37.21
CA GLY D 93 -48.00 56.55 35.99
C GLY D 93 -47.38 55.19 36.20
N SER D 94 -46.96 54.55 35.12
CA SER D 94 -46.54 53.15 35.20
C SER D 94 -45.28 52.96 34.43
N ILE D 95 -44.46 51.99 34.87
CA ILE D 95 -43.26 51.61 34.13
C ILE D 95 -43.14 50.10 34.06
N ILE D 96 -42.50 49.62 33.01
CA ILE D 96 -42.30 48.19 32.81
C ILE D 96 -40.80 47.86 32.74
N SER D 97 -40.44 46.77 33.39
CA SER D 97 -39.05 46.37 33.52
C SER D 97 -38.55 45.83 32.20
N ARG D 98 -37.25 45.59 32.11
CA ARG D 98 -36.69 44.84 30.99
C ARG D 98 -37.33 43.46 30.92
N ASP D 99 -37.13 42.78 29.80
CA ASP D 99 -37.65 41.43 29.64
C ASP D 99 -36.93 40.49 30.58
N VAL D 100 -37.65 39.54 31.14
CA VAL D 100 -37.07 38.53 32.01
C VAL D 100 -37.29 37.16 31.38
N HIS D 101 -36.23 36.64 30.79
CA HIS D 101 -36.30 35.37 30.08
C HIS D 101 -36.19 34.23 31.08
N VAL D 102 -37.33 33.64 31.40
CA VAL D 102 -37.39 32.51 32.33
C VAL D 102 -37.31 31.23 31.53
N ARG D 103 -36.36 30.38 31.90
CA ARG D 103 -36.20 29.08 31.24
C ARG D 103 -35.84 27.97 32.23
N ALA D 104 -36.86 27.19 32.61
CA ALA D 104 -36.63 26.00 33.41
C ALA D 104 -36.14 24.89 32.50
N VAL D 105 -35.06 24.23 32.91
CA VAL D 105 -34.46 23.16 32.12
C VAL D 105 -34.49 21.86 32.93
N VAL D 106 -35.31 20.92 32.47
CA VAL D 106 -35.37 19.60 33.06
C VAL D 106 -34.02 18.91 32.90
N ASN D 107 -33.47 18.37 33.97
CA ASN D 107 -32.16 17.74 33.92
C ASN D 107 -32.11 16.66 32.85
N GLN D 108 -31.00 16.61 32.13
CA GLN D 108 -30.79 15.61 31.10
C GLN D 108 -29.44 14.95 31.27
N PHE D 109 -29.37 13.69 30.88
CA PHE D 109 -28.12 12.96 30.86
C PHE D 109 -27.32 13.42 29.66
N TYR D 110 -26.00 13.36 29.78
CA TYR D 110 -25.11 13.72 28.70
C TYR D 110 -23.72 13.14 28.96
N GLU D 111 -22.93 13.01 27.89
CA GLU D 111 -21.53 12.67 28.01
C GLU D 111 -20.74 13.54 27.04
N ALA D 112 -19.52 13.90 27.45
CA ALA D 112 -18.59 14.59 26.58
C ALA D 112 -17.62 13.58 26.00
N GLU D 113 -17.11 13.88 24.81
CA GLU D 113 -16.16 13.01 24.13
C GLU D 113 -14.97 13.82 23.62
N ILE D 114 -13.83 13.15 23.46
CA ILE D 114 -12.61 13.78 22.96
C ILE D 114 -12.09 12.98 21.77
N MET D 115 -12.06 13.60 20.60
CA MET D 115 -11.56 12.93 19.41
C MET D 115 -10.05 12.90 19.47
N THR D 116 -9.48 11.82 18.94
CA THR D 116 -8.05 11.66 18.84
C THR D 116 -7.51 12.64 17.80
N GLU D 117 -6.45 13.35 18.17
CA GLU D 117 -5.84 14.37 17.32
C GLU D 117 -4.52 13.89 16.74
N TYR D 118 -4.35 14.06 15.44
CA TYR D 118 -3.11 13.73 14.76
C TYR D 118 -2.29 14.99 14.52
N VAL D 119 -1.06 15.01 15.01
CA VAL D 119 -0.23 16.20 14.98
C VAL D 119 1.19 15.89 14.50
N ILE D 120 1.65 16.66 13.53
CA ILE D 120 3.02 16.58 13.04
C ILE D 120 4.00 17.01 14.13
N ARG D 121 5.05 16.22 14.32
N ARG D 121 5.04 16.21 14.33
CA ARG D 121 6.05 16.49 15.35
CA ARG D 121 6.06 16.48 15.34
C ARG D 121 6.49 17.95 15.34
C ARG D 121 6.49 17.95 15.34
N GLY D 122 6.57 18.56 16.53
CA GLY D 122 7.00 19.93 16.65
C GLY D 122 5.89 20.97 16.56
N ASN D 123 4.71 20.54 16.14
CA ASN D 123 3.58 21.46 16.02
C ASN D 123 2.76 21.53 17.30
N ALA D 124 1.89 22.53 17.35
CA ALA D 124 0.96 22.70 18.46
C ALA D 124 -0.21 21.73 18.31
N ALA D 125 -0.69 21.19 19.42
CA ALA D 125 -1.86 20.33 19.42
C ALA D 125 -2.96 20.98 20.23
N VAL D 126 -4.19 20.83 19.78
CA VAL D 126 -5.34 21.32 20.50
C VAL D 126 -6.30 20.16 20.67
N LEU D 127 -6.47 19.69 21.91
CA LEU D 127 -7.49 18.69 22.22
C LEU D 127 -8.81 19.37 22.59
N LYS D 128 -9.93 18.84 22.06
CA LYS D 128 -11.24 19.43 22.30
C LYS D 128 -12.14 18.52 23.13
N CYS D 129 -12.83 19.12 24.08
CA CYS D 129 -13.80 18.42 24.92
C CYS D 129 -15.15 18.61 24.25
N SER D 130 -15.59 17.63 23.47
CA SER D 130 -16.78 17.85 22.65
C SER D 130 -18.01 17.64 23.47
N ILE D 131 -18.73 18.72 23.68
CA ILE D 131 -19.93 18.71 24.51
C ILE D 131 -21.14 18.75 23.57
N PRO D 132 -22.10 17.83 23.76
CA PRO D 132 -23.29 17.82 22.91
C PRO D 132 -24.03 19.16 22.89
N SER D 133 -24.43 19.58 21.70
CA SER D 133 -25.05 20.89 21.53
C SER D 133 -26.28 21.09 22.39
N PHE D 134 -27.04 20.02 22.65
CA PHE D 134 -28.32 20.18 23.34
C PHE D 134 -28.12 20.58 24.80
N VAL D 135 -26.87 20.50 25.30
CA VAL D 135 -26.57 20.99 26.64
C VAL D 135 -25.45 22.01 26.69
N ALA D 136 -24.97 22.44 25.52
CA ALA D 136 -23.80 23.32 25.47
C ALA D 136 -24.02 24.65 26.20
N ASP D 137 -25.25 25.13 26.27
CA ASP D 137 -25.57 26.35 27.01
C ASP D 137 -25.24 26.23 28.51
N PHE D 138 -25.23 25.01 29.06
CA PHE D 138 -25.12 24.83 30.50
C PHE D 138 -23.94 23.98 30.95
N VAL D 139 -23.25 23.35 30.01
CA VAL D 139 -22.12 22.48 30.35
C VAL D 139 -20.86 23.04 29.71
N ARG D 140 -19.82 23.24 30.53
CA ARG D 140 -18.55 23.78 30.10
C ARG D 140 -17.39 23.00 30.70
N VAL D 141 -16.21 23.19 30.16
CA VAL D 141 -15.03 22.56 30.71
C VAL D 141 -14.66 23.23 32.02
N GLU D 142 -14.33 22.41 33.02
CA GLU D 142 -13.85 22.91 34.30
C GLU D 142 -12.34 22.67 34.43
N SER D 143 -11.90 21.54 33.91
CA SER D 143 -10.49 21.16 33.99
C SER D 143 -10.24 19.95 33.11
N TRP D 144 -8.96 19.68 32.86
CA TRP D 144 -8.51 18.44 32.23
C TRP D 144 -7.66 17.69 33.25
N ILE D 145 -7.52 16.38 33.07
CA ILE D 145 -6.63 15.59 33.90
C ILE D 145 -5.92 14.54 33.05
N ASP D 146 -4.62 14.34 33.26
CA ASP D 146 -3.89 13.38 32.45
C ASP D 146 -3.84 12.00 33.07
N ASP D 147 -3.14 11.08 32.41
CA ASP D 147 -3.06 9.67 32.81
C ASP D 147 -2.29 9.47 34.11
N GLU D 148 -1.55 10.48 34.53
CA GLU D 148 -0.78 10.41 35.77
C GLU D 148 -1.51 11.11 36.91
N GLY D 149 -2.72 11.61 36.63
CA GLY D 149 -3.53 12.25 37.64
C GLY D 149 -3.29 13.75 37.78
N ASN D 150 -2.39 14.30 36.97
CA ASN D 150 -2.15 15.73 36.96
C ASN D 150 -3.36 16.51 36.44
N VAL D 151 -3.86 17.40 37.28
CA VAL D 151 -5.02 18.18 36.92
C VAL D 151 -4.55 19.48 36.29
N LEU D 152 -5.17 19.84 35.17
CA LEU D 152 -4.79 21.02 34.41
C LEU D 152 -5.99 21.95 34.36
N SER D 153 -5.81 23.18 34.85
CA SER D 153 -6.91 24.12 34.94
C SER D 153 -6.58 25.44 34.26
N PHE D 154 -7.59 26.30 34.16
CA PHE D 154 -7.42 27.62 33.55
C PHE D 154 -6.36 28.41 34.28
N SER D 155 -5.57 29.18 33.52
CA SER D 155 -4.47 29.97 34.07
C SER D 155 -4.14 31.12 33.15
N ASP D 156 -3.66 32.22 33.73
CA ASP D 156 -3.27 33.37 32.94
C ASP D 156 -1.78 33.30 32.59
N ASN D 157 -1.11 32.26 33.08
CA ASN D 157 0.26 31.95 32.65
C ASN D 157 0.26 31.16 31.35
N TYR D 158 0.38 31.87 30.23
CA TYR D 158 0.28 31.26 28.91
C TYR D 158 1.60 30.64 28.40
N ASP D 159 2.60 30.49 29.26
CA ASP D 159 3.97 30.20 28.81
C ASP D 159 4.41 28.75 28.94
N GLY D 160 3.57 27.92 29.53
CA GLY D 160 3.93 26.54 29.76
C GLY D 160 3.69 25.65 28.54
N LYS D 161 4.18 24.43 28.65
CA LYS D 161 3.95 23.39 27.68
C LYS D 161 2.46 23.24 27.45
N TYR D 162 1.71 23.20 28.56
CA TYR D 162 0.26 23.04 28.52
C TYR D 162 -0.50 24.33 28.86
N LEU D 163 -1.62 24.55 28.20
CA LEU D 163 -2.48 25.66 28.54
C LEU D 163 -3.92 25.26 28.28
N VAL D 164 -4.74 25.30 29.32
CA VAL D 164 -6.16 25.19 29.09
C VAL D 164 -6.59 26.55 28.61
N LEU D 165 -6.97 26.62 27.34
CA LEU D 165 -7.44 27.86 26.76
C LEU D 165 -8.72 28.32 27.45
N PRO D 166 -8.95 29.65 27.51
CA PRO D 166 -10.17 30.16 28.14
C PRO D 166 -11.47 29.58 27.56
N SER D 167 -11.42 29.09 26.33
CA SER D 167 -12.62 28.54 25.70
C SER D 167 -12.73 27.04 25.92
N GLY D 168 -11.81 26.47 26.71
CA GLY D 168 -11.93 25.11 27.20
C GLY D 168 -11.00 24.07 26.60
N GLU D 169 -10.37 24.36 25.46
CA GLU D 169 -9.52 23.37 24.83
C GLU D 169 -8.21 23.22 25.57
N LEU D 170 -7.65 22.03 25.53
CA LEU D 170 -6.31 21.81 26.04
C LEU D 170 -5.30 22.06 24.93
N HIS D 171 -4.44 23.06 25.14
CA HIS D 171 -3.39 23.38 24.18
C HIS D 171 -2.06 22.81 24.64
N ILE D 172 -1.34 22.19 23.72
CA ILE D 172 -0.05 21.58 23.99
C ILE D 172 1.00 22.10 23.01
N ARG D 173 2.02 22.76 23.52
CA ARG D 173 3.10 23.31 22.70
C ARG D 173 4.00 22.21 22.19
N GLU D 174 4.51 22.43 20.97
CA GLU D 174 5.67 21.71 20.45
C GLU D 174 5.68 20.22 20.79
N VAL D 175 4.75 19.50 20.19
CA VAL D 175 4.56 18.10 20.52
C VAL D 175 5.75 17.27 20.01
N GLY D 176 6.08 16.23 20.76
CA GLY D 176 7.09 15.27 20.39
C GLY D 176 6.57 13.87 20.66
N PRO D 177 7.28 12.83 20.18
CA PRO D 177 6.83 11.42 20.30
C PRO D 177 6.35 11.02 21.70
N GLU D 178 6.97 11.59 22.74
CA GLU D 178 6.61 11.27 24.12
C GLU D 178 5.13 11.58 24.40
N ASP D 179 4.65 12.71 23.89
CA ASP D 179 3.27 13.14 24.09
C ASP D 179 2.22 12.13 23.60
N GLY D 180 2.65 11.19 22.77
CA GLY D 180 1.75 10.18 22.26
C GLY D 180 1.47 9.10 23.30
N TYR D 181 2.20 9.15 24.41
CA TYR D 181 2.07 8.14 25.46
C TYR D 181 1.01 8.56 26.46
N LYS D 182 0.75 9.86 26.51
CA LYS D 182 -0.16 10.42 27.48
C LYS D 182 -1.59 10.32 26.99
N SER D 183 -2.54 10.33 27.92
CA SER D 183 -3.95 10.46 27.57
C SER D 183 -4.58 11.48 28.51
N TYR D 184 -5.72 12.00 28.10
CA TYR D 184 -6.38 13.09 28.83
C TYR D 184 -7.87 12.87 28.89
N GLN D 185 -8.46 13.38 29.95
CA GLN D 185 -9.90 13.39 30.11
C GLN D 185 -10.26 14.80 30.45
N CYS D 186 -11.47 15.22 30.09
CA CYS D 186 -11.97 16.50 30.55
C CYS D 186 -13.07 16.29 31.60
N ARG D 187 -13.08 17.20 32.56
CA ARG D 187 -14.12 17.28 33.56
C ARG D 187 -14.96 18.51 33.24
N THR D 188 -16.26 18.29 33.04
CA THR D 188 -17.19 19.36 32.69
C THR D 188 -18.12 19.68 33.85
N LYS D 189 -18.57 20.93 33.93
CA LYS D 189 -19.52 21.32 34.97
C LYS D 189 -20.84 21.80 34.38
N HIS D 190 -21.92 21.30 34.98
CA HIS D 190 -23.27 21.71 34.66
C HIS D 190 -23.63 22.87 35.58
N ARG D 191 -23.86 24.05 35.02
CA ARG D 191 -24.03 25.23 35.86
C ARG D 191 -25.42 25.31 36.51
N LEU D 192 -26.41 24.56 36.03
CA LEU D 192 -27.73 24.60 36.66
C LEU D 192 -27.84 23.60 37.82
N THR D 193 -27.13 22.48 37.73
CA THR D 193 -27.19 21.47 38.77
C THR D 193 -25.96 21.49 39.68
N GLY D 194 -24.88 22.12 39.21
CA GLY D 194 -23.62 22.10 39.93
C GLY D 194 -22.82 20.82 39.73
N GLU D 195 -23.38 19.88 38.97
CA GLU D 195 -22.77 18.56 38.79
C GLU D 195 -21.54 18.62 37.91
N THR D 196 -20.54 17.80 38.24
CA THR D 196 -19.40 17.57 37.37
C THR D 196 -19.40 16.13 36.86
N ARG D 197 -18.97 15.96 35.60
CA ARG D 197 -18.77 14.66 35.00
C ARG D 197 -17.39 14.57 34.37
N LEU D 198 -16.78 13.39 34.45
CA LEU D 198 -15.53 13.11 33.76
C LEU D 198 -15.84 12.46 32.43
N SER D 199 -15.17 12.89 31.38
CA SER D 199 -15.43 12.31 30.07
C SER D 199 -15.12 10.81 30.10
N ALA D 200 -16.00 10.03 29.47
CA ALA D 200 -15.78 8.60 29.38
C ALA D 200 -14.59 8.32 28.47
N THR D 201 -14.72 8.70 27.20
CA THR D 201 -13.64 8.52 26.25
C THR D 201 -12.45 9.39 26.65
N LYS D 202 -11.27 8.77 26.66
CA LYS D 202 -10.02 9.49 26.85
C LYS D 202 -9.54 10.05 25.51
N GLY D 203 -8.78 11.14 25.57
CA GLY D 203 -8.27 11.77 24.37
C GLY D 203 -6.77 11.53 24.26
N ARG D 204 -6.29 11.24 23.07
CA ARG D 204 -4.86 11.11 22.89
C ARG D 204 -4.37 11.78 21.61
N LEU D 205 -3.07 11.93 21.55
CA LEU D 205 -2.39 12.46 20.39
C LEU D 205 -1.70 11.32 19.65
N VAL D 206 -1.81 11.34 18.32
CA VAL D 206 -0.94 10.55 17.47
C VAL D 206 0.05 11.50 16.80
N ILE D 207 1.32 11.34 17.12
CA ILE D 207 2.35 12.21 16.58
C ILE D 207 2.96 11.59 15.34
N THR D 208 2.85 12.34 14.24
CA THR D 208 3.24 11.84 12.94
C THR D 208 4.59 12.44 12.53
N GLU D 209 5.33 11.69 11.74
CA GLU D 209 6.60 12.18 11.20
C GLU D 209 6.51 12.09 9.70
N PRO D 210 6.29 13.23 9.01
CA PRO D 210 6.06 13.19 7.57
C PRO D 210 7.29 12.75 6.78
N VAL D 211 7.04 12.19 5.61
CA VAL D 211 8.08 11.63 4.76
C VAL D 211 8.99 12.73 4.21
N GLY D 212 8.40 13.82 3.75
CA GLY D 212 9.13 14.97 3.27
C GLY D 212 8.44 16.22 3.77
N SER D 213 8.84 17.38 3.26
CA SER D 213 8.24 18.64 3.71
C SER D 213 6.76 18.80 3.29
N LYS D 214 5.97 19.43 4.15
CA LYS D 214 4.55 19.63 3.94
C LYS D 214 4.17 21.10 4.14
N ALA D 215 3.52 21.70 3.15
CA ALA D 215 2.98 23.04 3.28
C ALA D 215 1.92 23.07 4.39
N PRO D 216 1.66 24.23 4.98
CA PRO D 216 0.65 24.30 6.05
C PRO D 216 -0.74 23.86 5.62
N THR D 217 -1.40 23.06 6.45
CA THR D 217 -2.80 22.69 6.21
C THR D 217 -3.59 22.89 7.48
N PHE D 218 -4.87 23.22 7.31
CA PHE D 218 -5.78 23.40 8.45
C PHE D 218 -6.61 22.15 8.69
N ALA D 219 -7.17 22.06 9.90
CA ALA D 219 -7.89 20.88 10.34
C ALA D 219 -9.08 20.57 9.45
N THR D 220 -9.71 21.61 8.92
CA THR D 220 -10.82 21.50 7.98
C THR D 220 -10.54 22.41 6.80
N ALA D 221 -11.27 22.19 5.71
CA ALA D 221 -11.08 22.94 4.49
C ALA D 221 -11.82 24.28 4.47
N SER D 222 -12.69 24.54 5.44
CA SER D 222 -13.44 25.79 5.41
C SER D 222 -12.51 26.97 5.62
N LYS D 223 -12.74 28.04 4.85
CA LYS D 223 -11.83 29.19 4.81
C LYS D 223 -12.32 30.34 5.66
N ILE D 224 -13.48 30.15 6.28
CA ILE D 224 -14.13 31.20 7.06
C ILE D 224 -15.01 30.59 8.15
N SER D 225 -15.10 31.29 9.26
CA SER D 225 -16.00 30.94 10.36
C SER D 225 -16.38 32.21 11.11
N SER D 226 -17.35 32.09 12.02
CA SER D 226 -17.74 33.20 12.85
C SER D 226 -17.58 32.84 14.31
N LEU D 227 -17.41 33.87 15.14
CA LEU D 227 -17.17 33.67 16.56
C LEU D 227 -17.87 34.78 17.32
N LEU D 228 -18.56 34.39 18.38
CA LEU D 228 -19.25 35.31 19.27
C LEU D 228 -18.51 35.32 20.60
N GLY D 229 -18.36 36.49 21.20
CA GLY D 229 -17.72 36.57 22.51
C GLY D 229 -18.30 37.77 23.23
N SER D 230 -18.09 37.83 24.54
CA SER D 230 -18.67 38.89 25.36
C SER D 230 -17.60 39.82 25.89
N SER D 231 -17.95 41.08 26.07
CA SER D 231 -17.07 42.05 26.74
C SER D 231 -16.57 41.52 28.06
N SER D 232 -15.30 41.81 28.35
CA SER D 232 -14.61 41.46 29.60
C SER D 232 -14.22 39.98 29.69
N SER D 233 -14.61 39.18 28.71
CA SER D 233 -14.15 37.81 28.63
C SER D 233 -12.85 37.73 27.80
N ASP D 234 -12.08 36.65 28.01
CA ASP D 234 -10.87 36.38 27.23
C ASP D 234 -11.26 35.54 26.02
N ILE D 235 -11.26 36.17 24.85
CA ILE D 235 -11.76 35.54 23.62
C ILE D 235 -10.64 34.83 22.86
N VAL D 236 -10.89 33.56 22.51
CA VAL D 236 -9.90 32.69 21.84
C VAL D 236 -10.22 32.55 20.35
N LEU D 237 -9.25 32.89 19.52
CA LEU D 237 -9.32 32.69 18.10
C LEU D 237 -8.35 31.58 17.73
N LEU D 238 -8.90 30.42 17.40
CA LEU D 238 -8.06 29.29 17.03
C LEU D 238 -7.52 29.47 15.62
N CYS D 239 -6.39 28.82 15.37
CA CYS D 239 -5.84 28.79 14.03
C CYS D 239 -5.12 27.46 13.86
N GLN D 240 -5.90 26.40 13.71
CA GLN D 240 -5.41 25.06 13.86
C GLN D 240 -4.75 24.56 12.58
N ALA D 241 -3.53 24.98 12.36
CA ALA D 241 -2.77 24.58 11.19
C ALA D 241 -1.56 23.77 11.61
N GLN D 242 -1.08 22.90 10.73
CA GLN D 242 0.15 22.17 10.95
C GLN D 242 0.98 22.19 9.69
N ALA D 243 2.29 22.04 9.84
CA ALA D 243 3.20 22.01 8.71
C ALA D 243 4.51 21.34 9.07
N PHE D 244 5.26 21.00 8.04
CA PHE D 244 6.60 20.48 8.23
C PHE D 244 7.52 21.08 7.16
N PRO D 245 8.53 21.85 7.57
CA PRO D 245 8.86 22.22 8.95
C PRO D 245 7.77 23.03 9.63
N VAL D 246 7.87 23.11 10.95
CA VAL D 246 6.90 23.82 11.78
C VAL D 246 6.71 25.23 11.22
N PRO D 247 5.45 25.68 11.11
CA PRO D 247 5.25 26.98 10.46
C PRO D 247 5.26 28.11 11.47
N TYR D 248 5.20 29.33 10.98
CA TYR D 248 5.01 30.49 11.86
C TYR D 248 3.67 31.11 11.48
N THR D 249 3.04 31.77 12.45
CA THR D 249 1.67 32.24 12.28
C THR D 249 1.61 33.70 12.60
N ARG D 250 0.89 34.45 11.77
CA ARG D 250 0.66 35.88 11.96
C ARG D 250 -0.81 36.22 11.80
N TRP D 251 -1.28 37.07 12.70
CA TRP D 251 -2.65 37.53 12.71
C TRP D 251 -2.79 38.97 12.24
N TYR D 252 -3.81 39.20 11.42
CA TYR D 252 -4.20 40.53 10.93
C TYR D 252 -5.67 40.79 11.19
N LYS D 253 -6.05 42.07 11.17
CA LYS D 253 -7.46 42.46 11.20
C LYS D 253 -7.81 43.35 10.02
N PHE D 254 -8.88 43.01 9.31
CA PHE D 254 -9.26 43.79 8.17
C PHE D 254 -9.87 45.11 8.64
N ILE D 255 -9.58 46.17 7.90
CA ILE D 255 -10.21 47.45 8.17
C ILE D 255 -11.63 47.39 7.61
N GLU D 256 -12.61 47.67 8.46
CA GLU D 256 -14.02 47.45 8.15
C GLU D 256 -14.42 48.01 6.79
N GLY D 257 -14.96 47.14 5.94
CA GLY D 257 -15.50 47.55 4.65
C GLY D 257 -14.47 47.55 3.54
N THR D 258 -13.28 47.03 3.83
CA THR D 258 -12.18 47.09 2.90
C THR D 258 -11.51 45.72 2.78
N THR D 259 -10.65 45.59 1.78
CA THR D 259 -9.83 44.39 1.62
C THR D 259 -8.42 44.67 2.12
N ARG D 260 -8.27 45.75 2.88
CA ARG D 260 -6.98 46.12 3.45
C ARG D 260 -6.95 45.72 4.91
N LYS D 261 -5.77 45.34 5.40
CA LYS D 261 -5.62 44.80 6.75
C LYS D 261 -4.46 45.43 7.51
N GLN D 262 -4.50 45.32 8.85
CA GLN D 262 -3.40 45.71 9.72
C GLN D 262 -2.97 44.52 10.56
N ALA D 263 -1.68 44.41 10.84
CA ALA D 263 -1.19 43.34 11.71
C ALA D 263 -1.74 43.53 13.11
N VAL D 264 -2.17 42.43 13.73
CA VAL D 264 -2.62 42.47 15.12
C VAL D 264 -1.44 42.85 16.01
N VAL D 265 -1.65 43.83 16.89
CA VAL D 265 -0.61 44.24 17.82
C VAL D 265 -0.68 43.44 19.12
N LEU D 266 0.36 42.63 19.37
CA LEU D 266 0.44 41.85 20.59
C LEU D 266 0.97 42.71 21.73
N ASN D 267 0.43 42.53 22.93
CA ASN D 267 0.92 43.27 24.09
C ASN D 267 0.57 42.54 25.39
N ASP D 268 0.13 43.26 26.41
CA ASP D 268 -0.18 42.62 27.69
C ASP D 268 -1.61 42.11 27.70
N ARG D 269 -2.43 42.62 26.77
CA ARG D 269 -3.83 42.23 26.66
C ARG D 269 -4.06 41.20 25.56
N VAL D 270 -3.50 41.46 24.39
CA VAL D 270 -3.67 40.58 23.23
C VAL D 270 -2.43 39.72 23.07
N LYS D 271 -2.56 38.42 23.33
CA LYS D 271 -1.44 37.48 23.33
C LYS D 271 -1.55 36.47 22.20
N GLN D 272 -0.42 35.90 21.81
CA GLN D 272 -0.42 34.79 20.86
C GLN D 272 0.31 33.60 21.44
N VAL D 273 -0.39 32.47 21.48
CA VAL D 273 0.15 31.22 21.99
C VAL D 273 0.31 30.26 20.83
N SER D 274 1.55 30.07 20.38
CA SER D 274 1.83 29.33 19.13
C SER D 274 1.00 29.97 18.03
N GLY D 275 0.00 29.27 17.50
CA GLY D 275 -0.81 29.82 16.44
C GLY D 275 -2.07 30.52 16.91
N THR D 276 -2.32 30.45 18.22
CA THR D 276 -3.63 30.83 18.76
C THR D 276 -3.61 32.27 19.28
N LEU D 277 -4.62 33.04 18.89
CA LEU D 277 -4.75 34.42 19.32
C LEU D 277 -5.73 34.51 20.45
N ILE D 278 -5.32 35.15 21.53
CA ILE D 278 -6.20 35.41 22.66
C ILE D 278 -6.28 36.92 22.93
N ILE D 279 -7.50 37.42 22.85
CA ILE D 279 -7.84 38.81 23.09
C ILE D 279 -8.43 38.92 24.48
N LYS D 280 -7.60 39.22 25.48
CA LYS D 280 -8.09 39.29 26.85
C LYS D 280 -8.92 40.56 27.08
N ASP D 281 -9.79 40.49 28.10
CA ASP D 281 -10.57 41.63 28.55
C ASP D 281 -11.21 42.32 27.35
N ALA D 282 -11.92 41.56 26.54
CA ALA D 282 -12.38 42.04 25.24
C ALA D 282 -13.30 43.27 25.32
N VAL D 283 -13.26 44.09 24.28
CA VAL D 283 -14.18 45.21 24.13
C VAL D 283 -14.83 45.16 22.76
N VAL D 284 -15.95 45.87 22.63
CA VAL D 284 -16.71 45.86 21.38
C VAL D 284 -15.82 46.21 20.19
N GLU D 285 -14.83 47.07 20.42
CA GLU D 285 -13.90 47.50 19.37
C GLU D 285 -13.13 46.32 18.76
N ASP D 286 -12.96 45.25 19.52
CA ASP D 286 -12.23 44.08 19.03
C ASP D 286 -12.98 43.33 17.91
N SER D 287 -14.26 43.63 17.77
CA SER D 287 -15.08 43.03 16.71
C SER D 287 -14.46 43.32 15.36
N GLY D 288 -14.70 42.43 14.40
CA GLY D 288 -14.21 42.60 13.05
C GLY D 288 -13.77 41.28 12.43
N LYS D 289 -13.28 41.34 11.21
CA LYS D 289 -12.86 40.15 10.49
C LYS D 289 -11.35 39.97 10.66
N TYR D 290 -10.95 38.81 11.18
CA TYR D 290 -9.54 38.50 11.41
C TYR D 290 -9.00 37.52 10.39
N LEU D 291 -7.69 37.58 10.17
CA LEU D 291 -7.03 36.75 9.18
C LEU D 291 -5.84 36.09 9.83
N CYS D 292 -5.82 34.77 9.77
CA CYS D 292 -4.72 34.00 10.27
C CYS D 292 -3.92 33.52 9.07
N VAL D 293 -2.65 33.93 9.01
CA VAL D 293 -1.71 33.52 7.97
C VAL D 293 -0.66 32.56 8.53
N VAL D 294 -0.52 31.39 7.90
CA VAL D 294 0.41 30.37 8.36
C VAL D 294 1.38 30.01 7.22
N ASN D 295 2.68 30.17 7.46
CA ASN D 295 3.70 29.93 6.44
C ASN D 295 4.81 29.01 6.93
N ASN D 296 5.37 28.25 6.01
CA ASN D 296 6.68 27.66 6.23
C ASN D 296 7.46 27.75 4.94
N SER D 297 8.61 27.08 4.88
CA SER D 297 9.48 27.16 3.72
C SER D 297 8.81 26.66 2.45
N VAL D 298 7.76 25.83 2.58
CA VAL D 298 7.15 25.20 1.41
C VAL D 298 5.92 25.91 0.90
N GLY D 299 5.26 26.69 1.74
CA GLY D 299 4.04 27.33 1.30
C GLY D 299 3.33 28.05 2.42
N GLY D 300 2.16 28.56 2.11
CA GLY D 300 1.42 29.41 3.02
C GLY D 300 -0.06 29.17 2.84
N GLU D 301 -0.83 29.41 3.90
CA GLU D 301 -2.27 29.23 3.88
C GLU D 301 -2.89 30.23 4.84
N SER D 302 -4.14 30.62 4.61
CA SER D 302 -4.80 31.55 5.50
C SER D 302 -6.30 31.25 5.63
N VAL D 303 -6.86 31.67 6.75
CA VAL D 303 -8.26 31.45 7.08
C VAL D 303 -8.76 32.68 7.80
N GLU D 304 -10.05 32.98 7.63
CA GLU D 304 -10.68 34.15 8.23
C GLU D 304 -11.64 33.79 9.36
N THR D 305 -11.71 34.66 10.37
CA THR D 305 -12.66 34.53 11.45
C THR D 305 -13.40 35.85 11.66
N VAL D 306 -14.72 35.81 11.61
CA VAL D 306 -15.53 36.99 11.84
C VAL D 306 -15.96 37.01 13.29
N LEU D 307 -15.42 37.96 14.06
CA LEU D 307 -15.69 38.05 15.49
C LEU D 307 -16.65 39.18 15.83
N THR D 308 -17.67 38.81 16.60
CA THR D 308 -18.58 39.79 17.18
C THR D 308 -18.37 39.78 18.68
N VAL D 309 -18.08 40.95 19.25
CA VAL D 309 -17.96 41.07 20.69
C VAL D 309 -19.21 41.81 21.20
N THR D 310 -20.03 41.11 21.98
CA THR D 310 -21.23 41.69 22.55
C THR D 310 -20.94 42.55 23.77
N ALA D 311 -21.86 43.45 24.09
CA ALA D 311 -21.80 44.20 25.35
C ALA D 311 -23.21 44.30 25.95
N PRO D 312 -23.32 44.23 27.29
CA PRO D 312 -24.65 44.27 27.89
C PRO D 312 -25.41 45.56 27.61
N LEU D 313 -26.72 45.44 27.42
CA LEU D 313 -27.54 46.60 27.10
C LEU D 313 -27.85 47.40 28.37
N SER D 314 -27.69 48.71 28.27
CA SER D 314 -28.06 49.64 29.33
C SER D 314 -28.68 50.87 28.68
N ALA D 315 -29.56 51.56 29.41
CA ALA D 315 -30.22 52.74 28.87
C ALA D 315 -30.47 53.76 29.97
N LYS D 316 -30.45 55.03 29.61
CA LYS D 316 -30.86 56.10 30.52
C LYS D 316 -31.49 57.25 29.73
N ILE D 317 -32.44 57.95 30.36
CA ILE D 317 -33.09 59.10 29.73
C ILE D 317 -32.66 60.41 30.38
N ASP D 318 -32.35 61.37 29.53
CA ASP D 318 -32.03 62.73 29.94
C ASP D 318 -33.16 63.65 29.52
N PRO D 319 -33.76 64.39 30.47
CA PRO D 319 -33.60 64.35 31.94
C PRO D 319 -34.50 63.31 32.59
N PRO D 320 -34.14 62.84 33.81
CA PRO D 320 -34.98 61.89 34.56
C PRO D 320 -36.36 62.45 34.92
N THR D 321 -36.44 63.76 35.08
CA THR D 321 -37.70 64.44 35.37
C THR D 321 -37.64 65.86 34.82
N GLN D 322 -38.73 66.33 34.25
CA GLN D 322 -38.84 67.71 33.81
C GLN D 322 -40.28 68.21 33.96
N THR D 323 -40.41 69.51 34.18
CA THR D 323 -41.71 70.19 34.24
C THR D 323 -41.82 71.15 33.06
N VAL D 324 -42.94 71.08 32.35
CA VAL D 324 -43.10 71.79 31.10
C VAL D 324 -44.44 72.54 31.08
N ASP D 325 -44.38 73.85 30.85
CA ASP D 325 -45.59 74.66 30.76
C ASP D 325 -46.45 74.19 29.60
N PHE D 326 -47.76 74.40 29.71
CA PHE D 326 -48.70 74.00 28.66
C PHE D 326 -48.34 74.58 27.31
N GLY D 327 -48.48 73.78 26.27
CA GLY D 327 -48.25 74.24 24.91
C GLY D 327 -46.80 74.17 24.47
N ARG D 328 -45.89 74.01 25.44
CA ARG D 328 -44.46 74.01 25.16
C ARG D 328 -43.96 72.62 24.78
N PRO D 329 -42.75 72.54 24.18
CA PRO D 329 -42.18 71.26 23.78
C PRO D 329 -41.56 70.48 24.94
N ALA D 330 -41.72 69.15 24.90
CA ALA D 330 -41.11 68.26 25.88
C ALA D 330 -40.15 67.30 25.17
N VAL D 331 -38.91 67.24 25.65
CA VAL D 331 -37.87 66.44 24.99
C VAL D 331 -37.29 65.37 25.93
N PHE D 332 -37.27 64.13 25.44
CA PHE D 332 -36.61 63.02 26.15
C PHE D 332 -35.53 62.38 25.27
N THR D 333 -34.28 62.43 25.72
CA THR D 333 -33.16 61.85 24.97
C THR D 333 -32.75 60.51 25.58
N CYS D 334 -32.99 59.42 24.84
CA CYS D 334 -32.59 58.08 25.29
C CYS D 334 -31.16 57.79 24.88
N GLN D 335 -30.27 57.68 25.86
CA GLN D 335 -28.88 57.33 25.63
C GLN D 335 -28.65 55.90 26.08
N TYR D 336 -27.81 55.16 25.38
CA TYR D 336 -27.66 53.74 25.68
C TYR D 336 -26.29 53.21 25.30
N THR D 337 -25.96 52.04 25.84
CA THR D 337 -24.75 51.33 25.49
C THR D 337 -25.09 49.85 25.24
N GLY D 338 -24.08 49.08 24.85
CA GLY D 338 -24.26 47.66 24.57
C GLY D 338 -24.17 47.34 23.08
N ASN D 339 -24.08 46.05 22.77
CA ASN D 339 -23.90 45.62 21.38
C ASN D 339 -24.30 44.16 21.20
N PRO D 340 -25.05 43.84 20.13
CA PRO D 340 -25.67 44.70 19.11
C PRO D 340 -26.93 45.40 19.61
N ILE D 341 -27.32 46.48 18.95
CA ILE D 341 -28.57 47.17 19.22
C ILE D 341 -29.43 47.09 17.97
N LYS D 342 -30.55 46.39 18.08
CA LYS D 342 -31.38 46.12 16.90
C LYS D 342 -32.54 47.09 16.82
N THR D 343 -33.13 47.39 17.98
CA THR D 343 -34.26 48.32 18.02
C THR D 343 -34.26 49.20 19.26
N VAL D 344 -34.51 50.49 19.03
CA VAL D 344 -34.90 51.41 20.08
C VAL D 344 -36.41 51.60 19.98
N SER D 345 -37.09 51.68 21.13
CA SER D 345 -38.54 51.90 21.15
C SER D 345 -38.95 52.63 22.42
N TRP D 346 -40.16 53.20 22.40
CA TRP D 346 -40.64 54.04 23.50
C TRP D 346 -41.96 53.58 24.06
N MET D 347 -42.18 53.90 25.33
CA MET D 347 -43.42 53.61 26.01
C MET D 347 -43.91 54.83 26.78
N LYS D 348 -45.19 54.83 27.08
CA LYS D 348 -45.78 55.84 27.95
C LYS D 348 -46.79 55.15 28.86
N ASP D 349 -46.51 55.21 30.17
CA ASP D 349 -47.36 54.59 31.17
C ASP D 349 -47.75 53.15 30.77
N GLY D 350 -46.76 52.39 30.33
CA GLY D 350 -46.94 50.98 30.03
C GLY D 350 -47.60 50.67 28.69
N LYS D 351 -47.68 51.67 27.82
CA LYS D 351 -48.26 51.52 26.50
C LYS D 351 -47.25 51.95 25.44
N ALA D 352 -47.14 51.15 24.39
CA ALA D 352 -46.20 51.45 23.31
C ALA D 352 -46.64 52.66 22.52
N ILE D 353 -45.68 53.52 22.17
CA ILE D 353 -45.90 54.65 21.27
C ILE D 353 -45.01 54.49 20.04
N GLY D 354 -45.58 54.74 18.86
CA GLY D 354 -44.87 54.51 17.61
C GLY D 354 -43.71 55.46 17.42
N HIS D 355 -42.63 55.23 18.15
CA HIS D 355 -41.43 56.05 18.03
C HIS D 355 -40.19 55.16 18.18
N SER D 356 -39.34 55.17 17.17
CA SER D 356 -38.18 54.30 17.09
C SER D 356 -36.88 55.08 17.10
N GLU D 357 -36.99 56.40 17.26
CA GLU D 357 -35.82 57.28 17.28
C GLU D 357 -35.36 57.46 18.73
N PRO D 358 -34.06 57.73 18.93
CA PRO D 358 -33.54 57.88 20.30
C PRO D 358 -34.03 59.14 21.02
N VAL D 359 -34.57 60.10 20.27
CA VAL D 359 -35.10 61.33 20.85
C VAL D 359 -36.59 61.38 20.63
N LEU D 360 -37.32 61.66 21.70
CA LEU D 360 -38.77 61.81 21.65
C LEU D 360 -39.15 63.25 21.94
N ARG D 361 -39.99 63.84 21.09
CA ARG D 361 -40.44 65.21 21.26
C ARG D 361 -41.96 65.29 21.25
N ILE D 362 -42.54 65.75 22.36
CA ILE D 362 -43.95 66.16 22.39
C ILE D 362 -43.98 67.66 22.14
N GLU D 363 -44.38 68.05 20.93
CA GLU D 363 -44.21 69.42 20.46
C GLU D 363 -44.96 70.45 21.30
N SER D 364 -46.16 70.08 21.74
CA SER D 364 -46.99 70.97 22.53
C SER D 364 -47.75 70.20 23.61
N VAL D 365 -47.25 70.27 24.85
CA VAL D 365 -47.76 69.42 25.93
C VAL D 365 -49.19 69.77 26.33
N LYS D 366 -49.99 68.72 26.48
CA LYS D 366 -51.36 68.82 27.00
C LYS D 366 -51.40 68.15 28.36
N LYS D 367 -52.55 68.25 29.03
CA LYS D 367 -52.75 67.60 30.32
C LYS D 367 -52.54 66.09 30.24
N GLU D 368 -52.84 65.53 29.07
CA GLU D 368 -52.79 64.08 28.89
C GLU D 368 -51.35 63.59 28.70
N ASP D 369 -50.42 64.51 28.52
CA ASP D 369 -49.02 64.16 28.30
C ASP D 369 -48.26 63.85 29.59
N LYS D 370 -48.80 64.27 30.73
CA LYS D 370 -48.12 64.03 32.01
C LYS D 370 -48.02 62.53 32.26
N GLY D 371 -46.92 62.11 32.87
CA GLY D 371 -46.75 60.71 33.22
C GLY D 371 -45.35 60.18 33.02
N MET D 372 -45.25 58.86 32.94
CA MET D 372 -43.98 58.17 32.85
C MET D 372 -43.69 57.77 31.42
N TYR D 373 -42.47 58.07 31.01
CA TYR D 373 -41.99 57.73 29.67
C TYR D 373 -40.82 56.77 29.78
N GLN D 374 -40.76 55.82 28.87
CA GLN D 374 -39.66 54.85 28.85
C GLN D 374 -39.07 54.69 27.46
N CYS D 375 -37.77 54.48 27.40
CA CYS D 375 -37.16 53.96 26.17
C CYS D 375 -36.61 52.57 26.45
N PHE D 376 -36.86 51.68 25.49
CA PHE D 376 -36.31 50.34 25.50
C PHE D 376 -35.27 50.19 24.38
N VAL D 377 -34.19 49.48 24.67
CA VAL D 377 -33.27 49.04 23.63
C VAL D 377 -33.27 47.53 23.67
N ARG D 378 -33.27 46.92 22.50
CA ARG D 378 -33.35 45.46 22.41
C ARG D 378 -32.44 44.91 21.33
N ASN D 379 -31.92 43.72 21.60
CA ASN D 379 -31.44 42.87 20.52
C ASN D 379 -32.09 41.50 20.68
N ASP D 380 -31.62 40.50 19.95
CA ASP D 380 -32.31 39.21 19.92
C ASP D 380 -32.15 38.42 21.22
N GLN D 381 -31.20 38.82 22.07
CA GLN D 381 -30.92 38.08 23.31
C GLN D 381 -31.17 38.91 24.57
N GLU D 382 -31.31 40.22 24.43
CA GLU D 382 -31.22 41.13 25.57
C GLU D 382 -32.16 42.34 25.43
N SER D 383 -32.48 42.97 26.56
CA SER D 383 -33.20 44.24 26.56
C SER D 383 -32.75 45.10 27.72
N ALA D 384 -32.99 46.40 27.61
CA ALA D 384 -32.79 47.33 28.72
C ALA D 384 -33.81 48.46 28.60
N GLU D 385 -34.17 49.03 29.75
CA GLU D 385 -35.12 50.13 29.78
C GLU D 385 -34.60 51.26 30.64
N ALA D 386 -35.04 52.48 30.33
CA ALA D 386 -34.87 53.62 31.21
C ALA D 386 -36.21 54.35 31.30
N SER D 387 -36.43 55.08 32.39
CA SER D 387 -37.71 55.75 32.59
C SER D 387 -37.48 57.20 32.95
N ALA D 388 -38.45 58.04 32.61
CA ALA D 388 -38.43 59.45 33.00
C ALA D 388 -39.85 59.94 33.24
N GLU D 389 -39.98 61.06 33.94
CA GLU D 389 -41.29 61.61 34.28
C GLU D 389 -41.49 62.98 33.66
N LEU D 390 -42.69 63.22 33.13
CA LEU D 390 -43.10 64.53 32.70
C LEU D 390 -44.18 65.07 33.64
N LYS D 391 -43.90 66.24 34.21
CA LYS D 391 -44.85 66.97 35.04
C LYS D 391 -45.29 68.24 34.31
N LEU D 392 -46.48 68.74 34.63
CA LEU D 392 -47.01 69.96 34.01
C LEU D 392 -46.68 71.21 34.82
N GLY D 393 -46.38 72.30 34.13
CA GLY D 393 -46.19 73.58 34.77
C GLY D 393 -47.51 74.31 34.97
C1 NAG E . 16.93 -52.94 -33.85
C2 NAG E . 16.39 -53.91 -34.87
C3 NAG E . 14.87 -53.82 -34.89
C4 NAG E . 14.31 -54.04 -33.49
C5 NAG E . 15.12 -53.41 -32.34
C6 NAG E . 14.94 -54.16 -31.05
C7 NAG E . 17.41 -54.59 -37.01
C8 NAG E . 17.94 -54.14 -38.33
N2 NAG E . 16.93 -53.62 -36.21
O3 NAG E . 14.35 -54.81 -35.76
O4 NAG E . 13.01 -53.46 -33.45
O5 NAG E . 16.54 -53.37 -32.59
O6 NAG E . 15.42 -53.42 -29.93
O7 NAG E . 17.41 -55.77 -36.68
H2 NAG E . 16.64 -54.81 -34.61
H3 NAG E . 14.60 -52.94 -35.21
H4 NAG E . 14.23 -55.00 -33.32
H5 NAG E . 14.81 -52.49 -32.21
H61 NAG E . 15.44 -55.00 -31.10
H62 NAG E . 13.99 -54.36 -30.92
H81 NAG E . 18.30 -54.90 -38.82
H82 NAG E . 18.64 -53.48 -38.19
H83 NAG E . 17.22 -53.74 -38.85
HN2 NAG E . 16.95 -52.76 -36.51
HO3 NAG E . 13.47 -54.75 -35.77
HO6 NAG E . 15.84 -53.96 -29.38
C1 NAG E . 12.00 -54.40 -33.07
C2 NAG E . 10.72 -53.63 -32.71
C3 NAG E . 9.56 -54.61 -32.42
C4 NAG E . 9.42 -55.61 -33.56
C5 NAG E . 10.77 -56.29 -33.78
C6 NAG E . 10.75 -57.32 -34.90
C7 NAG E . 11.19 -51.47 -31.66
C8 NAG E . 11.42 -50.75 -30.36
N2 NAG E . 10.96 -52.78 -31.55
O3 NAG E . 8.36 -53.85 -32.29
O4 NAG E . 8.43 -56.59 -33.24
O5 NAG E . 11.72 -55.30 -34.14
O6 NAG E . 11.67 -58.36 -34.60
O7 NAG E . 11.23 -50.90 -32.75
H2 NAG E . 10.46 -53.08 -33.47
H3 NAG E . 9.74 -55.08 -31.60
H4 NAG E . 9.15 -55.15 -34.37
H5 NAG E . 11.04 -56.73 -32.96
H61 NAG E . 11.01 -56.88 -35.74
H62 NAG E . 9.86 -57.69 -35.00
H81 NAG E . 11.63 -49.81 -30.54
H82 NAG E . 12.17 -51.16 -29.89
H83 NAG E . 10.62 -50.80 -29.81
HN2 NAG E . 10.93 -53.16 -30.72
HO3 NAG E . 7.95 -53.80 -33.08
HO4 NAG E . 7.84 -56.65 -33.90
HO6 NAG E . 11.89 -58.78 -35.36
C1 NAG F . -17.11 -22.22 2.38
C2 NAG F . -18.58 -22.45 2.66
C3 NAG F . -19.06 -23.62 1.82
C4 NAG F . -18.77 -23.40 0.34
C5 NAG F . -17.31 -22.99 0.12
C6 NAG F . -17.08 -22.52 -1.29
C7 NAG F . -19.76 -22.01 4.76
C8 NAG F . -19.92 -22.39 6.21
N2 NAG F . -18.85 -22.69 4.06
O3 NAG F . -20.47 -23.77 1.99
O4 NAG F . -18.96 -24.61 -0.39
O5 NAG F . -16.93 -21.91 1.00
O6 NAG F . -15.76 -22.81 -1.74
O7 NAG F . -20.42 -21.10 4.25
H2 NAG F . -19.08 -21.65 2.38
H3 NAG F . -18.63 -24.45 2.13
H4 NAG F . -19.35 -22.71 0.00
H5 NAG F . -16.74 -23.76 0.30
H61 NAG F . -17.23 -21.55 -1.33
H62 NAG F . -17.72 -22.97 -1.88
H81 NAG F . -20.58 -21.81 6.62
H82 NAG F . -19.05 -22.29 6.66
H83 NAG F . -20.21 -23.32 6.27
HN2 NAG F . -18.38 -23.34 4.49
HO3 NAG F . -20.73 -23.28 2.69
HO6 NAG F . -15.30 -23.16 -1.06
C1 NAG F . -20.34 -24.78 -0.69
C2 NAG F . -20.49 -25.56 -2.01
C3 NAG F . -21.96 -25.83 -2.31
C4 NAG F . -22.65 -26.47 -1.10
C5 NAG F . -22.40 -25.63 0.15
C6 NAG F . -22.97 -26.25 1.40
C7 NAG F . -18.62 -25.03 -3.54
C8 NAG F . -18.17 -24.18 -4.68
N2 NAG F . -19.87 -24.82 -3.11
O4 NAG F . -24.04 -26.56 -1.36
O5 NAG F . -20.98 -25.50 0.34
O6 NAG F . -22.98 -25.31 2.47
O7 NAG F . -17.89 -25.88 -3.04
H2 NAG F . -20.03 -26.42 -1.92
H4 NAG F . -22.29 -27.36 -0.97
H5 NAG F . -22.78 -24.74 0.01
H61 NAG F . -22.43 -27.01 1.66
H62 NAG F . -23.88 -26.54 1.23
H81 NAG F . -17.24 -24.37 -4.89
H82 NAG F . -18.25 -23.23 -4.43
H83 NAG F . -18.73 -24.35 -5.46
HN2 NAG F . -20.37 -24.17 -3.52
HO4 NAG F . -24.49 -26.30 -0.64
HO6 NAG F . -23.25 -25.72 3.22
C1 NAG G . 5.80 0.49 -0.11
C2 NAG G . 6.42 -0.90 -0.23
C3 NAG G . 5.78 -1.84 0.78
C4 NAG G . 5.85 -1.24 2.19
C5 NAG G . 5.40 0.22 2.21
C6 NAG G . 5.73 0.88 3.53
C7 NAG G . 7.31 -1.91 -2.30
C8 NAG G . 6.97 -2.43 -3.66
N2 NAG G . 6.27 -1.43 -1.59
O3 NAG G . 6.48 -3.08 0.76
O4 NAG G . 4.95 -1.89 3.08
O5 NAG G . 6.04 0.98 1.18
O6 NAG G . 4.98 2.08 3.68
O7 NAG G . 8.45 -1.91 -1.86
H2 NAG G . 7.37 -0.82 -0.02
H3 NAG G . 4.84 -1.99 0.54
H4 NAG G . 6.77 -1.31 2.53
H5 NAG G . 4.44 0.25 2.07
H61 NAG G . 6.68 1.11 3.55
H62 NAG G . 5.51 0.28 4.26
H81 NAG G . 7.79 -2.72 -4.11
H82 NAG G . 6.54 -1.72 -4.18
H83 NAG G . 6.36 -3.19 -3.58
HN2 NAG G . 5.45 -1.45 -1.96
HO3 NAG G . 5.92 -3.74 0.94
HO6 NAG G . 5.26 2.53 4.39
C1 NAG G . 5.27 -3.24 3.44
C2 NAG G . 5.00 -3.43 4.93
C3 NAG G . 5.29 -4.88 5.33
C4 NAG G . 4.48 -5.84 4.46
C5 NAG G . 4.71 -5.55 2.97
C6 NAG G . 3.78 -6.34 2.09
C7 NAG G . 5.29 -1.46 6.37
C8 NAG G . 6.26 -0.63 7.15
N2 NAG G . 5.79 -2.52 5.74
O3 NAG G . 4.95 -5.06 6.69
O4 NAG G . 4.83 -7.19 4.74
O5 NAG G . 4.47 -4.16 2.69
O6 NAG G . 3.93 -5.96 0.72
O7 NAG G . 4.09 -1.18 6.31
H2 NAG G . 4.06 -3.26 5.10
H3 NAG G . 6.24 -5.07 5.21
H4 NAG G . 3.53 -5.71 4.65
H5 NAG G . 5.64 -5.77 2.75
H61 NAG G . 2.87 -6.17 2.36
H62 NAG G . 3.98 -7.29 2.18
H81 NAG G . 5.79 0.13 7.55
H82 NAG G . 6.96 -0.31 6.57
H83 NAG G . 6.65 -1.18 7.87
HN2 NAG G . 6.69 -2.68 5.82
HO3 NAG G . 5.04 -5.92 6.92
HO4 NAG G . 4.11 -7.70 4.71
HO6 NAG G . 3.29 -5.39 0.50
C1 NAG H . -36.09 16.93 37.61
C2 NAG H . -36.44 16.13 38.82
C3 NAG H . -35.46 14.99 38.97
C4 NAG H . -35.44 14.13 37.71
C5 NAG H . -35.52 14.89 36.38
C6 NAG H . -36.18 14.05 35.32
C7 NAG H . -37.53 17.01 40.85
C8 NAG H . -37.39 17.91 42.03
N2 NAG H . -36.47 16.95 40.03
O3 NAG H . -35.82 14.19 40.08
O4 NAG H . -34.24 13.37 37.67
O5 NAG H . -36.28 16.12 36.46
O6 NAG H . -36.10 14.64 34.03
O7 NAG H . -38.56 16.38 40.62
H2 NAG H . -37.33 15.75 38.69
H3 NAG H . -34.57 15.35 39.11
H4 NAG H . -36.20 13.50 37.75
H5 NAG H . -34.61 15.11 36.09
H61 NAG H . -37.12 13.93 35.54
H62 NAG H . -35.74 13.18 35.30
H81 NAG H . -38.23 17.92 42.54
H82 NAG H . -37.18 18.82 41.74
H83 NAG H . -36.67 17.58 42.60
HN2 NAG H . -35.73 17.45 40.23
HO3 NAG H . -36.14 13.41 39.81
HO6 NAG H . -35.25 14.86 33.86
C1 NAG H . -34.54 11.98 37.50
C2 NAG H . -33.26 11.23 37.06
C3 NAG H . -33.52 9.72 37.00
C4 NAG H . -34.17 9.22 38.29
C5 NAG H . -35.42 10.05 38.56
C6 NAG H . -36.14 9.67 39.83
C7 NAG H . -31.86 12.66 35.63
C8 NAG H . -31.51 13.03 34.22
N2 NAG H . -32.80 11.71 35.78
O3 NAG H . -32.28 9.05 36.79
O4 NAG H . -34.53 7.85 38.17
O5 NAG H . -35.03 11.42 38.70
O6 NAG H . -37.30 10.48 40.00
O7 NAG H . -31.32 13.19 36.59
H2 NAG H . -32.57 11.39 37.73
H3 NAG H . -34.11 9.53 36.25
H4 NAG H . -33.55 9.33 39.03
H5 NAG H . -36.02 9.97 37.80
H61 NAG H . -35.55 9.80 40.59
H62 NAG H . -36.40 8.74 39.78
H81 NAG H . -30.86 13.75 34.22
H82 NAG H . -32.33 13.32 33.76
H83 NAG H . -31.14 12.25 33.76
HN2 NAG H . -33.16 11.35 35.02
HO3 NAG H . -32.42 8.18 36.71
HO4 NAG H . -33.91 7.34 38.55
HO6 NAG H . -38.02 10.02 39.72
C1 NAG I . 12.05 -7.30 -5.12
C2 NAG I . 12.25 -6.05 -4.27
C3 NAG I . 13.58 -6.13 -3.51
C4 NAG I . 13.78 -7.48 -2.82
C5 NAG I . 13.44 -8.65 -3.75
C6 NAG I . 13.42 -9.97 -3.02
C7 NAG I . 11.35 -3.87 -4.95
C8 NAG I . 11.49 -2.72 -5.90
N2 NAG I . 12.23 -4.86 -5.10
O3 NAG I . 13.60 -5.10 -2.53
O4 NAG I . 15.13 -7.61 -2.41
O5 NAG I . 12.14 -8.46 -4.32
O6 NAG I . 13.41 -11.07 -3.93
O7 NAG I . 10.47 -3.91 -4.10
H2 NAG I . 11.53 -6.00 -3.61
H3 NAG I . 14.32 -5.99 -4.14
H4 NAG I . 13.20 -7.53 -2.04
H5 NAG I . 14.11 -8.69 -4.47
H61 NAG I . 12.63 -10.01 -2.46
H62 NAG I . 14.22 -10.04 -2.46
H81 NAG I . 10.77 -2.08 -5.74
H82 NAG I . 11.43 -3.05 -6.82
H83 NAG I . 12.35 -2.28 -5.76
HN2 NAG I . 12.86 -4.77 -5.74
HO3 NAG I . 14.41 -4.75 -2.49
HO4 NAG I . 15.16 -7.97 -1.60
HO6 NAG I . 12.95 -11.74 -3.56
C1 NAG J . 32.40 -42.10 -9.92
C2 NAG J . 33.79 -42.36 -10.50
C3 NAG J . 34.70 -41.17 -10.24
C4 NAG J . 34.05 -39.89 -10.76
C5 NAG J . 32.63 -39.74 -10.22
C6 NAG J . 31.90 -38.57 -10.85
C7 NAG J . 35.06 -44.46 -10.71
C8 NAG J . 35.60 -45.66 -10.00
N2 NAG J . 34.38 -43.59 -9.96
O3 NAG J . 35.95 -41.38 -10.88
O4 NAG J . 34.83 -38.77 -10.35
O5 NAG J . 31.86 -40.92 -10.51
O6 NAG J . 30.78 -38.17 -10.08
O7 NAG J . 35.24 -44.29 -11.91
H2 NAG J . 33.70 -42.47 -11.47
H3 NAG J . 34.84 -41.09 -9.27
H4 NAG J . 34.03 -39.92 -11.73
H5 NAG J . 32.67 -39.60 -9.25
H61 NAG J . 31.60 -38.83 -11.75
H62 NAG J . 32.51 -37.81 -10.93
H81 NAG J . 36.04 -46.25 -10.64
H82 NAG J . 34.86 -46.14 -9.57
H83 NAG J . 36.23 -45.38 -9.31
HN2 NAG J . 34.27 -43.77 -9.07
HO3 NAG J . 36.13 -40.69 -11.41
HO4 NAG J . 34.61 -38.06 -10.84
HO6 NAG J . 30.13 -38.76 -10.18
CL CL K . -10.91 -4.25 8.64
CL CL L . 16.85 14.59 -9.01
C1 NAG M . 2.47 33.55 3.50
C2 NAG M . 3.33 34.23 2.45
C3 NAG M . 2.50 35.24 1.66
C4 NAG M . 1.21 34.63 1.15
C5 NAG M . 0.47 33.81 2.22
C6 NAG M . -0.63 32.97 1.63
C7 NAG M . 5.72 34.83 2.60
C8 NAG M . 6.76 35.59 3.37
N2 NAG M . 4.47 34.89 3.07
O3 NAG M . 3.27 35.69 0.55
O4 NAG M . 0.34 35.68 0.73
O5 NAG M . 1.37 32.91 2.88
O6 NAG M . -1.38 32.30 2.64
O7 NAG M . 6.00 34.19 1.59
H2 NAG M . 3.66 33.55 1.84
H3 NAG M . 2.30 36.00 2.24
H4 NAG M . 1.40 34.05 0.39
H5 NAG M . 0.08 34.42 2.88
H61 NAG M . -0.24 32.30 1.03
H62 NAG M . -1.24 33.54 1.11
H81 NAG M . 7.63 35.44 2.97
H82 NAG M . 6.77 35.27 4.29
H83 NAG M . 6.54 36.54 3.36
HN2 NAG M . 4.32 35.39 3.82
HO3 NAG M . 2.97 36.47 0.28
HO4 NAG M . -0.14 35.40 0.03
HO6 NAG M . -1.87 31.66 2.27
#